data_4NMG
# 
_entry.id   4NMG 
# 
_audit_conform.dict_name       mmcif_pdbx.dic 
_audit_conform.dict_version    5.379 
_audit_conform.dict_location   http://mmcif.pdb.org/dictionaries/ascii/mmcif_pdbx.dic 
# 
loop_
_database_2.database_id 
_database_2.database_code 
_database_2.pdbx_database_accession 
_database_2.pdbx_DOI 
PDB   4NMG         pdb_00004nmg 10.2210/pdb4nmg/pdb 
NDB   NA2782       ?            ?                   
RCSB  RCSB083386   ?            ?                   
WWPDB D_1000083386 ?            ?                   
# 
loop_
_pdbx_database_related.db_name 
_pdbx_database_related.db_id 
_pdbx_database_related.details 
_pdbx_database_related.content_type 
PDB 4NLF 
;2'Trifluoromethylthio-2'-deoxycytidine-modified SRL
;
unspecified 
PDB 3DVZ 'unmodified SRL'                                      unspecified 
PDB 4NXH .                                                     unspecified 
# 
_pdbx_database_status.status_code                     REL 
_pdbx_database_status.entry_id                        4NMG 
_pdbx_database_status.recvd_initial_deposition_date   2013-11-15 
_pdbx_database_status.deposit_site                    RCSB 
_pdbx_database_status.process_site                    RCSB 
_pdbx_database_status.status_code_sf                  REL 
_pdbx_database_status.status_code_mr                  ? 
_pdbx_database_status.SG_entry                        ? 
_pdbx_database_status.status_code_cs                  ? 
_pdbx_database_status.methods_development_category    ? 
_pdbx_database_status.pdb_format_compatible           Y 
_pdbx_database_status.status_code_nmr_data            ? 
# 
loop_
_audit_author.name 
_audit_author.pdbx_ordinal 
'Ennifar, E.' 1 
'Micura, R.'  2 
'Kosutic, M.' 3 
# 
_citation.id                        primary 
_citation.title                     
;Surprising base pairing and structural properties of 2'-trifluoromethylthio-modified ribonucleic acids.
;
_citation.journal_abbrev            J.Am.Chem.Soc. 
_citation.journal_volume            136 
_citation.page_first                6656 
_citation.page_last                 6663 
_citation.year                      2014 
_citation.journal_id_ASTM           JACSAT 
_citation.country                   US 
_citation.journal_id_ISSN           1520-5126 
_citation.journal_id_CSD            ? 
_citation.book_publisher            ? 
_citation.pdbx_database_id_PubMed   24766131 
_citation.pdbx_database_id_DOI      10.1021/ja5005637 
# 
loop_
_citation_author.citation_id 
_citation_author.name 
_citation_author.ordinal 
_citation_author.identifier_ORCID 
primary 'Kosutic, M.'  1 ? 
primary 'Jud, L.'      2 ? 
primary 'Da Veiga, C.' 3 ? 
primary 'Frener, M.'   4 ? 
primary 'Fauster, K.'  5 ? 
primary 'Kreutz, C.'   6 ? 
primary 'Ennifar, E.'  7 ? 
primary 'Micura, R.'   8 ? 
# 
_cell.entry_id           4NMG 
_cell.length_a           29.572 
_cell.length_b           29.572 
_cell.length_c           76.520 
_cell.angle_alpha        90.00 
_cell.angle_beta         90.00 
_cell.angle_gamma        90.00 
_cell.Z_PDB              4 
_cell.pdbx_unique_axis   ? 
_cell.length_a_esd       ? 
_cell.length_b_esd       ? 
_cell.length_c_esd       ? 
_cell.angle_alpha_esd    ? 
_cell.angle_beta_esd     ? 
_cell.angle_gamma_esd    ? 
# 
_symmetry.entry_id                         4NMG 
_symmetry.space_group_name_H-M             'P 43' 
_symmetry.pdbx_full_space_group_name_H-M   ? 
_symmetry.cell_setting                     ? 
_symmetry.Int_Tables_number                78 
_symmetry.space_group_name_Hall            ? 
# 
loop_
_entity.id 
_entity.type 
_entity.src_method 
_entity.pdbx_description 
_entity.formula_weight 
_entity.pdbx_number_of_molecules 
_entity.pdbx_ec 
_entity.pdbx_mutation 
_entity.pdbx_fragment 
_entity.details 
1 polymer syn '23S ribosomal RNA Sarcin Ricin Loop' 8830.335 1   ? ? ? ? 
2 water   nat water                                 18.015   151 ? ? ? ? 
# 
_entity_poly.entity_id                      1 
_entity_poly.type                           polyribonucleotide 
_entity_poly.nstd_linkage                   no 
_entity_poly.nstd_monomer                   yes 
_entity_poly.pdbx_seq_one_letter_code       'UGCUCCUAG(6FU)ACGAGAGGACCGGAGUG' 
_entity_poly.pdbx_seq_one_letter_code_can   UGCUCCUAGXACGAGAGGACCGGAGUG 
_entity_poly.pdbx_strand_id                 A 
_entity_poly.pdbx_target_identifier         ? 
# 
loop_
_entity_poly_seq.entity_id 
_entity_poly_seq.num 
_entity_poly_seq.mon_id 
_entity_poly_seq.hetero 
1 1  U   n 
1 2  G   n 
1 3  C   n 
1 4  U   n 
1 5  C   n 
1 6  C   n 
1 7  U   n 
1 8  A   n 
1 9  G   n 
1 10 6FU n 
1 11 A   n 
1 12 C   n 
1 13 G   n 
1 14 A   n 
1 15 G   n 
1 16 A   n 
1 17 G   n 
1 18 G   n 
1 19 A   n 
1 20 C   n 
1 21 C   n 
1 22 G   n 
1 23 G   n 
1 24 A   n 
1 25 G   n 
1 26 U   n 
1 27 G   n 
# 
_struct_ref.id                         1 
_struct_ref.db_name                    PDB 
_struct_ref.db_code                    4NMG 
_struct_ref.pdbx_db_accession          4NMG 
_struct_ref.entity_id                  1 
_struct_ref.pdbx_align_begin           1 
_struct_ref.pdbx_seq_one_letter_code   'UGCUCCUAG(6FU)ACGAGAGGACCGGAGUG' 
_struct_ref.pdbx_db_isoform            ? 
# 
_struct_ref_seq.align_id                      1 
_struct_ref_seq.ref_id                        1 
_struct_ref_seq.pdbx_PDB_id_code              4NMG 
_struct_ref_seq.pdbx_strand_id                A 
_struct_ref_seq.seq_align_beg                 1 
_struct_ref_seq.pdbx_seq_align_beg_ins_code   ? 
_struct_ref_seq.seq_align_end                 27 
_struct_ref_seq.pdbx_seq_align_end_ins_code   ? 
_struct_ref_seq.pdbx_db_accession             4NMG 
_struct_ref_seq.db_align_beg                  2647 
_struct_ref_seq.pdbx_db_align_beg_ins_code    ? 
_struct_ref_seq.db_align_end                  2673 
_struct_ref_seq.pdbx_db_align_end_ins_code    ? 
_struct_ref_seq.pdbx_auth_seq_align_beg       2647 
_struct_ref_seq.pdbx_auth_seq_align_end       2673 
# 
loop_
_chem_comp.id 
_chem_comp.type 
_chem_comp.mon_nstd_flag 
_chem_comp.name 
_chem_comp.pdbx_synonyms 
_chem_comp.formula 
_chem_comp.formula_weight 
6FU 'RNA linking' . "2'-trifluoromethylthio-2'-deoxyuridine" ? 'C10 H14 F3 N2 O8 P S' 410.261 
A   'RNA linking' y "ADENOSINE-5'-MONOPHOSPHATE"             ? 'C10 H14 N5 O7 P'      347.221 
C   'RNA linking' y "CYTIDINE-5'-MONOPHOSPHATE"              ? 'C9 H14 N3 O8 P'       323.197 
G   'RNA linking' y "GUANOSINE-5'-MONOPHOSPHATE"             ? 'C10 H14 N5 O8 P'      363.221 
HOH non-polymer   . WATER                                    ? 'H2 O'                 18.015  
U   'RNA linking' y "URIDINE-5'-MONOPHOSPHATE"               ? 'C9 H13 N2 O9 P'       324.181 
# 
_exptl.entry_id          4NMG 
_exptl.method            'X-RAY DIFFRACTION' 
_exptl.crystals_number   1 
# 
_exptl_crystal.id                    1 
_exptl_crystal.density_meas          ? 
_exptl_crystal.density_Matthews      1.89 
_exptl_crystal.density_percent_sol   35.08 
_exptl_crystal.description           ? 
_exptl_crystal.F_000                 ? 
_exptl_crystal.preparation           ? 
# 
_exptl_crystal_grow.crystal_id      1 
_exptl_crystal_grow.method          'VAPOR DIFFUSION, SITTING DROP' 
_exptl_crystal_grow.temp            293 
_exptl_crystal_grow.temp_details    ? 
_exptl_crystal_grow.pH              7.0 
_exptl_crystal_grow.pdbx_details    
;1:1 RNA (in 1.0 mM sodium EDTA, pH 8.0, 10 mM Tris, pH 8.0) to well solution (3.1 M ammonium sulfate, 50 mM potassium MOPS, 10 mM magnesium chloride, 10 mM manganese chloride), VAPOR DIFFUSION, SITTING DROP, temperature 293K
;
_exptl_crystal_grow.pdbx_pH_range   ? 
# 
_diffrn.id                     1 
_diffrn.ambient_temp           100 
_diffrn.ambient_temp_details   ? 
_diffrn.crystal_id             1 
# 
_diffrn_detector.diffrn_id              1 
_diffrn_detector.detector               PIXEL 
_diffrn_detector.type                   'DECTRIS PILATUS 2M-F' 
_diffrn_detector.pdbx_collection_date   2013-03-28 
_diffrn_detector.details                ? 
# 
_diffrn_radiation.diffrn_id                        1 
_diffrn_radiation.wavelength_id                    1 
_diffrn_radiation.pdbx_monochromatic_or_laue_m_l   M 
_diffrn_radiation.monochromator                    'Si(111)' 
_diffrn_radiation.pdbx_diffrn_protocol             'SINGLE WAVELENGTH' 
_diffrn_radiation.pdbx_scattering_type             x-ray 
# 
_diffrn_radiation_wavelength.id           1 
_diffrn_radiation_wavelength.wavelength   0.8 
_diffrn_radiation_wavelength.wt           1.0 
# 
_diffrn_source.diffrn_id                   1 
_diffrn_source.source                      SYNCHROTRON 
_diffrn_source.type                        'SLS BEAMLINE X06DA' 
_diffrn_source.pdbx_synchrotron_site       SLS 
_diffrn_source.pdbx_synchrotron_beamline   X06DA 
_diffrn_source.pdbx_wavelength             ? 
_diffrn_source.pdbx_wavelength_list        0.8 
# 
_reflns.entry_id                     4NMG 
_reflns.observed_criterion_sigma_I   -3 
_reflns.observed_criterion_sigma_F   -3 
_reflns.d_resolution_low             30.0 
_reflns.d_resolution_high            1.01 
_reflns.number_obs                   67951 
_reflns.number_all                   68249 
_reflns.percent_possible_obs         99.6 
_reflns.pdbx_Rmerge_I_obs            0.047 
_reflns.pdbx_Rsym_value              ? 
_reflns.pdbx_netI_over_sigmaI        18.73 
_reflns.B_iso_Wilson_estimate        ? 
_reflns.pdbx_redundancy              6.5 
_reflns.R_free_details               ? 
_reflns.limit_h_max                  ? 
_reflns.limit_h_min                  ? 
_reflns.limit_k_max                  ? 
_reflns.limit_k_min                  ? 
_reflns.limit_l_max                  ? 
_reflns.limit_l_min                  ? 
_reflns.observed_criterion_F_max     ? 
_reflns.observed_criterion_F_min     ? 
_reflns.pdbx_chi_squared             ? 
_reflns.pdbx_scaling_rejects         ? 
_reflns.pdbx_ordinal                 1 
_reflns.pdbx_diffrn_id               1 
# 
_refine.entry_id                                 4NMG 
_refine.ls_number_reflns_obs                     67835 
_refine.ls_number_reflns_all                     68135 
_refine.pdbx_ls_sigma_I                          ? 
_refine.pdbx_ls_sigma_F                          1.48 
_refine.pdbx_data_cutoff_high_absF               ? 
_refine.pdbx_data_cutoff_low_absF                ? 
_refine.pdbx_data_cutoff_high_rms_absF           ? 
_refine.ls_d_res_low                             29.572 
_refine.ls_d_res_high                            1.010 
_refine.ls_percent_reflns_obs                    99.56 
_refine.ls_R_factor_obs                          0.1210 
_refine.ls_R_factor_all                          ? 
_refine.ls_R_factor_R_work                       0.1200 
_refine.ls_R_factor_R_free                       0.1410 
_refine.ls_R_factor_R_free_error                 ? 
_refine.ls_R_factor_R_free_error_details         ? 
_refine.ls_percent_reflns_R_free                 5.02 
_refine.ls_number_reflns_R_free                  1713 
_refine.ls_number_parameters                     ? 
_refine.ls_number_restraints                     ? 
_refine.occupancy_min                            ? 
_refine.occupancy_max                            ? 
_refine.correlation_coeff_Fo_to_Fc               ? 
_refine.correlation_coeff_Fo_to_Fc_free          ? 
_refine.B_iso_mean                               ? 
_refine.aniso_B[1][1]                            ? 
_refine.aniso_B[2][2]                            ? 
_refine.aniso_B[3][3]                            ? 
_refine.aniso_B[1][2]                            ? 
_refine.aniso_B[1][3]                            ? 
_refine.aniso_B[2][3]                            ? 
_refine.solvent_model_details                    'FLAT BULK SOLVENT MODEL' 
_refine.solvent_model_param_ksol                 ? 
_refine.solvent_model_param_bsol                 ? 
_refine.pdbx_solvent_vdw_probe_radii             1.00 
_refine.pdbx_solvent_ion_probe_radii             ? 
_refine.pdbx_solvent_shrinkage_radii             0.60 
_refine.pdbx_ls_cross_valid_method               ? 
_refine.details                                  ? 
_refine.pdbx_starting_model                      'PDB ENTRY 3DVZ' 
_refine.pdbx_method_to_determine_struct          'FOURIER SYNTHESIS' 
_refine.pdbx_isotropic_thermal_model             ? 
_refine.pdbx_stereochemistry_target_values       ML 
_refine.pdbx_stereochem_target_val_spec_case     ? 
_refine.pdbx_R_Free_selection_details            RANDOM 
_refine.pdbx_overall_ESU_R                       ? 
_refine.pdbx_overall_ESU_R_Free                  ? 
_refine.overall_SU_ML                            0.09 
_refine.pdbx_overall_phase_error                 14.11 
_refine.overall_SU_B                             ? 
_refine.overall_SU_R_Cruickshank_DPI             ? 
_refine.ls_redundancy_reflns_obs                 ? 
_refine.B_iso_min                                ? 
_refine.B_iso_max                                ? 
_refine.overall_SU_R_free                        ? 
_refine.ls_wR_factor_R_free                      ? 
_refine.ls_wR_factor_R_work                      ? 
_refine.overall_FOM_free_R_set                   ? 
_refine.overall_FOM_work_R_set                   ? 
_refine.pdbx_diffrn_id                           1 
_refine.pdbx_refine_id                           'X-RAY DIFFRACTION' 
_refine.pdbx_TLS_residual_ADP_flag               ? 
_refine.pdbx_overall_SU_R_free_Cruickshank_DPI   ? 
_refine.pdbx_overall_SU_R_Blow_DPI               ? 
_refine.pdbx_overall_SU_R_free_Blow_DPI          ? 
# 
_refine_hist.pdbx_refine_id                   'X-RAY DIFFRACTION' 
_refine_hist.cycle_id                         LAST 
_refine_hist.pdbx_number_atoms_protein        0 
_refine_hist.pdbx_number_atoms_nucleic_acid   583 
_refine_hist.pdbx_number_atoms_ligand         0 
_refine_hist.number_atoms_solvent             151 
_refine_hist.number_atoms_total               734 
_refine_hist.d_res_high                       1.010 
_refine_hist.d_res_low                        29.572 
# 
loop_
_refine_ls_restr.type 
_refine_ls_restr.dev_ideal 
_refine_ls_restr.dev_ideal_target 
_refine_ls_restr.weight 
_refine_ls_restr.number 
_refine_ls_restr.pdbx_restraint_function 
_refine_ls_restr.pdbx_refine_id 
f_bond_d           0.014  ? ? 716  ? 'X-RAY DIFFRACTION' 
f_angle_d          1.895  ? ? 1124 ? 'X-RAY DIFFRACTION' 
f_dihedral_angle_d 13.171 ? ? 354  ? 'X-RAY DIFFRACTION' 
f_chiral_restr     0.086  ? ? 150  ? 'X-RAY DIFFRACTION' 
f_plane_restr      0.032  ? ? 29   ? 'X-RAY DIFFRACTION' 
# 
loop_
_refine_ls_shell.pdbx_total_number_of_bins_used 
_refine_ls_shell.d_res_high 
_refine_ls_shell.d_res_low 
_refine_ls_shell.number_reflns_R_work 
_refine_ls_shell.R_factor_R_work 
_refine_ls_shell.percent_reflns_obs 
_refine_ls_shell.R_factor_R_free 
_refine_ls_shell.R_factor_R_free_error 
_refine_ls_shell.percent_reflns_R_free 
_refine_ls_shell.number_reflns_R_free 
_refine_ls_shell.number_reflns_all 
_refine_ls_shell.R_factor_all 
_refine_ls_shell.number_reflns_obs 
_refine_ls_shell.redundancy_reflns_obs 
_refine_ls_shell.pdbx_refine_id 
. 1.010  1.0240  2457 0.2702 90.00  0.2933 . . 127 . . . . 'X-RAY DIFFRACTION' 
. 1.0240 1.0393  2676 0.2370 100.00 0.2305 . . 142 . . . . 'X-RAY DIFFRACTION' 
. 1.0393 1.0555  2694 0.2202 100.00 0.2751 . . 141 . . . . 'X-RAY DIFFRACTION' 
. 1.0555 1.0729  2686 0.2045 100.00 0.2309 . . 144 . . . . 'X-RAY DIFFRACTION' 
. 1.0729 1.0914  2748 0.1974 100.00 0.2060 . . 142 . . . . 'X-RAY DIFFRACTION' 
. 1.0914 1.1112  2679 0.1720 100.00 0.2123 . . 144 . . . . 'X-RAY DIFFRACTION' 
. 1.1112 1.1326  2708 0.1500 100.00 0.1702 . . 139 . . . . 'X-RAY DIFFRACTION' 
. 1.1326 1.1557  2665 0.1418 100.00 0.1610 . . 142 . . . . 'X-RAY DIFFRACTION' 
. 1.1557 1.1808  2745 0.1320 100.00 0.1529 . . 146 . . . . 'X-RAY DIFFRACTION' 
. 1.1808 1.2083  2621 0.1295 100.00 0.1549 . . 140 . . . . 'X-RAY DIFFRACTION' 
. 1.2083 1.2385  2725 0.1161 100.00 0.1218 . . 144 . . . . 'X-RAY DIFFRACTION' 
. 1.2385 1.2720  2724 0.1155 100.00 0.1325 . . 144 . . . . 'X-RAY DIFFRACTION' 
. 1.2720 1.3094  2652 0.1108 100.00 0.1469 . . 142 . . . . 'X-RAY DIFFRACTION' 
. 1.3094 1.3517  2721 0.1130 100.00 0.1475 . . 144 . . . . 'X-RAY DIFFRACTION' 
. 1.3517 1.4000  2690 0.1034 100.00 0.1242 . . 143 . . . . 'X-RAY DIFFRACTION' 
. 1.4000 1.4560  2661 0.1029 100.00 0.1698 . . 139 . . . . 'X-RAY DIFFRACTION' 
. 1.4560 1.5223  2687 0.1042 100.00 0.1300 . . 141 . . . . 'X-RAY DIFFRACTION' 
. 1.5223 1.6026  2723 0.0916 100.00 0.1351 . . 142 . . . . 'X-RAY DIFFRACTION' 
. 1.6026 1.7030  2687 0.0829 100.00 0.1081 . . 143 . . . . 'X-RAY DIFFRACTION' 
. 1.7030 1.8344  2712 0.0903 100.00 0.1239 . . 146 . . . . 'X-RAY DIFFRACTION' 
. 1.8344 2.0190  2683 0.1040 100.00 0.1338 . . 142 . . . . 'X-RAY DIFFRACTION' 
. 2.0190 2.3111  2699 0.1196 100.00 0.1246 . . 142 . . . . 'X-RAY DIFFRACTION' 
. 2.3111 2.9113  2702 0.1389 100.00 0.1552 . . 142 . . . . 'X-RAY DIFFRACTION' 
. 2.9113 29.5847 2687 0.1095 100.00 0.1197 . . 142 . . . . 'X-RAY DIFFRACTION' 
# 
_struct.entry_id                  4NMG 
_struct.title                     
;2'-Trifluoromethylthio-2'-deoxyuridine-modified SRL
;
_struct.pdbx_model_details        ? 
_struct.pdbx_CASP_flag            ? 
_struct.pdbx_model_type_details   ? 
# 
_struct_keywords.entry_id        4NMG 
_struct_keywords.pdbx_keywords   RNA 
_struct_keywords.text            'RNA hairpin, structural, RNA' 
# 
loop_
_struct_asym.id 
_struct_asym.pdbx_blank_PDB_chainid_flag 
_struct_asym.pdbx_modified 
_struct_asym.entity_id 
_struct_asym.details 
A N N 1 ? 
B N N 2 ? 
# 
_struct_biol.id        1 
_struct_biol.details   ? 
# 
loop_
_struct_conn.id 
_struct_conn.conn_type_id 
_struct_conn.pdbx_leaving_atom_flag 
_struct_conn.pdbx_PDB_id 
_struct_conn.ptnr1_label_asym_id 
_struct_conn.ptnr1_label_comp_id 
_struct_conn.ptnr1_label_seq_id 
_struct_conn.ptnr1_label_atom_id 
_struct_conn.pdbx_ptnr1_label_alt_id 
_struct_conn.pdbx_ptnr1_PDB_ins_code 
_struct_conn.pdbx_ptnr1_standard_comp_id 
_struct_conn.ptnr1_symmetry 
_struct_conn.ptnr2_label_asym_id 
_struct_conn.ptnr2_label_comp_id 
_struct_conn.ptnr2_label_seq_id 
_struct_conn.ptnr2_label_atom_id 
_struct_conn.pdbx_ptnr2_label_alt_id 
_struct_conn.pdbx_ptnr2_PDB_ins_code 
_struct_conn.ptnr1_auth_asym_id 
_struct_conn.ptnr1_auth_comp_id 
_struct_conn.ptnr1_auth_seq_id 
_struct_conn.ptnr2_auth_asym_id 
_struct_conn.ptnr2_auth_comp_id 
_struct_conn.ptnr2_auth_seq_id 
_struct_conn.ptnr2_symmetry 
_struct_conn.pdbx_ptnr3_label_atom_id 
_struct_conn.pdbx_ptnr3_label_seq_id 
_struct_conn.pdbx_ptnr3_label_comp_id 
_struct_conn.pdbx_ptnr3_label_asym_id 
_struct_conn.pdbx_ptnr3_label_alt_id 
_struct_conn.pdbx_ptnr3_PDB_ins_code 
_struct_conn.details 
_struct_conn.pdbx_dist_value 
_struct_conn.pdbx_value_order 
_struct_conn.pdbx_role 
covale1  covale both ? A G   9  "O3'" ? ? ? 1_555 A 6FU 10 P  ? ? A G   2655 A 6FU 2656 1_555 ? ? ? ? ? ? ?             1.594 ? ? 
covale2  covale one  ? A 6FU 10 "O3'" ? ? ? 1_555 A A   11 P  ? ? A 6FU 2656 A A   2657 1_555 ? ? ? ? ? ? ?             1.599 ? ? 
hydrog1  hydrog ?    ? A G   2  N1    A ? ? 1_555 A U   26 O2 ? ? A G   2648 A U   2672 1_555 ? ? ? ? ? ? TYPE_28_PAIR  ?     ? ? 
hydrog2  hydrog ?    ? A G   2  O6    A ? ? 1_555 A U   26 N3 ? ? A G   2648 A U   2672 1_555 ? ? ? ? ? ? TYPE_28_PAIR  ?     ? ? 
hydrog3  hydrog ?    ? A C   3  O2    A ? ? 1_555 A G   25 N2 ? ? A C   2649 A G   2671 1_555 ? ? ? ? ? ? 'C-G PAIR'    ?     ? ? 
hydrog4  hydrog ?    ? A U   4  N3    ? ? ? 1_555 A A   24 N1 ? ? A U   2650 A A   2670 1_555 ? ? ? ? ? ? WATSON-CRICK  ?     ? ? 
hydrog5  hydrog ?    ? A U   4  O4    ? ? ? 1_555 A A   24 N6 ? ? A U   2650 A A   2670 1_555 ? ? ? ? ? ? WATSON-CRICK  ?     ? ? 
hydrog6  hydrog ?    ? A C   5  N3    ? ? ? 1_555 A G   23 N1 ? ? A C   2651 A G   2669 1_555 ? ? ? ? ? ? WATSON-CRICK  ?     ? ? 
hydrog7  hydrog ?    ? A C   5  N4    ? ? ? 1_555 A G   23 O6 ? ? A C   2651 A G   2669 1_555 ? ? ? ? ? ? WATSON-CRICK  ?     ? ? 
hydrog8  hydrog ?    ? A C   5  O2    ? ? ? 1_555 A G   23 N2 ? ? A C   2651 A G   2669 1_555 ? ? ? ? ? ? WATSON-CRICK  ?     ? ? 
hydrog9  hydrog ?    ? A C   6  N3    ? ? ? 1_555 A G   22 N1 ? ? A C   2652 A G   2668 1_555 ? ? ? ? ? ? WATSON-CRICK  ?     ? ? 
hydrog10 hydrog ?    ? A C   6  N4    ? ? ? 1_555 A G   22 O6 ? ? A C   2652 A G   2668 1_555 ? ? ? ? ? ? WATSON-CRICK  ?     ? ? 
hydrog11 hydrog ?    ? A C   6  O2    ? ? ? 1_555 A G   22 N2 ? ? A C   2652 A G   2668 1_555 ? ? ? ? ? ? WATSON-CRICK  ?     ? ? 
hydrog12 hydrog ?    ? A A   11 N6    ? ? ? 1_555 A G   18 N3 ? ? A A   2657 A G   2664 1_555 ? ? ? ? ? ? TYPE_11_PAIR  ?     ? ? 
hydrog13 hydrog ?    ? A A   11 N7    ? ? ? 1_555 A G   18 N2 ? ? A A   2657 A G   2664 1_555 ? ? ? ? ? ? TYPE_11_PAIR  ?     ? ? 
hydrog14 hydrog ?    ? A C   12 N3    ? ? ? 1_555 A G   17 N1 ? ? A C   2658 A G   2663 1_555 ? ? ? ? ? ? WATSON-CRICK  ?     ? ? 
hydrog15 hydrog ?    ? A C   12 N4    ? ? ? 1_555 A G   17 O6 ? ? A C   2658 A G   2663 1_555 ? ? ? ? ? ? WATSON-CRICK  ?     ? ? 
hydrog16 hydrog ?    ? A C   12 O2    ? ? ? 1_555 A G   17 N2 ? ? A C   2658 A G   2663 1_555 ? ? ? ? ? ? WATSON-CRICK  ?     ? ? 
hydrog17 hydrog ?    ? A G   13 N2    ? ? ? 1_555 A A   16 N7 ? ? A G   2659 A A   2662 1_555 ? ? ? ? ? ? 'G-A MISPAIR' ?     ? ? 
# 
loop_
_struct_conn_type.id 
_struct_conn_type.criteria 
_struct_conn_type.reference 
covale ? ? 
hydrog ? ? 
# 
_atom_sites.entry_id                    4NMG 
_atom_sites.fract_transf_matrix[1][1]   0.01530547 
_atom_sites.fract_transf_matrix[1][2]   0.01894221 
_atom_sites.fract_transf_matrix[1][3]   0.02346182 
_atom_sites.fract_transf_matrix[2][1]   -0.01454099 
_atom_sites.fract_transf_matrix[2][2]   0.02768618 
_atom_sites.fract_transf_matrix[2][3]   -0.01286689 
_atom_sites.fract_transf_matrix[3][1]   -0.01020845 
_atom_sites.fract_transf_matrix[3][2]   -0.00164817 
_atom_sites.fract_transf_matrix[3][3]   0.00799023 
_atom_sites.fract_transf_vector[1]      -0.359560 
_atom_sites.fract_transf_vector[2]      1.663496 
_atom_sites.fract_transf_vector[3]      -0.173775 
# 
loop_
_atom_type.symbol 
C 
F 
N 
O 
P 
S 
# 
loop_
_atom_site.group_PDB 
_atom_site.id 
_atom_site.type_symbol 
_atom_site.label_atom_id 
_atom_site.label_alt_id 
_atom_site.label_comp_id 
_atom_site.label_asym_id 
_atom_site.label_entity_id 
_atom_site.label_seq_id 
_atom_site.pdbx_PDB_ins_code 
_atom_site.Cartn_x 
_atom_site.Cartn_y 
_atom_site.Cartn_z 
_atom_site.occupancy 
_atom_site.B_iso_or_equiv 
_atom_site.pdbx_formal_charge 
_atom_site.auth_seq_id 
_atom_site.auth_comp_id 
_atom_site.auth_asym_id 
_atom_site.auth_atom_id 
_atom_site.pdbx_PDB_model_num 
ATOM   1   O "O5'" . U   A 1 1  ? -14.957 -8.394  -9.371  1.00 30.68 ? 2647 U   A "O5'" 1 
ATOM   2   C "C5'" . U   A 1 1  ? -13.855 -8.185  -10.247 1.00 28.21 ? 2647 U   A "C5'" 1 
ATOM   3   C "C4'" . U   A 1 1  ? -13.323 -6.778  -10.123 1.00 25.34 ? 2647 U   A "C4'" 1 
ATOM   4   O "O4'" . U   A 1 1  ? -14.172 -5.840  -10.861 1.00 24.52 ? 2647 U   A "O4'" 1 
ATOM   5   C "C3'" . U   A 1 1  ? -13.248 -6.242  -8.695  1.00 23.83 ? 2647 U   A "C3'" 1 
ATOM   6   O "O3'" A U   A 1 1  ? -12.129 -5.336  -8.634  0.45 25.09 ? 2647 U   A "O3'" 1 
ATOM   7   O "O3'" B U   A 1 1  ? -12.186 -5.318  -8.585  0.55 22.92 ? 2647 U   A "O3'" 1 
ATOM   8   C "C2'" . U   A 1 1  ? -14.556 -5.462  -8.569  1.00 21.57 ? 2647 U   A "C2'" 1 
ATOM   9   O "O2'" . U   A 1 1  ? -14.576 -4.469  -7.554  1.00 19.94 ? 2647 U   A "O2'" 1 
ATOM   10  C "C1'" . U   A 1 1  ? -14.670 -4.852  -9.966  1.00 23.21 ? 2647 U   A "C1'" 1 
ATOM   11  N N1    . U   A 1 1  ? -16.052 -4.584  -10.302 1.00 23.19 ? 2647 U   A N1    1 
ATOM   12  C C2    . U   A 1 1  ? -16.470 -3.286  -10.123 1.00 22.59 ? 2647 U   A C2    1 
ATOM   13  O O2    . U   A 1 1  ? -15.711 -2.391  -9.778  1.00 22.95 ? 2647 U   A O2    1 
ATOM   14  N N3    . U   A 1 1  ? -17.782 -3.104  -10.382 1.00 23.03 ? 2647 U   A N3    1 
ATOM   15  C C4    . U   A 1 1  ? -18.690 -4.066  -10.803 1.00 23.16 ? 2647 U   A C4    1 
ATOM   16  O O4    . U   A 1 1  ? -19.861 -3.753  -11.003 1.00 26.41 ? 2647 U   A O4    1 
ATOM   17  C C5    . U   A 1 1  ? -18.172 -5.385  -10.954 1.00 23.10 ? 2647 U   A C5    1 
ATOM   18  C C6    . U   A 1 1  ? -16.891 -5.609  -10.667 1.00 23.00 ? 2647 U   A C6    1 
ATOM   19  P P     A G   A 1 2  ? -10.637 -5.824  -8.215  0.36 25.40 ? 2648 G   A P     1 
ATOM   20  P P     B G   A 1 2  ? -11.230 -5.329  -7.301  0.64 20.78 ? 2648 G   A P     1 
ATOM   21  O OP1   A G   A 1 2  ? -10.789 -7.037  -7.366  0.36 26.02 ? 2648 G   A OP1   1 
ATOM   22  O OP1   B G   A 1 2  ? -11.658 -6.389  -6.351  0.64 20.27 ? 2648 G   A OP1   1 
ATOM   23  O OP2   A G   A 1 2  ? -9.852  -4.668  -7.711  0.36 25.38 ? 2648 G   A OP2   1 
ATOM   24  O OP2   B G   A 1 2  ? -11.093 -3.932  -6.849  0.64 20.73 ? 2648 G   A OP2   1 
ATOM   25  O "O5'" A G   A 1 2  ? -9.933  -6.276  -9.568  0.36 21.52 ? 2648 G   A "O5'" 1 
ATOM   26  O "O5'" B G   A 1 2  ? -9.823  -5.653  -7.957  0.64 16.43 ? 2648 G   A "O5'" 1 
ATOM   27  C "C5'" A G   A 1 2  ? -8.684  -6.947  -9.535  0.36 15.67 ? 2648 G   A "C5'" 1 
ATOM   28  C "C5'" B G   A 1 2  ? -9.572  -6.982  -8.388  0.64 16.62 ? 2648 G   A "C5'" 1 
ATOM   29  C "C4'" A G   A 1 2  ? -8.096  -7.078  -10.914 0.36 11.05 ? 2648 G   A "C4'" 1 
ATOM   30  C "C4'" B G   A 1 2  ? -8.701  -6.952  -9.594  0.64 14.68 ? 2648 G   A "C4'" 1 
ATOM   31  O "O4'" A G   A 1 2  ? -8.821  -6.245  -11.850 0.36 8.57  ? 2648 G   A "O4'" 1 
ATOM   32  O "O4'" B G   A 1 2  ? -9.369  -6.234  -10.666 0.64 16.27 ? 2648 G   A "O4'" 1 
ATOM   33  C "C3'" A G   A 1 2  ? -6.646  -6.652  -11.049 0.36 8.91  ? 2648 G   A "C3'" 1 
ATOM   34  C "C3'" B G   A 1 2  ? -7.419  -6.176  -9.418  0.64 14.10 ? 2648 G   A "C3'" 1 
ATOM   35  O "O3'" A G   A 1 2  ? -5.768  -7.705  -10.732 0.36 8.49  ? 2648 G   A "O3'" 1 
ATOM   36  O "O3'" B G   A 1 2  ? -6.465  -6.890  -8.659  0.64 13.39 ? 2648 G   A "O3'" 1 
ATOM   37  C "C2'" A G   A 1 2  ? -6.538  -6.270  -12.503 0.36 7.84  ? 2648 G   A "C2'" 1 
ATOM   38  C "C2'" B G   A 1 2  ? -7.038  -5.924  -10.859 0.64 15.19 ? 2648 G   A "C2'" 1 
ATOM   39  O "O2'" A G   A 1 2  ? -6.455  -7.445  -13.296 0.36 8.40  ? 2648 G   A "O2'" 1 
ATOM   40  O "O2'" B G   A 1 2  ? -6.610  -7.133  -11.463 0.64 16.27 ? 2648 G   A "O2'" 1 
ATOM   41  C "C1'" A G   A 1 2  ? -7.908  -5.626  -12.726 0.36 8.23  ? 2648 G   A "C1'" 1 
ATOM   42  C "C1'" B G   A 1 2  ? -8.402  -5.558  -11.438 0.64 15.09 ? 2648 G   A "C1'" 1 
ATOM   43  N N9    A G   A 1 2  ? -7.979  -4.174  -12.475 0.36 8.79  ? 2648 G   A N9    1 
ATOM   44  N N9    B G   A 1 2  ? -8.659  -4.102  -11.371 0.64 14.36 ? 2648 G   A N9    1 
ATOM   45  C C8    A G   A 1 2  ? -8.792  -3.515  -11.561 0.36 9.22  ? 2648 G   A C8    1 
ATOM   46  C C8    B G   A 1 2  ? -9.529  -3.426  -10.555 0.64 14.79 ? 2648 G   A C8    1 
ATOM   47  N N7    A G   A 1 2  ? -8.713  -2.222  -11.651 0.36 7.92  ? 2648 G   A N7    1 
ATOM   48  N N7    B G   A 1 2  ? -9.542  -2.135  -10.758 0.64 14.92 ? 2648 G   A N7    1 
ATOM   49  C C5    A G   A 1 2  ? -7.827  -2.004  -12.689 0.36 7.85  ? 2648 G   A C5    1 
ATOM   50  C C5    B G   A 1 2  ? -8.613  -1.938  -11.781 0.64 13.59 ? 2648 G   A C5    1 
ATOM   51  C C6    A G   A 1 2  ? -7.392  -0.771  -13.244 0.36 8.29  ? 2648 G   A C6    1 
ATOM   52  C C6    B G   A 1 2  ? -8.199  -0.763  -12.466 0.64 12.59 ? 2648 G   A C6    1 
ATOM   53  O O6    A G   A 1 2  ? -7.698  0.378   -12.916 0.36 9.23  ? 2648 G   A O6    1 
ATOM   54  O O6    B G   A 1 2  ? -8.532  0.411   -12.321 0.64 12.13 ? 2648 G   A O6    1 
ATOM   55  N N1    A G   A 1 2  ? -6.507  -0.969  -14.282 0.36 8.69  ? 2648 G   A N1    1 
ATOM   56  N N1    B G   A 1 2  ? -7.251  -1.004  -13.440 0.64 12.23 ? 2648 G   A N1    1 
ATOM   57  C C2    A G   A 1 2  ? -6.129  -2.203  -14.736 0.36 7.49  ? 2648 G   A C2    1 
ATOM   58  C C2    B G   A 1 2  ? -6.778  -2.248  -13.744 0.64 12.57 ? 2648 G   A C2    1 
ATOM   59  N N2    A G   A 1 2  ? -5.262  -2.160  -15.750 0.36 8.69  ? 2648 G   A N2    1 
ATOM   60  N N2    B G   A 1 2  ? -5.860  -2.290  -14.708 0.64 12.82 ? 2648 G   A N2    1 
ATOM   61  N N3    A G   A 1 2  ? -6.525  -3.374  -14.236 0.36 7.86  ? 2648 G   A N3    1 
ATOM   62  N N3    B G   A 1 2  ? -7.148  -3.354  -13.129 0.64 12.54 ? 2648 G   A N3    1 
ATOM   63  C C4    A G   A 1 2  ? -7.399  -3.187  -13.227 0.36 7.92  ? 2648 G   A C4    1 
ATOM   64  C C4    B G   A 1 2  ? -8.074  -3.138  -12.179 0.64 13.77 ? 2648 G   A C4    1 
ATOM   65  P P     A C   A 1 3  ? -4.443  -7.427  -9.875  0.34 9.65  ? 2649 C   A P     1 
ATOM   66  P P     B C   A 1 3  ? -5.428  -6.130  -7.714  0.66 13.32 ? 2649 C   A P     1 
ATOM   67  O OP1   A C   A 1 3  ? -3.807  -8.752  -9.760  0.34 12.61 ? 2649 C   A OP1   1 
ATOM   68  O OP1   B C   A 1 3  ? -4.749  -7.191  -6.943  0.66 15.53 ? 2649 C   A OP1   1 
ATOM   69  O OP2   A C   A 1 3  ? -4.836  -6.716  -8.653  0.34 10.50 ? 2649 C   A OP2   1 
ATOM   70  O OP2   B C   A 1 3  ? -6.104  -5.023  -6.997  0.66 16.29 ? 2649 C   A OP2   1 
ATOM   71  O "O5'" A C   A 1 3  ? -3.556  -6.487  -10.790 0.34 8.48  ? 2649 C   A "O5'" 1 
ATOM   72  O "O5'" B C   A 1 3  ? -4.426  -5.455  -8.729  0.66 11.89 ? 2649 C   A "O5'" 1 
ATOM   73  C "C5'" A C   A 1 3  ? -3.004  -6.983  -12.003 0.34 8.13  ? 2649 C   A "C5'" 1 
ATOM   74  C "C5'" B C   A 1 3  ? -3.757  -6.219  -9.717  0.66 13.86 ? 2649 C   A "C5'" 1 
ATOM   75  C "C4'" A C   A 1 3  ? -2.275  -5.894  -12.730 0.34 8.39  ? 2649 C   A "C4'" 1 
ATOM   76  C "C4'" B C   A 1 3  ? -3.153  -5.310  -10.756 0.66 12.43 ? 2649 C   A "C4'" 1 
ATOM   77  O "O4'" A C   A 1 3  ? -3.208  -4.906  -13.217 0.34 8.91  ? 2649 C   A "O4'" 1 
ATOM   78  O "O4'" B C   A 1 3  ? -4.192  -4.571  -11.444 0.66 11.71 ? 2649 C   A "O4'" 1 
ATOM   79  C "C3'" A C   A 1 3  ? -1.314  -5.083  -11.895 0.34 7.69  ? 2649 C   A "C3'" 1 
ATOM   80  C "C3'" B C   A 1 3  ? -2.228  -4.229  -10.248 0.66 10.85 ? 2649 C   A "C3'" 1 
ATOM   81  O "O3'" A C   A 1 3  ? -0.121  -5.790  -11.668 0.34 8.41  ? 2649 C   A "O3'" 1 
ATOM   82  O "O3'" B C   A 1 3  ? -0.957  -4.740  -10.002 0.66 10.86 ? 2649 C   A "O3'" 1 
ATOM   83  C "C2'" A C   A 1 3  ? -1.194  -3.777  -12.692 0.34 8.37  ? 2649 C   A "C2'" 1 
ATOM   84  C "C2'" B C   A 1 3  ? -2.249  -3.228  -11.378 0.66 11.08 ? 2649 C   A "C2'" 1 
ATOM   85  O "O2'" A C   A 1 3  ? -0.353  -3.899  -13.833 0.34 8.69  ? 2649 C   A "O2'" 1 
ATOM   86  O "O2'" B C   A 1 3  ? -1.541  -3.738  -12.502 0.66 14.79 ? 2649 C   A "O2'" 1 
ATOM   87  C "C1'" A C   A 1 3  ? -2.622  -3.621  -13.189 0.34 9.09  ? 2649 C   A "C1'" 1 
ATOM   88  C "C1'" B C   A 1 3  ? -3.723  -3.269  -11.732 0.66 10.74 ? 2649 C   A "C1'" 1 
ATOM   89  N N1    A C   A 1 3  ? -3.465  -2.771  -12.326 0.34 9.57  ? 2649 C   A N1    1 
ATOM   90  N N1    B C   A 1 3  ? -4.565  -2.309  -10.986 0.66 9.95  ? 2649 C   A N1    1 
ATOM   91  C C2    A C   A 1 3  ? -3.407  -1.394  -12.517 0.34 9.18  ? 2649 C   A C2    1 
ATOM   92  C C2    B C   A 1 3  ? -4.646  -1.001  -11.445 0.66 9.96  ? 2649 C   A C2    1 
ATOM   93  O O2    A C   A 1 3  ? -2.607  -0.979  -13.341 0.34 10.15 ? 2649 C   A O2    1 
ATOM   94  O O2    B C   A 1 3  ? -3.887  -0.666  -12.377 0.66 10.42 ? 2649 C   A O2    1 
ATOM   95  N N3    A C   A 1 3  ? -4.182  -0.573  -11.782 0.34 8.36  ? 2649 C   A N3    1 
ATOM   96  N N3    B C   A 1 3  ? -5.470  -0.116  -10.840 0.66 9.04  ? 2649 C   A N3    1 
ATOM   97  C C4    A C   A 1 3  ? -5.025  -1.104  -10.888 0.34 8.89  ? 2649 C   A C4    1 
ATOM   98  C C4    B C   A 1 3  ? -6.258  -0.513  -9.832  0.66 9.19  ? 2649 C   A C4    1 
ATOM   99  N N4    A C   A 1 3  ? -5.798  -0.282  -10.168 0.34 10.32 ? 2649 C   A N4    1 
ATOM   100 N N4    B C   A 1 3  ? -7.060  0.406   -9.314  0.66 11.29 ? 2649 C   A N4    1 
ATOM   101 C C5    A C   A 1 3  ? -5.103  -2.514  -10.659 0.34 9.10  ? 2649 C   A C5    1 
ATOM   102 C C5    B C   A 1 3  ? -6.180  -1.852  -9.336  0.66 10.12 ? 2649 C   A C5    1 
ATOM   103 C C6    A C   A 1 3  ? -4.324  -3.301  -11.411 0.34 9.22  ? 2649 C   A C6    1 
ATOM   104 C C6    B C   A 1 3  ? -5.353  -2.718  -9.952  0.66 9.29  ? 2649 C   A C6    1 
ATOM   105 P P     A U   A 1 4  ? 0.813   -5.369  -10.461 0.37 8.49  ? 2650 U   A P     1 
ATOM   106 P P     B U   A 1 4  ? -0.035  -4.093  -8.868  0.63 11.31 ? 2650 U   A P     1 
ATOM   107 O OP1   A U   A 1 4  ? 1.970   -6.286  -10.737 0.37 7.94  ? 2650 U   A OP1   1 
ATOM   108 O OP1   B U   A 1 4  ? 1.144   -4.986  -8.721  0.63 13.26 ? 2650 U   A OP1   1 
ATOM   109 O OP2   A U   A 1 4  ? 0.049   -5.371  -9.175  0.37 9.92  ? 2650 U   A OP2   1 
ATOM   110 O OP2   B U   A 1 4  ? -0.872  -3.743  -7.672  0.63 13.50 ? 2650 U   A OP2   1 
ATOM   111 O "O5'" A U   A 1 4  ? 1.251   -3.866  -10.931 0.37 9.75  ? 2650 U   A "O5'" 1 
ATOM   112 O "O5'" B U   A 1 4  ? 0.487   -2.711  -9.432  0.63 10.15 ? 2650 U   A "O5'" 1 
ATOM   113 C "C5'" A U   A 1 4  ? 1.243   -2.652  -10.155 0.37 13.22 ? 2650 U   A "C5'" 1 
ATOM   114 C "C5'" B U   A 1 4  ? 1.414   -2.702  -10.474 0.63 13.24 ? 2650 U   A "C5'" 1 
ATOM   115 C "C4'" . U   A 1 4  ? 1.467   -1.318  -10.931 1.00 13.62 ? 2650 U   A "C4'" 1 
ATOM   116 O "O4'" . U   A 1 4  ? 0.184   -0.834  -11.386 1.00 13.23 ? 2650 U   A "O4'" 1 
ATOM   117 C "C3'" . U   A 1 4  ? 1.888   -0.244  -9.954  1.00 11.97 ? 2650 U   A "C3'" 1 
ATOM   118 O "O3'" . U   A 1 4  ? 3.247   -0.265  -9.763  1.00 13.29 ? 2650 U   A "O3'" 1 
ATOM   119 C "C2'" . U   A 1 4  ? 1.433   1.017   -10.648 1.00 12.77 ? 2650 U   A "C2'" 1 
ATOM   120 O "O2'" . U   A 1 4  ? 2.240   1.265   -11.803 1.00 16.51 ? 2650 U   A "O2'" 1 
ATOM   121 C "C1'" . U   A 1 4  ? 0.086   0.555   -11.150 1.00 12.38 ? 2650 U   A "C1'" 1 
ATOM   122 N N1    . U   A 1 4  ? -1.036  0.797   -10.209 1.00 10.31 ? 2650 U   A N1    1 
ATOM   123 C C2    . U   A 1 4  ? -1.517  2.086   -10.104 1.00 9.83  ? 2650 U   A C2    1 
ATOM   124 O O2    . U   A 1 4  ? -0.976  3.006   -10.657 1.00 10.88 ? 2650 U   A O2    1 
ATOM   125 N N3    . U   A 1 4  ? -2.651  2.255   -9.348  1.00 9.46  ? 2650 U   A N3    1 
ATOM   126 C C4    . U   A 1 4  ? -3.311  1.251   -8.673  1.00 9.77  ? 2650 U   A C4    1 
ATOM   127 O O4    . U   A 1 4  ? -4.341  1.492   -8.069  1.00 10.74 ? 2650 U   A O4    1 
ATOM   128 C C5    . U   A 1 4  ? -2.726  -0.050  -8.763  1.00 10.22 ? 2650 U   A C5    1 
ATOM   129 C C6    . U   A 1 4  ? -1.635  -0.246  -9.526  1.00 10.69 ? 2650 U   A C6    1 
ATOM   130 P P     . C   A 1 5  ? 3.852   0.039   -8.321  1.00 14.31 ? 2651 C   A P     1 
ATOM   131 O OP1   . C   A 1 5  ? 5.301   -0.210  -8.469  1.00 17.32 ? 2651 C   A OP1   1 
ATOM   132 O OP2   . C   A 1 5  ? 3.070   -0.662  -7.314  1.00 16.46 ? 2651 C   A OP2   1 
ATOM   133 O "O5'" . C   A 1 5  ? 3.614   1.590   -8.089  1.00 10.91 ? 2651 C   A "O5'" 1 
ATOM   134 C "C5'" . C   A 1 5  ? 4.288   2.539   -8.919  1.00 10.17 ? 2651 C   A "C5'" 1 
ATOM   135 C "C4'" . C   A 1 5  ? 3.606   3.880   -8.809  1.00 9.28  ? 2651 C   A "C4'" 1 
ATOM   136 O "O4'" . C   A 1 5  ? 2.223   3.741   -9.174  1.00 8.73  ? 2651 C   A "O4'" 1 
ATOM   137 C "C3'" . C   A 1 5  ? 3.535   4.494   -7.420  1.00 8.64  ? 2651 C   A "C3'" 1 
ATOM   138 O "O3'" . C   A 1 5  ? 4.775   5.089   -7.051  1.00 9.32  ? 2651 C   A "O3'" 1 
ATOM   139 C "C2'" . C   A 1 5  ? 2.368   5.464   -7.546  1.00 8.79  ? 2651 C   A "C2'" 1 
ATOM   140 O "O2'" . C   A 1 5  ? 2.737   6.640   -8.231  1.00 10.51 ? 2651 C   A "O2'" 1 
ATOM   141 C "C1'" . C   A 1 5  ? 1.434   4.659   -8.429  1.00 8.55  ? 2651 C   A "C1'" 1 
ATOM   142 N N1    . C   A 1 5  ? 0.439   3.917   -7.623  1.00 8.24  ? 2651 C   A N1    1 
ATOM   143 C C2    . C   A 1 5  ? -0.609  4.678   -7.140  1.00 7.53  ? 2651 C   A C2    1 
ATOM   144 O O2    . C   A 1 5  ? -0.598  5.898   -7.363  1.00 7.94  ? 2651 C   A O2    1 
ATOM   145 N N3    . C   A 1 5  ? -1.604  4.066   -6.448  1.00 7.66  ? 2651 C   A N3    1 
ATOM   146 C C4    . C   A 1 5  ? -1.567  2.763   -6.204  1.00 7.75  ? 2651 C   A C4    1 
ATOM   147 N N4    . C   A 1 5  ? -2.568  2.202   -5.539  1.00 8.20  ? 2651 C   A N4    1 
ATOM   148 C C5    . C   A 1 5  ? -0.466  1.947   -6.643  1.00 8.05  ? 2651 C   A C5    1 
ATOM   149 C C6    . C   A 1 5  ? 0.526   2.574   -7.348  1.00 8.35  ? 2651 C   A C6    1 
ATOM   150 P P     . C   A 1 6  ? 5.141   5.275   -5.498  1.00 9.31  ? 2652 C   A P     1 
ATOM   151 O OP1   . C   A 1 6  ? 6.527   5.769   -5.453  1.00 10.54 ? 2652 C   A OP1   1 
ATOM   152 O OP2   . C   A 1 6  ? 4.816   4.060   -4.725  1.00 10.66 ? 2652 C   A OP2   1 
ATOM   153 O "O5'" . C   A 1 6  ? 4.128   6.389   -4.962  1.00 7.75  ? 2652 C   A "O5'" 1 
ATOM   154 C "C5'" . C   A 1 6  ? 4.280   7.732   -5.442  1.00 8.29  ? 2652 C   A "C5'" 1 
ATOM   155 C "C4'" . C   A 1 6  ? 3.230   8.611   -4.821  1.00 7.29  ? 2652 C   A "C4'" 1 
ATOM   156 O "O4'" . C   A 1 6  ? 1.919   8.171   -5.207  1.00 7.65  ? 2652 C   A "O4'" 1 
ATOM   157 C "C3'" . C   A 1 6  ? 3.158   8.608   -3.303  1.00 7.16  ? 2652 C   A "C3'" 1 
ATOM   158 O "O3'" . C   A 1 6  ? 4.187   9.442   -2.768  1.00 7.56  ? 2652 C   A "O3'" 1 
ATOM   159 C "C2'" . C   A 1 6  ? 1.756   9.140   -3.045  1.00 7.17  ? 2652 C   A "C2'" 1 
ATOM   160 O "O2'" . C   A 1 6  ? 1.758   10.536  -3.290  1.00 8.14  ? 2652 C   A "O2'" 1 
ATOM   161 C "C1'" . C   A 1 6  ? 0.988   8.440   -4.132  1.00 6.84  ? 2652 C   A "C1'" 1 
ATOM   162 N N1    . C   A 1 6  ? 0.387   7.158   -3.697  1.00 6.61  ? 2652 C   A N1    1 
ATOM   163 C C2    . C   A 1 6  ? -0.832  7.220   -3.009  1.00 6.72  ? 2652 C   A C2    1 
ATOM   164 O O2    . C   A 1 6  ? -1.256  8.335   -2.703  1.00 7.04  ? 2652 C   A O2    1 
ATOM   165 N N3    . C   A 1 6  ? -1.484  6.087   -2.691  1.00 6.39  ? 2652 C   A N3    1 
ATOM   166 C C4    . C   A 1 6  ? -0.965  4.908   -3.029  1.00 6.73  ? 2652 C   A C4    1 
ATOM   167 N N4    . C   A 1 6  ? -1.666  3.807   -2.741  1.00 7.28  ? 2652 C   A N4    1 
ATOM   168 C C5    . C   A 1 6  ? 0.320   4.787   -3.668  1.00 7.01  ? 2652 C   A C5    1 
ATOM   169 C C6    . C   A 1 6  ? 0.942   5.959   -3.988  1.00 7.10  ? 2652 C   A C6    1 
ATOM   170 P P     . U   A 1 7  ? 4.882   9.083   -1.379  1.00 8.48  ? 2653 U   A P     1 
ATOM   171 O OP1   . U   A 1 7  ? 5.798   10.234  -1.116  1.00 11.67 ? 2653 U   A OP1   1 
ATOM   172 O OP2   . U   A 1 7  ? 5.413   7.714   -1.424  1.00 9.42  ? 2653 U   A OP2   1 
ATOM   173 O "O5'" . U   A 1 7  ? 3.687   9.047   -0.312  1.00 7.46  ? 2653 U   A "O5'" 1 
ATOM   174 C "C5'" . U   A 1 7  ? 2.999   10.247  0.037   1.00 8.29  ? 2653 U   A "C5'" 1 
ATOM   175 C "C4'" . U   A 1 7  ? 1.807   9.881   0.889   1.00 7.53  ? 2653 U   A "C4'" 1 
ATOM   176 O "O4'" . U   A 1 7  ? 0.892   9.099   0.113   1.00 7.26  ? 2653 U   A "O4'" 1 
ATOM   177 C "C3'" . U   A 1 7  ? 2.084   9.009   2.107   1.00 7.73  ? 2653 U   A "C3'" 1 
ATOM   178 O "O3'" C U   A 1 7  ? 2.456   9.757   3.231   0.75 9.71  ? 2653 U   A "O3'" 1 
ATOM   179 O "O3'" D U   A 1 7  ? 2.635   9.781   3.179   0.25 6.82  ? 2653 U   A "O3'" 1 
ATOM   180 C "C2'" . U   A 1 7  ? 0.705   8.383   2.355   1.00 7.69  ? 2653 U   A "C2'" 1 
ATOM   181 O "O2'" . U   A 1 7  ? -0.162  9.300   2.993   1.00 8.51  ? 2653 U   A "O2'" 1 
ATOM   182 C "C1'" . U   A 1 7  ? 0.217   8.173   0.935   1.00 7.24  ? 2653 U   A "C1'" 1 
ATOM   183 N N1    . U   A 1 7  ? 0.485   6.808   0.428   1.00 6.77  ? 2653 U   A N1    1 
ATOM   184 C C2    . U   A 1 7  ? -0.502  5.874   0.628   1.00 7.43  ? 2653 U   A C2    1 
ATOM   185 O O2    . U   A 1 7  ? -1.574  6.142   1.151   1.00 8.98  ? 2653 U   A O2    1 
ATOM   186 N N3    . U   A 1 7  ? -0.217  4.602   0.188   1.00 7.51  ? 2653 U   A N3    1 
ATOM   187 C C4    . U   A 1 7  ? 0.979   4.188   -0.362  1.00 7.77  ? 2653 U   A C4    1 
ATOM   188 O O4    . U   A 1 7  ? 1.109   3.011   -0.700  1.00 8.74  ? 2653 U   A O4    1 
ATOM   189 C C5    . U   A 1 7  ? 1.982   5.201   -0.489  1.00 7.12  ? 2653 U   A C5    1 
ATOM   190 C C6    . U   A 1 7  ? 1.714   6.450   -0.111  1.00 7.01  ? 2653 U   A C6    1 
ATOM   191 P P     C A   A 1 8  ? 3.953   9.801   3.725   0.79 9.54  ? 2654 A   A P     1 
ATOM   192 P P     D A   A 1 8  ? 3.630   9.189   4.309   0.21 6.58  ? 2654 A   A P     1 
ATOM   193 O OP1   C A   A 1 8  ? 3.979   10.540  5.004   0.79 10.49 ? 2654 A   A OP1   1 
ATOM   194 O OP1   D A   A 1 8  ? 2.938   8.087   4.974   0.21 6.68  ? 2654 A   A OP1   1 
ATOM   195 O OP2   C A   A 1 8  ? 4.748   10.397  2.606   0.79 11.03 ? 2654 A   A OP2   1 
ATOM   196 O OP2   D A   A 1 8  ? 4.095   10.349  5.108   0.21 7.99  ? 2654 A   A OP2   1 
ATOM   197 O "O5'" C A   A 1 8  ? 4.384   8.280   3.828   0.79 10.27 ? 2654 A   A "O5'" 1 
ATOM   198 O "O5'" D A   A 1 8  ? 4.886   8.663   3.510   0.21 6.36  ? 2654 A   A "O5'" 1 
ATOM   199 C "C5'" C A   A 1 8  ? 5.713   7.986   4.317   0.79 10.66 ? 2654 A   A "C5'" 1 
ATOM   200 C "C5'" D A   A 1 8  ? 5.896   8.045   4.278   0.21 7.94  ? 2654 A   A "C5'" 1 
ATOM   201 C "C4'" . A   A 1 8  ? 6.359   6.793   3.614   1.00 8.86  ? 2654 A   A "C4'" 1 
ATOM   202 O "O4'" . A   A 1 8  ? 5.491   5.660   3.843   1.00 7.86  ? 2654 A   A "O4'" 1 
ATOM   203 C "C3'" . A   A 1 8  ? 6.535   6.902   2.112   1.00 10.93 ? 2654 A   A "C3'" 1 
ATOM   204 O "O3'" C A   A 1 8  ? 7.679   6.124   1.717   0.79 14.72 ? 2654 A   A "O3'" 1 
ATOM   205 O "O3'" D A   A 1 8  ? 7.645   6.115   1.692   0.21 14.70 ? 2654 A   A "O3'" 1 
ATOM   206 C "C2'" . A   A 1 8  ? 5.281   6.203   1.590   1.00 8.60  ? 2654 A   A "C2'" 1 
ATOM   207 O "O2'" . A   A 1 8  ? 5.365   5.700   0.270   1.00 9.37  ? 2654 A   A "O2'" 1 
ATOM   208 C "C1'" . A   A 1 8  ? 5.123   5.086   2.621   1.00 7.91  ? 2654 A   A "C1'" 1 
ATOM   209 N N9    . A   A 1 8  ? 3.755   4.605   2.760   1.00 7.06  ? 2654 A   A N9    1 
ATOM   210 C C8    . A   A 1 8  ? 2.714   5.334   3.269   1.00 7.09  ? 2654 A   A C8    1 
ATOM   211 N N7    . A   A 1 8  ? 1.581   4.661   3.261   1.00 7.32  ? 2654 A   A N7    1 
ATOM   212 C C5    . A   A 1 8  ? 1.915   3.424   2.749   1.00 6.96  ? 2654 A   A C5    1 
ATOM   213 C C6    . A   A 1 8  ? 1.133   2.290   2.494   1.00 7.80  ? 2654 A   A C6    1 
ATOM   214 N N6    . A   A 1 8  ? -0.193  2.251   2.720   1.00 8.65  ? 2654 A   A N6    1 
ATOM   215 N N1    . A   A 1 8  ? 1.765   1.225   1.976   1.00 8.88  ? 2654 A   A N1    1 
ATOM   216 C C2    . A   A 1 8  ? 3.090   1.300   1.733   1.00 8.85  ? 2654 A   A C2    1 
ATOM   217 N N3    . A   A 1 8  ? 3.900   2.323   1.938   1.00 8.04  ? 2654 A   A N3    1 
ATOM   218 C C4    . A   A 1 8  ? 3.246   3.381   2.437   1.00 7.23  ? 2654 A   A C4    1 
ATOM   219 P P     . G   A 1 9  ? 9.147   6.653   1.682   1.00 15.94 ? 2655 G   A P     1 
ATOM   220 O OP1   . G   A 1 9  ? 9.261   7.746   2.632   1.00 23.12 ? 2655 G   A OP1   1 
ATOM   221 O OP2   . G   A 1 9  ? 9.590   6.923   0.364   1.00 15.98 ? 2655 G   A OP2   1 
ATOM   222 O "O5'" . G   A 1 9  ? 9.986   5.250   1.873   1.00 19.70 ? 2655 G   A "O5'" 1 
ATOM   223 C "C5'" . G   A 1 9  ? 10.408  4.679   3.060   1.00 18.53 ? 2655 G   A "C5'" 1 
ATOM   224 C "C4'" . G   A 1 9  ? 9.357   3.916   3.803   1.00 13.29 ? 2655 G   A "C4'" 1 
ATOM   225 O "O4'" . G   A 1 9  ? 9.034   2.619   3.174   1.00 11.38 ? 2655 G   A "O4'" 1 
ATOM   226 C "C3'" . G   A 1 9  ? 10.000  3.579   5.119   1.00 11.56 ? 2655 G   A "C3'" 1 
ATOM   227 O "O3'" . G   A 1 9  ? 8.957   3.377   6.060   1.00 10.15 ? 2655 G   A "O3'" 1 
ATOM   228 C "C2'" . G   A 1 9  ? 10.654  2.263   4.781   1.00 12.84 ? 2655 G   A "C2'" 1 
ATOM   229 O "O2'" . G   A 1 9  ? 11.072  1.523   5.886   1.00 16.39 ? 2655 G   A "O2'" 1 
ATOM   230 C "C1'" . G   A 1 9  ? 9.520   1.604   4.025   1.00 10.51 ? 2655 G   A "C1'" 1 
ATOM   231 N N9    . G   A 1 9  ? 9.933   0.488   3.224   1.00 12.39 ? 2655 G   A N9    1 
ATOM   232 C C8    . G   A 1 9  ? 11.191  0.200   2.736   1.00 16.13 ? 2655 G   A C8    1 
ATOM   233 N N7    . G   A 1 9  ? 11.183  -0.902  2.059   1.00 18.44 ? 2655 G   A N7    1 
ATOM   234 C C5    . G   A 1 9  ? 9.896   -1.382  2.147   1.00 15.50 ? 2655 G   A C5    1 
ATOM   235 C C6    . G   A 1 9  ? 9.281   -2.514  1.598   1.00 17.22 ? 2655 G   A C6    1 
ATOM   236 O O6    . G   A 1 9  ? 9.859   -3.397  0.929   1.00 19.12 ? 2655 G   A O6    1 
ATOM   237 N N1    . G   A 1 9  ? 7.915   -2.601  1.936   1.00 14.22 ? 2655 G   A N1    1 
ATOM   238 C C2    . G   A 1 9  ? 7.220   -1.641  2.689   1.00 14.63 ? 2655 G   A C2    1 
ATOM   239 N N2    . G   A 1 9  ? 5.909   -1.795  2.933   1.00 15.18 ? 2655 G   A N2    1 
ATOM   240 N N3    . G   A 1 9  ? 7.788   -0.537  3.175   1.00 11.85 ? 2655 G   A N3    1 
ATOM   241 C C4    . G   A 1 9  ? 9.099   -0.502  2.853   1.00 13.01 ? 2655 G   A C4    1 
HETATM 242 P P     . 6FU A 1 10 ? 9.174   3.222   7.632   1.00 10.72 ? 2656 6FU A P     1 
HETATM 243 O OP1   . 6FU A 1 10 ? 10.492  3.785   8.019   1.00 12.54 ? 2656 6FU A OP1   1 
HETATM 244 O OP2   . 6FU A 1 10 ? 8.865   1.826   8.028   1.00 11.58 ? 2656 6FU A OP2   1 
HETATM 245 O "O5'" . 6FU A 1 10 ? 7.970   4.056   8.186   1.00 10.47 ? 2656 6FU A "O5'" 1 
HETATM 246 C "C5'" . 6FU A 1 10 ? 7.944   5.492   8.109   1.00 10.33 ? 2656 6FU A "C5'" 1 
HETATM 247 C "C4'" . 6FU A 1 10 ? 6.511   5.963   7.989   1.00 10.59 ? 2656 6FU A "C4'" 1 
HETATM 248 O "O4'" . 6FU A 1 10 ? 6.088   5.640   6.672   1.00 10.68 ? 2656 6FU A "O4'" 1 
HETATM 249 C "C3'" . 6FU A 1 10 ? 5.548   5.294   8.906   1.00 10.36 ? 2656 6FU A "C3'" 1 
HETATM 250 O "O3'" . 6FU A 1 10 ? 5.491   5.987   10.164  1.00 12.69 ? 2656 6FU A "O3'" 1 
HETATM 251 C "C2'" . 6FU A 1 10 ? 4.304   5.357   8.135   1.00 11.67 ? 2656 6FU A "C2'" 1 
HETATM 252 S "S2'" . 6FU A 1 10 ? 3.501   7.019   8.300   1.00 16.15 ? 2656 6FU A "S2'" 1 
HETATM 253 C "C7'" . 6FU A 1 10 ? 1.870   6.781   7.572   1.00 17.24 ? 2656 6FU A "C7'" 1 
HETATM 254 F "F1'" . 6FU A 1 10 ? 1.882   6.559   6.211   1.00 20.20 ? 2656 6FU A "F1'" 1 
HETATM 255 F "F2'" . 6FU A 1 10 ? 1.192   5.725   8.092   1.00 20.05 ? 2656 6FU A "F2'" 1 
HETATM 256 F "F3'" . 6FU A 1 10 ? 1.126   7.862   7.789   1.00 20.44 ? 2656 6FU A "F3'" 1 
HETATM 257 C "C1'" . 6FU A 1 10 ? 4.718   5.129   6.727   1.00 11.40 ? 2656 6FU A "C1'" 1 
HETATM 258 N N1    . 6FU A 1 10 ? 4.680   3.761   6.246   1.00 9.76  ? 2656 6FU A N1    1 
HETATM 259 C C2    . 6FU A 1 10 ? 3.471   3.153   6.122   1.00 10.72 ? 2656 6FU A C2    1 
HETATM 260 O O2    . 6FU A 1 10 ? 2.459   3.710   6.589   1.00 11.74 ? 2656 6FU A O2    1 
HETATM 261 N N3    . 6FU A 1 10 ? 3.392   1.932   5.598   1.00 10.54 ? 2656 6FU A N3    1 
HETATM 262 C C4    . 6FU A 1 10 ? 4.451   1.332   5.055   1.00 10.43 ? 2656 6FU A C4    1 
HETATM 263 O O4    . 6FU A 1 10 ? 4.265   0.104   4.565   1.00 11.17 ? 2656 6FU A O4    1 
HETATM 264 C C5    . 6FU A 1 10 ? 5.711   1.946   5.048   1.00 10.09 ? 2656 6FU A C5    1 
HETATM 265 C C6    . 6FU A 1 10 ? 5.782   3.202   5.689   1.00 10.17 ? 2656 6FU A C6    1 
ATOM   266 P P     . A   A 1 11 ? 5.439   5.184   11.546  1.00 12.33 ? 2657 A   A P     1 
ATOM   267 O OP1   . A   A 1 11 ? 5.529   6.180   12.637  1.00 15.59 ? 2657 A   A OP1   1 
ATOM   268 O OP2   . A   A 1 11 ? 6.428   4.135   11.495  1.00 12.47 ? 2657 A   A OP2   1 
ATOM   269 O "O5'" . A   A 1 11 ? 4.028   4.465   11.565  1.00 11.48 ? 2657 A   A "O5'" 1 
ATOM   270 C "C5'" . A   A 1 11 ? 2.880   5.264   11.807  1.00 12.05 ? 2657 A   A "C5'" 1 
ATOM   271 C "C4'" . A   A 1 11 ? 1.672   4.375   11.780  1.00 10.76 ? 2657 A   A "C4'" 1 
ATOM   272 O "O4'" . A   A 1 11 ? 1.482   3.822   10.454  1.00 10.06 ? 2657 A   A "O4'" 1 
ATOM   273 C "C3'" . A   A 1 11 ? 1.705   3.135   12.654  1.00 9.87  ? 2657 A   A "C3'" 1 
ATOM   274 O "O3'" . A   A 1 11 ? 1.429   3.464   14.015  1.00 11.69 ? 2657 A   A "O3'" 1 
ATOM   275 C "C2'" . A   A 1 11 ? 0.611   2.299   12.016  1.00 10.15 ? 2657 A   A "C2'" 1 
ATOM   276 O "O2'" . A   A 1 11 ? -0.682  2.785   12.374  1.00 12.70 ? 2657 A   A "O2'" 1 
ATOM   277 C "C1'" . A   A 1 11 ? 0.833   2.589   10.555  1.00 9.57  ? 2657 A   A "C1'" 1 
ATOM   278 N N9    . A   A 1 11 ? 1.682   1.574   9.923   1.00 8.50  ? 2657 A   A N9    1 
ATOM   279 C C8    . A   A 1 11 ? 2.963   1.714   9.441   1.00 8.48  ? 2657 A   A C8    1 
ATOM   280 N N7    . A   A 1 11 ? 3.418   0.623   8.826   1.00 8.52  ? 2657 A   A N7    1 
ATOM   281 C C5    . A   A 1 11 ? 2.354   -0.277  8.943   1.00 8.01  ? 2657 A   A C5    1 
ATOM   282 C C6    . A   A 1 11 ? 2.165   -1.568  8.457   1.00 8.23  ? 2657 A   A C6    1 
ATOM   283 N N6    . A   A 1 11 ? 3.085   -2.258  7.757   1.00 8.71  ? 2657 A   A N6    1 
ATOM   284 N N1    . A   A 1 11 ? 0.976   -2.172  8.693   1.00 9.05  ? 2657 A   A N1    1 
ATOM   285 C C2    . A   A 1 11 ? 0.062   -1.495  9.389   1.00 9.06  ? 2657 A   A C2    1 
ATOM   286 N N3    . A   A 1 11 ? 0.117   -0.253  9.879   1.00 8.96  ? 2657 A   A N3    1 
ATOM   287 C C4    . A   A 1 11 ? 1.288   0.317   9.595   1.00 8.11  ? 2657 A   A C4    1 
ATOM   288 P P     . C   A 1 12 ? 2.178   2.668   15.168  1.00 13.08 ? 2658 C   A P     1 
ATOM   289 O OP1   . C   A 1 12 ? 1.492   3.085   16.407  1.00 15.95 ? 2658 C   A OP1   1 
ATOM   290 O OP2   . C   A 1 12 ? 3.663   2.823   15.006  1.00 15.60 ? 2658 C   A OP2   1 
ATOM   291 O "O5'" . C   A 1 12 ? 1.907   1.119   14.845  1.00 10.14 ? 2658 C   A "O5'" 1 
ATOM   292 C "C5'" . C   A 1 12 ? 0.610   0.563   14.979  1.00 9.07  ? 2658 C   A "C5'" 1 
ATOM   293 C "C4'" . C   A 1 12 ? 0.625   -0.838  14.427  1.00 8.28  ? 2658 C   A "C4'" 1 
ATOM   294 O "O4'" . C   A 1 12 ? 0.930   -0.814  13.016  1.00 7.96  ? 2658 C   A "O4'" 1 
ATOM   295 C "C3'" . C   A 1 12 ? 1.654   -1.792  15.002  1.00 7.82  ? 2658 C   A "C3'" 1 
ATOM   296 O "O3'" . C   A 1 12 ? 1.238   -2.283  16.264  1.00 8.56  ? 2658 C   A "O3'" 1 
ATOM   297 C "C2'" . C   A 1 12 ? 1.760   -2.858  13.915  1.00 8.20  ? 2658 C   A "C2'" 1 
ATOM   298 O "O2'" . C   A 1 12 ? 0.669   -3.756  13.962  1.00 9.36  ? 2658 C   A "O2'" 1 
ATOM   299 C "C1'" . C   A 1 12 ? 1.638   -1.992  12.654  1.00 7.94  ? 2658 C   A "C1'" 1 
ATOM   300 N N1    . C   A 1 12 ? 2.987   -1.611  12.146  1.00 7.44  ? 2658 C   A N1    1 
ATOM   301 C C2    . C   A 1 12 ? 3.686   -2.582  11.436  1.00 7.48  ? 2658 C   A C2    1 
ATOM   302 O O2    . C   A 1 12 ? 3.145   -3.670  11.257  1.00 8.37  ? 2658 C   A O2    1 
ATOM   303 N N3    . C   A 1 12 ? 4.938   -2.301  10.979  1.00 8.30  ? 2658 C   A N3    1 
ATOM   304 C C4    . C   A 1 12 ? 5.472   -1.091  11.213  1.00 8.45  ? 2658 C   A C4    1 
ATOM   305 N N4    . C   A 1 12 ? 6.711   -0.876  10.750  1.00 10.38 ? 2658 C   A N4    1 
ATOM   306 C C5    . C   A 1 12 ? 4.785   -0.087  11.955  1.00 8.65  ? 2658 C   A C5    1 
ATOM   307 C C6    . C   A 1 12 ? 3.555   -0.393  12.387  1.00 8.31  ? 2658 C   A C6    1 
ATOM   308 P P     . G   A 1 13 ? 2.342   -2.564  17.390  1.00 9.37  ? 2659 G   A P     1 
ATOM   309 O OP1   . G   A 1 13 ? 1.554   -3.055  18.549  1.00 11.04 ? 2659 G   A OP1   1 
ATOM   310 O OP2   . G   A 1 13 ? 3.267   -1.397  17.525  1.00 9.81  ? 2659 G   A OP2   1 
ATOM   311 O "O5'" . G   A 1 13 ? 3.230   -3.721  16.757  1.00 9.55  ? 2659 G   A "O5'" 1 
ATOM   312 C "C5'" . G   A 1 13 ? 2.702   -5.036  16.614  1.00 10.18 ? 2659 G   A "C5'" 1 
ATOM   313 C "C4'" . G   A 1 13 ? 3.724   -5.922  15.942  1.00 8.84  ? 2659 G   A "C4'" 1 
ATOM   314 O "O4'" . G   A 1 13 ? 3.926   -5.449  14.575  1.00 8.58  ? 2659 G   A "O4'" 1 
ATOM   315 C "C3'" . G   A 1 13 ? 5.113   -5.902  16.536  1.00 8.83  ? 2659 G   A "C3'" 1 
ATOM   316 O "O3'" . G   A 1 13 ? 5.203   -6.698  17.686  1.00 9.81  ? 2659 G   A "O3'" 1 
ATOM   317 C "C2'" . G   A 1 13 ? 5.962   -6.397  15.363  1.00 8.46  ? 2659 G   A "C2'" 1 
ATOM   318 O "O2'" . G   A 1 13 ? 5.879   -7.798  15.249  1.00 9.09  ? 2659 G   A "O2'" 1 
ATOM   319 C "C1'" . G   A 1 13 ? 5.251   -5.731  14.153  1.00 8.67  ? 2659 G   A "C1'" 1 
ATOM   320 N N9    . G   A 1 13 ? 5.907   -4.460  13.850  1.00 7.87  ? 2659 G   A N9    1 
ATOM   321 C C8    . G   A 1 13 ? 5.667   -3.191  14.300  1.00 8.85  ? 2659 G   A C8    1 
ATOM   322 N N7    . G   A 1 13 ? 6.620   -2.367  13.966  1.00 9.24  ? 2659 G   A N7    1 
ATOM   323 C C5    . G   A 1 13 ? 7.534   -3.126  13.263  1.00 8.24  ? 2659 G   A C5    1 
ATOM   324 C C6    . G   A 1 13 ? 8.838   -2.836  12.757  1.00 8.36  ? 2659 G   A C6    1 
ATOM   325 O O6    . G   A 1 13 ? 9.417   -1.746  12.768  1.00 10.02 ? 2659 G   A O6    1 
ATOM   326 N N1    . G   A 1 13 ? 9.460   -3.944  12.267  1.00 8.20  ? 2659 G   A N1    1 
ATOM   327 C C2    . G   A 1 13 ? 8.943   -5.196  12.200  1.00 7.07  ? 2659 G   A C2    1 
ATOM   328 N N2    . G   A 1 13 ? 9.681   -6.170  11.668  1.00 7.84  ? 2659 G   A N2    1 
ATOM   329 N N3    . G   A 1 13 ? 7.726   -5.485  12.659  1.00 7.03  ? 2659 G   A N3    1 
ATOM   330 C C4    . G   A 1 13 ? 7.115   -4.419  13.196  1.00 7.51  ? 2659 G   A C4    1 
ATOM   331 P P     . A   A 1 14 ? 5.866   -6.096  19.016  1.00 11.92 ? 2660 A   A P     1 
ATOM   332 O OP1   . A   A 1 14 ? 5.837   -7.137  20.037  1.00 13.97 ? 2660 A   A OP1   1 
ATOM   333 O OP2   . A   A 1 14 ? 5.265   -4.783  19.366  1.00 12.68 ? 2660 A   A OP2   1 
ATOM   334 O "O5'" . A   A 1 14 ? 7.347   -5.867  18.493  1.00 11.54 ? 2660 A   A "O5'" 1 
ATOM   335 C "C5'" . A   A 1 14 ? 8.291   -5.102  19.236  1.00 12.89 ? 2660 A   A "C5'" 1 
ATOM   336 C "C4'" . A   A 1 14 ? 9.628   -5.768  19.343  1.00 12.74 ? 2660 A   A "C4'" 1 
ATOM   337 O "O4'" . A   A 1 14 ? 9.453   -7.066  19.966  1.00 13.99 ? 2660 A   A "O4'" 1 
ATOM   338 C "C3'" . A   A 1 14 ? 10.310  -6.089  18.021  1.00 11.81 ? 2660 A   A "C3'" 1 
ATOM   339 O "O3'" . A   A 1 14 ? 11.003  -4.987  17.467  1.00 12.13 ? 2660 A   A "O3'" 1 
ATOM   340 C "C2'" . A   A 1 14 ? 11.224  -7.235  18.412  1.00 13.58 ? 2660 A   A "C2'" 1 
ATOM   341 O "O2'" . A   A 1 14 ? 12.333  -6.752  19.157  1.00 15.42 ? 2660 A   A "O2'" 1 
ATOM   342 C "C1'" . A   A 1 14 ? 10.341  -7.994  19.382  1.00 14.10 ? 2660 A   A "C1'" 1 
ATOM   343 N N9    . A   A 1 14 ? 9.568   -9.078  18.761  1.00 14.14 ? 2660 A   A N9    1 
ATOM   344 C C8    . A   A 1 14 ? 8.202   -9.126  18.562  1.00 14.89 ? 2660 A   A C8    1 
ATOM   345 N N7    . A   A 1 14 ? 7.805   -10.255 18.047  1.00 15.36 ? 2660 A   A N7    1 
ATOM   346 C C5    . A   A 1 14 ? 8.980   -10.999 17.965  1.00 15.31 ? 2660 A   A C5    1 
ATOM   347 C C6    . A   A 1 14 ? 9.261   -12.308 17.567  1.00 17.68 ? 2660 A   A C6    1 
ATOM   348 N N6    . A   A 1 14 ? 8.325   -13.153 17.158  1.00 17.64 ? 2660 A   A N6    1 
ATOM   349 N N1    . A   A 1 14 ? 10.533  -12.760 17.586  1.00 18.25 ? 2660 A   A N1    1 
ATOM   350 C C2    . A   A 1 14 ? 11.487  -11.937 18.020  1.00 18.66 ? 2660 A   A C2    1 
ATOM   351 N N3    . A   A 1 14 ? 11.329  -10.683 18.429  1.00 17.86 ? 2660 A   A N3    1 
ATOM   352 C C4    . A   A 1 14 ? 10.045  -10.280 18.389  1.00 15.96 ? 2660 A   A C4    1 
ATOM   353 P P     . G   A 1 15 ? 10.629  -4.385  16.047  1.00 10.69 ? 2661 G   A P     1 
ATOM   354 O OP1   . G   A 1 15 ? 11.337  -3.084  16.042  1.00 13.06 ? 2661 G   A OP1   1 
ATOM   355 O OP2   . G   A 1 15 ? 9.159   -4.439  15.820  1.00 11.21 ? 2661 G   A OP2   1 
ATOM   356 O "O5'" . G   A 1 15 ? 11.305  -5.367  14.978  1.00 9.66  ? 2661 G   A "O5'" 1 
ATOM   357 C "C5'" . G   A 1 15 ? 12.711  -5.526  14.976  1.00 9.36  ? 2661 G   A "C5'" 1 
ATOM   358 C "C4'" . G   A 1 15 ? 13.107  -6.928  14.685  1.00 8.55  ? 2661 G   A "C4'" 1 
ATOM   359 O "O4'" . G   A 1 15 ? 12.401  -7.810  15.582  1.00 8.41  ? 2661 G   A "O4'" 1 
ATOM   360 C "C3'" . G   A 1 15 ? 12.814  -7.489  13.318  1.00 7.70  ? 2661 G   A "C3'" 1 
ATOM   361 O "O3'" . G   A 1 15 ? 13.843  -7.090  12.411  1.00 8.47  ? 2661 G   A "O3'" 1 
ATOM   362 C "C2'" . G   A 1 15 ? 12.807  -8.982  13.591  1.00 8.28  ? 2661 G   A "C2'" 1 
ATOM   363 O "O2'" . G   A 1 15 ? 14.162  -9.437  13.755  1.00 9.06  ? 2661 G   A "O2'" 1 
ATOM   364 C "C1'" . G   A 1 15 ? 12.095  -9.017  14.918  1.00 7.99  ? 2661 G   A "C1'" 1 
ATOM   365 N N9    . G   A 1 15 ? 10.612  -9.151  14.774  1.00 7.45  ? 2661 G   A N9    1 
ATOM   366 C C8    . G   A 1 15 ? 9.669   -8.167  14.951  1.00 8.03  ? 2661 G   A C8    1 
ATOM   367 N N7    . G   A 1 15 ? 8.454   -8.662  14.854  1.00 7.78  ? 2661 G   A N7    1 
ATOM   368 C C5    . G   A 1 15 ? 8.607   -10.009 14.597  1.00 7.16  ? 2661 G   A C5    1 
ATOM   369 C C6    . G   A 1 15 ? 7.683   -11.066 14.416  1.00 7.89  ? 2661 G   A C6    1 
ATOM   370 O O6    . G   A 1 15 ? 6.450   -11.001 14.494  1.00 9.40  ? 2661 G   A O6    1 
ATOM   371 N N1    . G   A 1 15 ? 8.289   -12.272 14.129  1.00 7.66  ? 2661 G   A N1    1 
ATOM   372 C C2    . G   A 1 15 ? 9.648   -12.468 14.080  1.00 7.80  ? 2661 G   A C2    1 
ATOM   373 N N2    . G   A 1 15 ? 10.046  -13.704 13.792  1.00 9.18  ? 2661 G   A N2    1 
ATOM   374 N N3    . G   A 1 15 ? 10.540  -11.523 14.303  1.00 7.21  ? 2661 G   A N3    1 
ATOM   375 C C4    . G   A 1 15 ? 9.948   -10.312 14.538  1.00 6.93  ? 2661 G   A C4    1 
ATOM   376 P P     . A   A 1 16 ? 13.551  -6.995  10.847  1.00 8.21  ? 2662 A   A P     1 
ATOM   377 O OP1   . A   A 1 16 ? 14.852  -6.635  10.236  1.00 10.35 ? 2662 A   A OP1   1 
ATOM   378 O OP2   . A   A 1 16 ? 12.391  -6.128  10.579  1.00 8.41  ? 2662 A   A OP2   1 
ATOM   379 O "O5'" . A   A 1 16 ? 13.110  -8.470  10.448  1.00 7.96  ? 2662 A   A "O5'" 1 
ATOM   380 C "C5'" . A   A 1 16 ? 14.041  -9.543  10.386  1.00 9.14  ? 2662 A   A "C5'" 1 
ATOM   381 C "C4'" . A   A 1 16 ? 13.300  -10.786 9.959   1.00 8.87  ? 2662 A   A "C4'" 1 
ATOM   382 O "O4'" . A   A 1 16 ? 12.376  -11.200 11.007  1.00 8.05  ? 2662 A   A "O4'" 1 
ATOM   383 C "C3'" . A   A 1 16 ? 12.424  -10.657 8.725   1.00 8.38  ? 2662 A   A "C3'" 1 
ATOM   384 O "O3'" . A   A 1 16 ? 13.224  -10.792 7.564   1.00 9.60  ? 2662 A   A "O3'" 1 
ATOM   385 C "C2'" . A   A 1 16 ? 11.391  -11.770 8.926   1.00 8.04  ? 2662 A   A "C2'" 1 
ATOM   386 O "O2'" . A   A 1 16 ? 11.966  -13.012 8.546   1.00 8.86  ? 2662 A   A "O2'" 1 
ATOM   387 C "C1'" . A   A 1 16 ? 11.199  -11.749 10.440  1.00 7.52  ? 2662 A   A "C1'" 1 
ATOM   388 N N9    . A   A 1 16 ? 10.083  -10.876 10.784  1.00 7.25  ? 2662 A   A N9    1 
ATOM   389 C C8    . A   A 1 16 ? 10.115  -9.515  10.953  1.00 7.34  ? 2662 A   A C8    1 
ATOM   390 N N7    . A   A 1 16 ? 8.941   -8.979  11.195  1.00 7.35  ? 2662 A   A N7    1 
ATOM   391 C C5    . A   A 1 16 ? 8.086   -10.068 11.167  1.00 7.87  ? 2662 A   A C5    1 
ATOM   392 C C6    . A   A 1 16 ? 6.709   -10.130 11.366  1.00 8.91  ? 2662 A   A C6    1 
ATOM   393 N N6    . A   A 1 16 ? 5.984   -9.022  11.645  1.00 10.95 ? 2662 A   A N6    1 
ATOM   394 N N1    . A   A 1 16 ? 6.127   -11.337 11.277  1.00 8.86  ? 2662 A   A N1    1 
ATOM   395 C C2    . A   A 1 16 ? 6.890   -12.400 11.035  1.00 8.72  ? 2662 A   A C2    1 
ATOM   396 N N3    . A   A 1 16 ? 8.216   -12.461 10.835  1.00 7.67  ? 2662 A   A N3    1 
ATOM   397 C C4    . A   A 1 16 ? 8.756   -11.234 10.928  1.00 7.13  ? 2662 A   A C4    1 
ATOM   398 P P     . G   A 1 17 ? 12.973  -9.852  6.327   1.00 10.71 ? 2663 G   A P     1 
ATOM   399 O OP1   . G   A 1 17 ? 14.018  -10.237 5.355   1.00 14.10 ? 2663 G   A OP1   1 
ATOM   400 O OP2   . G   A 1 17 ? 12.885  -8.424  6.720   1.00 11.68 ? 2663 G   A OP2   1 
ATOM   401 O "O5'" . G   A 1 17 ? 11.556  -10.397 5.888   1.00 10.28 ? 2663 G   A "O5'" 1 
ATOM   402 C "C5'" . G   A 1 17 ? 10.610  -9.484  5.378   1.00 11.36 ? 2663 G   A "C5'" 1 
ATOM   403 C "C4'" . G   A 1 17 ? 9.240   -9.758  5.937   1.00 11.26 ? 2663 G   A "C4'" 1 
ATOM   404 O "O4'" . G   A 1 17 ? 9.275   -9.476  7.359   1.00 10.90 ? 2663 G   A "O4'" 1 
ATOM   405 C "C3'" . G   A 1 17 ? 8.186   -8.806  5.404   1.00 10.18 ? 2663 G   A "C3'" 1 
ATOM   406 O "O3'" . G   A 1 17 ? 7.647   -9.241  4.165   1.00 10.88 ? 2663 G   A "O3'" 1 
ATOM   407 C "C2'" . G   A 1 17 ? 7.187   -8.754  6.537   1.00 10.32 ? 2663 G   A "C2'" 1 
ATOM   408 O "O2'" . G   A 1 17 ? 6.389   -9.933  6.514   1.00 10.59 ? 2663 G   A "O2'" 1 
ATOM   409 C "C1'" . G   A 1 17 ? 8.118   -8.774  7.756   1.00 10.06 ? 2663 G   A "C1'" 1 
ATOM   410 N N9    . G   A 1 17 ? 8.516   -7.403  8.112   1.00 9.49  ? 2663 G   A N9    1 
ATOM   411 C C8    . G   A 1 17 ? 9.684   -6.720  7.861   1.00 10.71 ? 2663 G   A C8    1 
ATOM   412 N N7    . G   A 1 17 ? 9.637   -5.449  8.209   1.00 11.30 ? 2663 G   A N7    1 
ATOM   413 C C5    . G   A 1 17 ? 8.359   -5.294  8.731   1.00 9.11  ? 2663 G   A C5    1 
ATOM   414 C C6    . G   A 1 17 ? 7.709   -4.142  9.274   1.00 8.38  ? 2663 G   A C6    1 
ATOM   415 O O6    . G   A 1 17 ? 8.145   -3.008  9.405   1.00 9.63  ? 2663 G   A O6    1 
ATOM   416 N N1    . G   A 1 17 ? 6.402   -4.425  9.677   1.00 8.20  ? 2663 G   A N1    1 
ATOM   417 C C2    . G   A 1 17 ? 5.815   -5.679  9.618   1.00 9.05  ? 2663 G   A C2    1 
ATOM   418 N N2    . G   A 1 17 ? 4.569   -5.775  10.101  1.00 9.98  ? 2663 G   A N2    1 
ATOM   419 N N3    . G   A 1 17 ? 6.398   -6.753  9.100   1.00 8.97  ? 2663 G   A N3    1 
ATOM   420 C C4    . G   A 1 17 ? 7.659   -6.480  8.678   1.00 9.05  ? 2663 G   A C4    1 
ATOM   421 P P     . G   A 1 18 ? 7.386   -8.182  3.009   1.00 11.74 ? 2664 G   A P     1 
ATOM   422 O OP1   . G   A 1 18 ? 6.751   -8.928  1.885   1.00 13.52 ? 2664 G   A OP1   1 
ATOM   423 O OP2   . G   A 1 18 ? 8.601   -7.363  2.762   1.00 13.61 ? 2664 G   A OP2   1 
ATOM   424 O "O5'" . G   A 1 18 ? 6.341   -7.174  3.672   1.00 10.32 ? 2664 G   A "O5'" 1 
ATOM   425 C "C5'" . G   A 1 18 ? 5.026   -7.561  4.029   1.00 10.74 ? 2664 G   A "C5'" 1 
ATOM   426 C "C4'" . G   A 1 18 ? 4.340   -6.432  4.751   1.00 9.18  ? 2664 G   A "C4'" 1 
ATOM   427 O "O4'" . G   A 1 18 ? 5.099   -6.072  5.936   1.00 9.30  ? 2664 G   A "O4'" 1 
ATOM   428 C "C3'" . G   A 1 18 ? 4.245   -5.136  3.989   1.00 8.45  ? 2664 G   A "C3'" 1 
ATOM   429 O "O3'" . G   A 1 18 ? 3.193   -5.208  3.027   1.00 8.59  ? 2664 G   A "O3'" 1 
ATOM   430 C "C2'" . G   A 1 18 ? 4.029   -4.137  5.107   1.00 8.58  ? 2664 G   A "C2'" 1 
ATOM   431 O "O2'" . G   A 1 18 ? 2.737   -4.300  5.683   1.00 8.59  ? 2664 G   A "O2'" 1 
ATOM   432 C "C1'" . G   A 1 18 ? 5.012   -4.674  6.138   1.00 8.51  ? 2664 G   A "C1'" 1 
ATOM   433 N N9    . G   A 1 18 ? 6.362   -4.096  5.951   1.00 8.95  ? 2664 G   A N9    1 
ATOM   434 C C8    . G   A 1 18 ? 7.445   -4.702  5.318   1.00 9.28  ? 2664 G   A C8    1 
ATOM   435 N N7    . G   A 1 18 ? 8.481   -3.914  5.292   1.00 9.73  ? 2664 G   A N7    1 
ATOM   436 C C5    . G   A 1 18 ? 8.091   -2.729  5.911   1.00 9.43  ? 2664 G   A C5    1 
ATOM   437 C C6    . G   A 1 18 ? 8.808   -1.527  6.200   1.00 10.12 ? 2664 G   A C6    1 
ATOM   438 O O6    . G   A 1 18 ? 10.004  -1.260  5.919   1.00 11.63 ? 2664 G   A O6    1 
ATOM   439 N N1    . G   A 1 18 ? 8.024   -0.603  6.852   1.00 9.74  ? 2664 G   A N1    1 
ATOM   440 C C2    . G   A 1 18 ? 6.719   -0.793  7.199   1.00 9.34  ? 2664 G   A C2    1 
ATOM   441 N N2    . G   A 1 18 ? 6.155   0.279   7.830   1.00 9.46  ? 2664 G   A N2    1 
ATOM   442 N N3    . G   A 1 18 ? 6.012   -1.913  6.962   1.00 8.55  ? 2664 G   A N3    1 
ATOM   443 C C4    . G   A 1 18 ? 6.776   -2.830  6.325   1.00 8.65  ? 2664 G   A C4    1 
ATOM   444 P P     . A   A 1 19 ? 3.180   -4.225  1.783   1.00 8.09  ? 2665 A   A P     1 
ATOM   445 O OP1   . A   A 1 19 ? 2.194   -4.758  0.843   1.00 9.74  ? 2665 A   A OP1   1 
ATOM   446 O OP2   . A   A 1 19 ? 4.583   -3.982  1.347   1.00 9.35  ? 2665 A   A OP2   1 
ATOM   447 O "O5'" . A   A 1 19 ? 2.683   -2.848  2.420   1.00 7.60  ? 2665 A   A "O5'" 1 
ATOM   448 C "C5'" . A   A 1 19 ? 1.418   -2.269  2.146   1.00 7.93  ? 2665 A   A "C5'" 1 
ATOM   449 C "C4'" . A   A 1 19 ? 0.298   -2.927  2.920   1.00 8.39  ? 2665 A   A "C4'" 1 
ATOM   450 O "O4'" . A   A 1 19 ? 0.656   -3.044  4.326   1.00 9.03  ? 2665 A   A "O4'" 1 
ATOM   451 C "C3'" . A   A 1 19 ? -0.991  -2.105  2.945   1.00 8.52  ? 2665 A   A "C3'" 1 
ATOM   452 O "O3'" . A   A 1 19 ? -1.734  -2.267  1.736   1.00 8.44  ? 2665 A   A "O3'" 1 
ATOM   453 C "C2'" . A   A 1 19 ? -1.651  -2.597  4.216   1.00 9.51  ? 2665 A   A "C2'" 1 
ATOM   454 O "O2'" . A   A 1 19 ? -2.140  -3.902  4.008   1.00 10.80 ? 2665 A   A "O2'" 1 
ATOM   455 C "C1'" . A   A 1 19 ? -0.434  -2.651  5.140   1.00 9.42  ? 2665 A   A "C1'" 1 
ATOM   456 N N9    . A   A 1 19 ? -0.138  -1.289  5.628   1.00 8.99  ? 2665 A   A N9    1 
ATOM   457 C C8    . A   A 1 19 ? 0.961   -0.527  5.310   1.00 8.94  ? 2665 A   A C8    1 
ATOM   458 N N7    . A   A 1 19 ? 0.935   0.651   5.830   1.00 9.17  ? 2665 A   A N7    1 
ATOM   459 C C5    . A   A 1 19 ? -0.276  0.719   6.516   1.00 9.17  ? 2665 A   A C5    1 
ATOM   460 C C6    . A   A 1 19 ? -0.853  1.753   7.276   1.00 9.61  ? 2665 A   A C6    1 
ATOM   461 N N6    . A   A 1 19 ? -0.302  2.964   7.423   1.00 9.93  ? 2665 A   A N6    1 
ATOM   462 N N1    . A   A 1 19 ? -2.031  1.458   7.890   1.00 10.14 ? 2665 A   A N1    1 
ATOM   463 C C2    . A   A 1 19 ? -2.578  0.231   7.717   1.00 9.47  ? 2665 A   A C2    1 
ATOM   464 N N3    . A   A 1 19 ? -2.133  -0.809  7.004   1.00 9.31  ? 2665 A   A N3    1 
ATOM   465 C C4    . A   A 1 19 ? -0.947  -0.484  6.414   1.00 8.91  ? 2665 A   A C4    1 
ATOM   466 P P     . C   A 1 20 ? -2.651  -1.067  1.212   1.00 8.12  ? 2666 C   A P     1 
ATOM   467 O OP1   . C   A 1 20 ? -3.045  -1.473  -0.139  1.00 9.97  ? 2666 C   A OP1   1 
ATOM   468 O OP2   . C   A 1 20 ? -1.975  0.216   1.419   1.00 8.49  ? 2666 C   A OP2   1 
ATOM   469 O "O5'" . C   A 1 20 ? -3.914  -1.082  2.184   1.00 8.87  ? 2666 C   A "O5'" 1 
ATOM   470 C "C5'" . C   A 1 20 ? -4.670  -2.279  2.386   1.00 9.66  ? 2666 C   A "C5'" 1 
ATOM   471 C "C4'" . C   A 1 20 ? -5.613  -2.070  3.534   1.00 9.85  ? 2666 C   A "C4'" 1 
ATOM   472 O "O4'" . C   A 1 20 ? -4.889  -1.638  4.714   1.00 9.67  ? 2666 C   A "O4'" 1 
ATOM   473 C "C3'" . C   A 1 20 ? -6.707  -1.029  3.374   1.00 10.25 ? 2666 C   A "C3'" 1 
ATOM   474 O "O3'" . C   A 1 20 ? -7.781  -1.520  2.599   1.00 11.32 ? 2666 C   A "O3'" 1 
ATOM   475 C "C2'" . C   A 1 20 ? -7.064  -0.734  4.828   1.00 10.38 ? 2666 C   A "C2'" 1 
ATOM   476 O "O2'" . C   A 1 20 ? -7.814  -1.796  5.368   1.00 13.59 ? 2666 C   A "O2'" 1 
ATOM   477 C "C1'" . C   A 1 20 ? -5.685  -0.750  5.467   1.00 9.46  ? 2666 C   A "C1'" 1 
ATOM   478 N N1    . C   A 1 20 ? -5.040  0.593   5.477   1.00 8.89  ? 2666 C   A N1    1 
ATOM   479 C C2    . C   A 1 20 ? -5.535  1.533   6.378   1.00 9.59  ? 2666 C   A C2    1 
ATOM   480 O O2    . C   A 1 20 ? -6.502  1.196   7.095   1.00 11.16 ? 2666 C   A O2    1 
ATOM   481 N N3    . C   A 1 20 ? -4.962  2.740   6.480   1.00 9.61  ? 2666 C   A N3    1 
ATOM   482 C C4    . C   A 1 20 ? -3.877  3.032   5.747   1.00 9.48  ? 2666 C   A C4    1 
ATOM   483 N N4    . C   A 1 20 ? -3.336  4.227   5.897   1.00 10.09 ? 2666 C   A N4    1 
ATOM   484 C C5    . C   A 1 20 ? -3.347  2.090   4.821   1.00 9.26  ? 2666 C   A C5    1 
ATOM   485 C C6    . C   A 1 20 ? -3.935  0.892   4.701   1.00 8.82  ? 2666 C   A C6    1 
ATOM   486 P P     . C   A 1 21 ? -8.339  -0.685  1.365   1.00 12.49 ? 2667 C   A P     1 
ATOM   487 O OP1   . C   A 1 21 ? -9.397  -1.541  0.787   1.00 15.50 ? 2667 C   A OP1   1 
ATOM   488 O OP2   . C   A 1 21 ? -7.214  -0.196  0.528   1.00 12.04 ? 2667 C   A OP2   1 
ATOM   489 O "O5'" . C   A 1 21 ? -8.990  0.625   2.005   1.00 12.73 ? 2667 C   A "O5'" 1 
ATOM   490 C "C5'" . C   A 1 21 ? -10.112 0.532   2.868   1.00 13.97 ? 2667 C   A "C5'" 1 
ATOM   491 C "C4'" . C   A 1 21 ? -10.224 1.802   3.652   1.00 13.97 ? 2667 C   A "C4'" 1 
ATOM   492 O "O4'" . C   A 1 21 ? -9.010  1.977   4.414   1.00 13.83 ? 2667 C   A "O4'" 1 
ATOM   493 C "C3'" . C   A 1 21 ? -10.321 3.085   2.855   1.00 12.98 ? 2667 C   A "C3'" 1 
ATOM   494 O "O3'" . C   A 1 21 ? -11.638 3.326   2.422   1.00 13.15 ? 2667 C   A "O3'" 1 
ATOM   495 C "C2'" . C   A 1 21 ? -9.858  4.112   3.859   1.00 13.27 ? 2667 C   A "C2'" 1 
ATOM   496 O "O2'" . C   A 1 21 ? -10.888 4.372   4.808   1.00 14.51 ? 2667 C   A "O2'" 1 
ATOM   497 C "C1'" . C   A 1 21 ? -8.735  3.352   4.555   1.00 13.17 ? 2667 C   A "C1'" 1 
ATOM   498 N N1    . C   A 1 21 ? -7.448  3.639   3.898   1.00 11.84 ? 2667 C   A N1    1 
ATOM   499 C C2    . C   A 1 21 ? -6.891  4.873   4.222   1.00 12.61 ? 2667 C   A C2    1 
ATOM   500 O O2    . C   A 1 21 ? -7.482  5.605   5.034   1.00 14.74 ? 2667 C   A O2    1 
ATOM   501 N N3    . C   A 1 21 ? -5.725  5.186   3.617   1.00 11.90 ? 2667 C   A N3    1 
ATOM   502 C C4    . C   A 1 21 ? -5.117  4.351   2.768   1.00 11.10 ? 2667 C   A C4    1 
ATOM   503 N N4    . C   A 1 21 ? -3.941  4.736   2.249   1.00 13.10 ? 2667 C   A N4    1 
ATOM   504 C C5    . C   A 1 21 ? -5.663  3.070   2.453   1.00 10.50 ? 2667 C   A C5    1 
ATOM   505 C C6    . C   A 1 21 ? -6.851  2.771   3.034   1.00 10.83 ? 2667 C   A C6    1 
ATOM   506 P P     . G   A 1 22 ? -11.898 3.879   0.952   1.00 13.37 ? 2668 G   A P     1 
ATOM   507 O OP1   . G   A 1 22 ? -13.381 4.119   0.900   1.00 14.00 ? 2668 G   A OP1   1 
ATOM   508 O OP2   . G   A 1 22 ? -11.258 2.984   -0.009  1.00 15.85 ? 2668 G   A OP2   1 
ATOM   509 O "O5'" . G   A 1 22 ? -11.088 5.233   0.854   1.00 12.85 ? 2668 G   A "O5'" 1 
ATOM   510 C "C5'" . G   A 1 22 ? -11.528 6.357   1.595   1.00 13.65 ? 2668 G   A "C5'" 1 
ATOM   511 C "C4'" . G   A 1 22 ? -10.530 7.472   1.478   1.00 12.59 ? 2668 G   A "C4'" 1 
ATOM   512 O "O4'" . G   A 1 22 ? -9.270  7.032   2.085   1.00 10.49 ? 2668 G   A "O4'" 1 
ATOM   513 C "C3'" . G   A 1 22 ? -10.111 7.893   0.056   1.00 12.83 ? 2668 G   A "C3'" 1 
ATOM   514 O "O3'" . G   A 1 22 ? -11.097 8.644   -0.743  1.00 17.53 ? 2668 G   A "O3'" 1 
ATOM   515 C "C2'" . G   A 1 22 ? -8.793  8.604   0.368   1.00 11.72 ? 2668 G   A "C2'" 1 
ATOM   516 O "O2'" . G   A 1 22 ? -8.991  9.848   1.021   1.00 15.96 ? 2668 G   A "O2'" 1 
ATOM   517 C "C1'" . G   A 1 22 ? -8.186  7.630   1.382   1.00 9.63  ? 2668 G   A "C1'" 1 
ATOM   518 N N9    . G   A 1 22 ? -7.454  6.571   0.686   1.00 8.32  ? 2668 G   A N9    1 
ATOM   519 C C8    . G   A 1 22 ? -7.854  5.257   0.493   1.00 8.78  ? 2668 G   A C8    1 
ATOM   520 N N7    . G   A 1 22 ? -6.953  4.576   -0.176  1.00 8.43  ? 2668 G   A N7    1 
ATOM   521 C C5    . G   A 1 22 ? -5.927  5.478   -0.433  1.00 7.67  ? 2668 G   A C5    1 
ATOM   522 C C6    . G   A 1 22 ? -4.703  5.273   -1.114  1.00 7.26  ? 2668 G   A C6    1 
ATOM   523 O O6    . G   A 1 22 ? -4.276  4.229   -1.586  1.00 8.15  ? 2668 G   A O6    1 
ATOM   524 N N1    . G   A 1 22 ? -3.972  6.442   -1.196  1.00 7.12  ? 2668 G   A N1    1 
ATOM   525 C C2    . G   A 1 22 ? -4.327  7.655   -0.660  1.00 6.91  ? 2668 G   A C2    1 
ATOM   526 N N2    . G   A 1 22 ? -3.510  8.679   -0.859  1.00 7.51  ? 2668 G   A N2    1 
ATOM   527 N N3    . G   A 1 22 ? -5.465  7.859   0.021   1.00 7.26  ? 2668 G   A N3    1 
ATOM   528 C C4    . G   A 1 22 ? -6.212  6.713   0.078   1.00 7.58  ? 2668 G   A C4    1 
ATOM   529 P P     . G   A 1 23 ? -11.225 8.476   -2.382  1.00 16.64 ? 2669 G   A P     1 
ATOM   530 O OP1   . G   A 1 23 ? -12.401 9.329   -2.721  1.00 19.07 ? 2669 G   A OP1   1 
ATOM   531 O OP2   . G   A 1 23 ? -11.111 7.023   -2.843  1.00 18.51 ? 2669 G   A OP2   1 
ATOM   532 O "O5'" . G   A 1 23 ? -9.934  9.186   -2.973  1.00 14.84 ? 2669 G   A "O5'" 1 
ATOM   533 C "C5'" . G   A 1 23 ? -9.628  10.521  -2.668  1.00 14.17 ? 2669 G   A "C5'" 1 
ATOM   534 C "C4'" . G   A 1 23 ? -8.212  10.802  -3.018  1.00 11.19 ? 2669 G   A "C4'" 1 
ATOM   535 O "O4'" . G   A 1 23 ? -7.346  9.852   -2.367  1.00 9.91  ? 2669 G   A "O4'" 1 
ATOM   536 C "C3'" . G   A 1 23 ? -7.866  10.641  -4.476  1.00 11.26 ? 2669 G   A "C3'" 1 
ATOM   537 O "O3'" . G   A 1 23 ? -8.276  11.748  -5.214  1.00 14.51 ? 2669 G   A "O3'" 1 
ATOM   538 C "C2'" . G   A 1 23 ? -6.349  10.475  -4.411  1.00 9.66  ? 2669 G   A "C2'" 1 
ATOM   539 O "O2'" . G   A 1 23 ? -5.685  11.708  -4.059  1.00 10.35 ? 2669 G   A "O2'" 1 
ATOM   540 C "C1'" . G   A 1 23 ? -6.238  9.573   -3.213  1.00 8.71  ? 2669 G   A "C1'" 1 
ATOM   541 N N9    . G   A 1 23 ? -6.258  8.142   -3.535  1.00 8.52  ? 2669 G   A N9    1 
ATOM   542 C C8    . G   A 1 23 ? -7.201  7.213   -3.220  1.00 9.16  ? 2669 G   A C8    1 
ATOM   543 N N7    . G   A 1 23 ? -6.852  6.000   -3.595  1.00 9.19  ? 2669 G   A N7    1 
ATOM   544 C C5    . G   A 1 23 ? -5.605  6.134   -4.205  1.00 8.34  ? 2669 G   A C5    1 
ATOM   545 C C6    . G   A 1 23 ? -4.700  5.216   -4.779  1.00 8.37  ? 2669 G   A C6    1 
ATOM   546 O O6    . G   A 1 23 ? -4.826  3.977   -4.844  1.00 8.70  ? 2669 G   A O6    1 
ATOM   547 N N1    . G   A 1 23 ? -3.564  5.820   -5.303  1.00 7.74  ? 2669 G   A N1    1 
ATOM   548 C C2    . G   A 1 23 ? -3.308  7.158   -5.253  1.00 7.32  ? 2669 G   A C2    1 
ATOM   549 N N2    . G   A 1 23 ? -2.166  7.559   -5.852  1.00 8.09  ? 2669 G   A N2    1 
ATOM   550 N N3    . G   A 1 23 ? -4.111  8.039   -4.661  1.00 7.69  ? 2669 G   A N3    1 
ATOM   551 C C4    . G   A 1 23 ? -5.237  7.455   -4.178  1.00 8.00  ? 2669 G   A C4    1 
ATOM   552 P P     . A   A 1 24 ? -8.884  11.561  -6.678  1.00 19.20 ? 2670 A   A P     1 
ATOM   553 O OP1   . A   A 1 24 ? -9.491  12.881  -7.067  1.00 22.75 ? 2670 A   A OP1   1 
ATOM   554 O OP2   . A   A 1 24 ? -9.660  10.318  -6.749  1.00 21.76 ? 2670 A   A OP2   1 
ATOM   555 O "O5'" . A   A 1 24 ? -7.632  11.333  -7.602  1.00 16.48 ? 2670 A   A "O5'" 1 
ATOM   556 C "C5'" . A   A 1 24 ? -6.718  12.391  -7.818  1.00 15.58 ? 2670 A   A "C5'" 1 
ATOM   557 C "C4'" . A   A 1 24 ? -5.486  11.896  -8.504  1.00 12.95 ? 2670 A   A "C4'" 1 
ATOM   558 O "O4'" . A   A 1 24 ? -4.801  10.938  -7.681  1.00 12.19 ? 2670 A   A "O4'" 1 
ATOM   559 C "C3'" . A   A 1 24 ? -5.696  11.136  -9.792  1.00 15.10 ? 2670 A   A "C3'" 1 
ATOM   560 O "O3'" . A   A 1 24 ? -5.919  11.990  -10.882 1.00 18.90 ? 2670 A   A "O3'" 1 
ATOM   561 C "C2'" . A   A 1 24 ? -4.385  10.402  -9.934  1.00 13.15 ? 2670 A   A "C2'" 1 
ATOM   562 O "O2'" . A   A 1 24 ? -3.355  11.302  -10.302 1.00 14.51 ? 2670 A   A "O2'" 1 
ATOM   563 C "C1'" . A   A 1 24 ? -4.169  9.980   -8.495  1.00 12.32 ? 2670 A   A "C1'" 1 
ATOM   564 N N9    . A   A 1 24 ? -4.809  8.680   -8.245  1.00 11.53 ? 2670 A   A N9    1 
ATOM   565 C C8    . A   A 1 24 ? -5.998  8.407   -7.631  1.00 12.16 ? 2670 A   A C8    1 
ATOM   566 N N7    . A   A 1 24 ? -6.253  7.123   -7.547  1.00 11.74 ? 2670 A   A N7    1 
ATOM   567 C C5    . A   A 1 24 ? -5.169  6.504   -8.136  1.00 10.59 ? 2670 A   A C5    1 
ATOM   568 C C6    . A   A 1 24 ? -4.832  5.147   -8.340  1.00 11.15 ? 2670 A   A C6    1 
ATOM   569 N N6    . A   A 1 24 ? -5.611  4.149   -7.937  1.00 11.26 ? 2670 A   A N6    1 
ATOM   570 N N1    . A   A 1 24 ? -3.677  4.861   -8.989  1.00 10.74 ? 2670 A   A N1    1 
ATOM   571 C C2    . A   A 1 24 ? -2.925  5.915   -9.384  1.00 11.12 ? 2670 A   A C2    1 
ATOM   572 N N3    . A   A 1 24 ? -3.138  7.233   -9.207  1.00 10.83 ? 2670 A   A N3    1 
ATOM   573 C C4    . A   A 1 24 ? -4.300  7.460   -8.588  1.00 10.90 ? 2670 A   A C4    1 
ATOM   574 P P     . G   A 1 25 ? -6.684  11.452  -12.186 1.00 23.81 ? 2671 G   A P     1 
ATOM   575 O OP1   . G   A 1 25 ? -6.840  12.610  -13.100 1.00 25.45 ? 2671 G   A OP1   1 
ATOM   576 O OP2   . G   A 1 25 ? -7.907  10.733  -11.788 1.00 24.15 ? 2671 G   A OP2   1 
ATOM   577 O "O5'" . G   A 1 25 ? -5.782  10.328  -12.845 1.00 24.91 ? 2671 G   A "O5'" 1 
ATOM   578 C "C5'" . G   A 1 25 ? -4.587  10.596  -13.556 1.00 22.92 ? 2671 G   A "C5'" 1 
ATOM   579 C "C4'" . G   A 1 25 ? -3.858  9.309   -13.866 1.00 19.52 ? 2671 G   A "C4'" 1 
ATOM   580 O "O4'" . G   A 1 25 ? -3.709  8.557   -12.654 1.00 19.98 ? 2671 G   A "O4'" 1 
ATOM   581 C "C3'" . G   A 1 25 ? -4.476  8.309   -14.820 1.00 17.95 ? 2671 G   A "C3'" 1 
ATOM   582 O "O3'" . G   A 1 25 ? -4.301  8.778   -16.150 1.00 17.01 ? 2671 G   A "O3'" 1 
ATOM   583 C "C2'" . G   A 1 25 ? -3.670  7.080   -14.493 1.00 17.83 ? 2671 G   A "C2'" 1 
ATOM   584 O "O2'" . G   A 1 25 ? -2.370  7.336   -14.983 1.00 17.49 ? 2671 G   A "O2'" 1 
ATOM   585 C "C1'" . G   A 1 25 ? -3.630  7.182   -12.973 1.00 18.01 ? 2671 G   A "C1'" 1 
ATOM   586 N N9    . G   A 1 25 ? -4.730  6.446   -12.296 1.00 17.05 ? 2671 G   A N9    1 
ATOM   587 C C8    . G   A 1 25 ? -5.887  6.906   -11.705 1.00 19.70 ? 2671 G   A C8    1 
ATOM   588 N N7    . G   A 1 25 ? -6.632  5.960   -11.179 1.00 19.00 ? 2671 G   A N7    1 
ATOM   589 C C5    . G   A 1 25 ? -5.938  4.810   -11.451 1.00 17.62 ? 2671 G   A C5    1 
ATOM   590 C C6    . G   A 1 25 ? -6.237  3.466   -11.128 1.00 16.83 ? 2671 G   A C6    1 
ATOM   591 O O6    . G   A 1 25 ? -7.193  2.942   -10.530 1.00 18.46 ? 2671 G   A O6    1 
ATOM   592 N N1    . G   A 1 25 ? -5.252  2.630   -11.582 1.00 15.06 ? 2671 G   A N1    1 
ATOM   593 C C2    . G   A 1 25 ? -4.127  3.021   -12.303 1.00 16.93 ? 2671 G   A C2    1 
ATOM   594 N N2    . G   A 1 25 ? -3.292  2.115   -12.748 1.00 17.54 ? 2671 G   A N2    1 
ATOM   595 N N3    . G   A 1 25 ? -3.828  4.308   -12.624 1.00 16.56 ? 2671 G   A N3    1 
ATOM   596 C C4    . G   A 1 25 ? -4.781  5.088   -12.141 1.00 17.46 ? 2671 G   A C4    1 
ATOM   597 P P     . U   A 1 26 ? -5.331  8.396   -17.292 1.00 16.47 ? 2672 U   A P     1 
ATOM   598 O OP1   . U   A 1 26 ? -4.908  9.128   -18.479 1.00 18.76 ? 2672 U   A OP1   1 
ATOM   599 O OP2   . U   A 1 26 ? -6.696  8.530   -16.774 1.00 18.65 ? 2672 U   A OP2   1 
ATOM   600 O "O5'" . U   A 1 26 ? -5.116  6.840   -17.513 1.00 15.29 ? 2672 U   A "O5'" 1 
ATOM   601 C "C5'" . U   A 1 26 ? -3.891  6.309   -18.001 1.00 15.54 ? 2672 U   A "C5'" 1 
ATOM   602 C "C4'" . U   A 1 26 ? -3.911  4.815   -17.858 1.00 15.84 ? 2672 U   A "C4'" 1 
ATOM   603 O "O4'" . U   A 1 26 ? -3.942  4.443   -16.454 1.00 15.89 ? 2672 U   A "O4'" 1 
ATOM   604 C "C3'" . U   A 1 26 ? -5.130  4.118   -18.428 1.00 15.10 ? 2672 U   A "C3'" 1 
ATOM   605 O "O3'" . U   A 1 26 ? -5.078  4.016   -19.827 1.00 15.77 ? 2672 U   A "O3'" 1 
ATOM   606 C "C2'" . U   A 1 26 ? -5.106  2.780   -17.690 1.00 15.65 ? 2672 U   A "C2'" 1 
ATOM   607 O "O2'" . U   A 1 26 ? -4.104  1.900   -18.205 1.00 19.26 ? 2672 U   A "O2'" 1 
ATOM   608 C "C1'" . U   A 1 26 ? -4.686  3.244   -16.294 1.00 15.53 ? 2672 U   A "C1'" 1 
ATOM   609 N N1    . U   A 1 26 ? -5.842  3.516   -15.413 1.00 15.23 ? 2672 U   A N1    1 
ATOM   610 C C2    . U   A 1 26 ? -6.387  2.433   -14.760 1.00 15.64 ? 2672 U   A C2    1 
ATOM   611 O O2    . U   A 1 26 ? -5.980  1.299   -14.896 1.00 17.22 ? 2672 U   A O2    1 
ATOM   612 N N3    . U   A 1 26 ? -7.461  2.661   -13.977 1.00 16.37 ? 2672 U   A N3    1 
ATOM   613 C C4    . U   A 1 26 ? -8.052  3.898   -13.774 1.00 16.35 ? 2672 U   A C4    1 
ATOM   614 O O4    . U   A 1 26 ? -9.039  3.973   -13.024 1.00 17.93 ? 2672 U   A O4    1 
ATOM   615 C C5    . U   A 1 26 ? -7.479  5.000   -14.508 1.00 15.75 ? 2672 U   A C5    1 
ATOM   616 C C6    . U   A 1 26 ? -6.411  4.770   -15.283 1.00 15.88 ? 2672 U   A C6    1 
ATOM   617 P P     . G   A 1 27 ? -6.430  4.007   -20.675 1.00 16.65 ? 2673 G   A P     1 
ATOM   618 O OP1   . G   A 1 27 ? -6.029  4.058   -22.098 1.00 19.25 ? 2673 G   A OP1   1 
ATOM   619 O OP2   . G   A 1 27 ? -7.441  4.952   -20.143 1.00 18.63 ? 2673 G   A OP2   1 
ATOM   620 O "O5'" . G   A 1 27 ? -6.989  2.604   -20.311 1.00 14.59 ? 2673 G   A "O5'" 1 
ATOM   621 C "C5'" . G   A 1 27 ? -6.351  1.438   -20.796 1.00 14.91 ? 2673 G   A "C5'" 1 
ATOM   622 C "C4'" . G   A 1 27 ? -6.979  0.188   -20.260 1.00 15.21 ? 2673 G   A "C4'" 1 
ATOM   623 O "O4'" . G   A 1 27 ? -6.838  0.121   -18.821 1.00 14.12 ? 2673 G   A "O4'" 1 
ATOM   624 C "C3'" . G   A 1 27 ? -8.469  0.012   -20.462 1.00 15.50 ? 2673 G   A "C3'" 1 
ATOM   625 O "O3'" . G   A 1 27 ? -8.837  -0.301  -21.791 1.00 17.36 ? 2673 G   A "O3'" 1 
ATOM   626 C "C2'" . G   A 1 27 ? -8.775  -1.094  -19.465 1.00 16.04 ? 2673 G   A "C2'" 1 
ATOM   627 O "O2'" . G   A 1 27 ? -8.414  -2.351  -20.007 1.00 20.15 ? 2673 G   A "O2'" 1 
ATOM   628 C "C1'" . G   A 1 27 ? -7.833  -0.723  -18.294 1.00 14.20 ? 2673 G   A "C1'" 1 
ATOM   629 N N9    . G   A 1 27 ? -8.555  0.041   -17.258 1.00 13.21 ? 2673 G   A N9    1 
ATOM   630 C C8    . G   A 1 27 ? -8.766  1.396   -17.214 1.00 13.14 ? 2673 G   A C8    1 
ATOM   631 N N7    . G   A 1 27 ? -9.564  1.766   -16.230 1.00 12.49 ? 2673 G   A N7    1 
ATOM   632 C C5    . G   A 1 27 ? -9.860  0.546   -15.605 1.00 11.96 ? 2673 G   A C5    1 
ATOM   633 C C6    . G   A 1 27 ? -10.739 0.260   -14.510 1.00 14.06 ? 2673 G   A C6    1 
ATOM   634 O O6    . G   A 1 27 ? -11.388 1.096   -13.869 1.00 15.22 ? 2673 G   A O6    1 
ATOM   635 N N1    . G   A 1 27 ? -10.805 -1.100  -14.208 1.00 13.22 ? 2673 G   A N1    1 
ATOM   636 C C2    . G   A 1 27 ? -10.139 -2.052  -14.969 1.00 13.78 ? 2673 G   A C2    1 
ATOM   637 N N2    . G   A 1 27 ? -10.364 -3.296  -14.517 1.00 13.79 ? 2673 G   A N2    1 
ATOM   638 N N3    . G   A 1 27 ? -9.321  -1.822  -15.980 1.00 12.44 ? 2673 G   A N3    1 
ATOM   639 C C4    . G   A 1 27 ? -9.274  -0.508  -16.249 1.00 12.27 ? 2673 G   A C4    1 
HETATM 640 O O     . HOH B 2 .  ? 9.654   -13.610 7.104   1.00 9.15  ? 2701 HOH A O     1 
HETATM 641 O O     . HOH B 2 .  ? 13.442  -11.914 14.685  1.00 9.14  ? 2702 HOH A O     1 
HETATM 642 O O     . HOH B 2 .  ? -2.528  2.806   0.499   1.00 10.11 ? 2703 HOH A O     1 
HETATM 643 O O     . HOH B 2 .  ? 12.104  -3.539  11.301  1.00 10.84 ? 2704 HOH A O     1 
HETATM 644 O O     . HOH B 2 .  ? -1.193  -2.857  18.164  0.98 11.18 ? 2705 HOH A O     1 
HETATM 645 O O     . HOH B 2 .  ? 7.241   -14.782 13.623  1.00 13.01 ? 2706 HOH A O     1 
HETATM 646 O O     . HOH B 2 .  ? -1.166  4.817   4.062   0.99 11.19 ? 2707 HOH A O     1 
HETATM 647 O O     . HOH B 2 .  ? -1.207  10.354  -6.357  1.00 10.43 ? 2708 HOH A O     1 
HETATM 648 O O     . HOH B 2 .  ? 7.724   1.845   10.644  1.00 14.56 ? 2709 HOH A O     1 
HETATM 649 O O     . HOH B 2 .  ? 6.594   1.854   1.376   0.93 12.79 ? 2710 HOH A O     1 
HETATM 650 O O     . HOH B 2 .  ? 10.747  -2.192  9.218   0.98 15.89 ? 2711 HOH A O     1 
HETATM 651 O O     . HOH B 2 .  ? 5.765   -2.312  18.378  1.00 15.65 ? 2712 HOH A O     1 
HETATM 652 O O     . HOH B 2 .  ? -0.210  1.260   -3.139  1.00 16.50 ? 2713 HOH A O     1 
HETATM 653 O O     . HOH B 2 .  ? 8.058   -2.157  16.901  1.00 15.53 ? 2714 HOH A O     1 
HETATM 654 O O     . HOH B 2 .  ? -7.293  1.959   -1.208  0.98 13.46 ? 2715 HOH A O     1 
HETATM 655 O O     . HOH B 2 .  ? -3.059  0.828   -1.981  0.98 15.21 ? 2716 HOH A O     1 
HETATM 656 O O     . HOH B 2 .  ? 0.569   4.996   -11.932 0.93 17.20 ? 2717 HOH A O     1 
HETATM 657 O O     . HOH B 2 .  ? -0.719  8.287   -10.226 1.00 19.72 ? 2718 HOH A O     1 
HETATM 658 O O     . HOH B 2 .  ? -13.906 3.615   4.380   0.99 22.29 ? 2719 HOH A O     1 
HETATM 659 O O     . HOH B 2 .  ? 2.942   3.708   -12.296 0.96 18.39 ? 2720 HOH A O     1 
HETATM 660 O O     . HOH B 2 .  ? -5.317  1.757   -3.219  0.86 13.20 ? 2721 HOH A O     1 
HETATM 661 O O     . HOH B 2 .  ? -5.712  0.519   -5.834  0.97 16.64 ? 2722 HOH A O     1 
HETATM 662 O O     . HOH B 2 .  ? -12.343 -2.363  -12.298 1.00 22.35 ? 2723 HOH A O     1 
HETATM 663 O O     . HOH B 2 .  ? 6.124   2.637   13.849  0.84 14.07 ? 2724 HOH A O     1 
HETATM 664 O O     . HOH B 2 .  ? -1.547  5.011   9.073   0.96 22.63 ? 2725 HOH A O     1 
HETATM 665 O O     . HOH B 2 .  ? 0.241   0.149   -0.563  0.90 15.54 ? 2726 HOH A O     1 
HETATM 666 O O     . HOH B 2 .  ? -8.284  3.663   -3.758  0.95 17.49 ? 2727 HOH A O     1 
HETATM 667 O O     . HOH B 2 .  ? -5.658  -1.661  -1.078  0.92 14.95 ? 2728 HOH A O     1 
HETATM 668 O O     . HOH B 2 .  ? 3.576   12.261  -4.546  1.00 21.75 ? 2729 HOH A O     1 
HETATM 669 O O     . HOH B 2 .  ? 4.991   -9.862  17.039  0.98 17.43 ? 2730 HOH A O     1 
HETATM 670 O O     . HOH B 2 .  ? 0.468   1.692   18.624  0.84 18.82 ? 2731 HOH A O     1 
HETATM 671 O O     . HOH B 2 .  ? 3.262   1.859   -1.769  0.73 15.63 ? 2732 HOH A O     1 
HETATM 672 O O     . HOH B 2 .  ? 7.328   0.221   14.728  0.97 21.59 ? 2733 HOH A O     1 
HETATM 673 O O     . HOH B 2 .  ? -10.757 6.870   5.574   1.00 23.28 ? 2734 HOH A O     1 
HETATM 674 O O     . HOH B 2 .  ? 10.312  -5.668  4.060   0.99 19.89 ? 2735 HOH A O     1 
HETATM 675 O O     . HOH B 2 .  ? 9.419   7.218   5.343   0.75 16.36 ? 2736 HOH A O     1 
HETATM 676 O O     . HOH B 2 .  ? 0.730   -2.574  21.070  0.92 18.26 ? 2737 HOH A O     1 
HETATM 677 O O     . HOH B 2 .  ? -4.288  -0.659  -17.275 1.00 27.82 ? 2738 HOH A O     1 
HETATM 678 O O     . HOH B 2 .  ? 6.815   0.151   -10.812 0.87 17.61 ? 2739 HOH A O     1 
HETATM 679 O O     . HOH B 2 .  ? 4.800   0.565   16.407  0.94 25.49 ? 2740 HOH A O     1 
HETATM 680 O O     . HOH B 2 .  ? 2.698   2.296   -4.373  0.72 16.20 ? 2741 HOH A O     1 
HETATM 681 O O     . HOH B 2 .  ? 0.014   -4.673  7.909   0.84 18.10 ? 2742 HOH A O     1 
HETATM 682 O O     . HOH B 2 .  ? 3.885   12.846  2.398   0.64 20.20 ? 2743 HOH A O     1 
HETATM 683 O O     . HOH B 2 .  ? 2.694   0.272   19.572  0.86 25.00 ? 2744 HOH A O     1 
HETATM 684 O O     . HOH B 2 .  ? -2.233  -5.504  1.577   1.00 25.12 ? 2745 HOH A O     1 
HETATM 685 O O     . HOH B 2 .  ? -9.158  12.590  0.903   0.94 22.14 ? 2746 HOH A O     1 
HETATM 686 O O     . HOH B 2 .  ? -2.870  7.245   3.564   0.90 26.73 ? 2747 HOH A O     1 
HETATM 687 O O     . HOH B 2 .  ? -8.499  5.929   -17.767 0.95 27.21 ? 2748 HOH A O     1 
HETATM 688 O O     . HOH B 2 .  ? 7.275   3.897   -0.623  0.80 17.77 ? 2749 HOH A O     1 
HETATM 689 O O     . HOH B 2 .  ? 5.363   12.912  -1.800  0.93 27.67 ? 2750 HOH A O     1 
HETATM 690 O O     . HOH B 2 .  ? 7.502   6.996   -2.916  1.00 22.81 ? 2751 HOH A O     1 
HETATM 691 O O     . HOH B 2 .  ? 4.399   -9.045  0.466   0.81 25.93 ? 2752 HOH A O     1 
HETATM 692 O O     . HOH B 2 .  ? 11.322  0.308   8.658   0.89 26.09 ? 2753 HOH A O     1 
HETATM 693 O O     . HOH B 2 .  ? 12.708  -6.274  5.125   0.86 26.49 ? 2754 HOH A O     1 
HETATM 694 O O     . HOH B 2 .  ? -18.619 -0.516  -9.730  0.93 25.44 ? 2755 HOH A O     1 
HETATM 695 O O     . HOH B 2 .  ? -8.481  8.330   5.106   0.96 26.50 ? 2756 HOH A O     1 
HETATM 696 O O     . HOH B 2 .  ? 12.028  -2.783  5.107   0.97 26.82 ? 2757 HOH A O     1 
HETATM 697 O O     . HOH B 2 .  ? -10.108 2.040   -11.000 0.88 24.41 ? 2758 HOH A O     1 
HETATM 698 O O     . HOH B 2 .  ? -4.278  -11.861 -8.375  0.99 34.25 ? 2759 HOH A O     1 
HETATM 699 O O     . HOH B 2 .  ? 6.149   11.066  -4.511  0.86 23.35 ? 2760 HOH A O     1 
HETATM 700 O O     . HOH B 2 .  ? 5.045   -2.259  -0.643  0.93 25.81 ? 2761 HOH A O     1 
HETATM 701 O O     . HOH B 2 .  ? -6.606  -4.198  6.276   0.89 25.45 ? 2762 HOH A O     1 
HETATM 702 O O     . HOH B 2 .  ? -10.823 4.221   -2.509  0.73 21.02 ? 2763 HOH A O     1 
HETATM 703 O O     . HOH B 2 .  ? -2.548  -0.583  -4.947  1.00 22.58 ? 2764 HOH A O     1 
HETATM 704 O O     . HOH B 2 .  ? 15.878  -4.018  11.051  0.89 28.60 ? 2765 HOH A O     1 
HETATM 705 O O     . HOH B 2 .  ? 0.431   -1.372  -6.556  0.76 19.53 ? 2766 HOH A O     1 
HETATM 706 O O     . HOH B 2 .  ? 8.646   -6.183  0.108   0.20 35.91 ? 2767 HOH A O     1 
HETATM 707 O O     . HOH B 2 .  ? -0.251  -4.840  -0.358  0.79 25.08 ? 2768 HOH A O     1 
HETATM 708 O O     . HOH B 2 .  ? 3.601   -8.774  13.593  0.99 26.93 ? 2769 HOH A O     1 
HETATM 709 O O     . HOH B 2 .  ? -15.106 2.141   1.755   0.83 21.18 ? 2770 HOH A O     1 
HETATM 710 O O     . HOH B 2 .  ? 15.261  -7.426  7.389   0.90 31.03 ? 2771 HOH A O     1 
HETATM 711 O O     . HOH B 2 .  ? 4.982   -9.552  19.879  0.65 22.65 ? 2772 HOH A O     1 
HETATM 712 O O     . HOH B 2 .  ? 14.185  -2.693  12.824  0.79 24.03 ? 2773 HOH A O     1 
HETATM 713 O O     . HOH B 2 .  ? 8.570   4.388   -4.412  0.83 28.22 ? 2774 HOH A O     1 
HETATM 714 O O     . HOH B 2 .  ? 1.333   -5.811  12.458  1.00 25.70 ? 2775 HOH A O     1 
HETATM 715 O O     . HOH B 2 .  ? 5.628   -13.072 17.247  0.86 27.13 ? 2776 HOH A O     1 
HETATM 716 O O     . HOH B 2 .  ? -3.186  -2.677  -6.811  0.77 22.71 ? 2777 HOH A O     1 
HETATM 717 O O     . HOH B 2 .  ? 9.297   1.204   12.839  0.84 30.11 ? 2778 HOH A O     1 
HETATM 718 O O     . HOH B 2 .  ? 15.457  -8.837  3.589   0.85 24.86 ? 2779 HOH A O     1 
HETATM 719 O O     . HOH B 2 .  ? -5.323  -1.671  -3.966  0.98 32.07 ? 2780 HOH A O     1 
HETATM 720 O O     . HOH B 2 .  ? -10.412 -0.254  -9.587  0.87 32.54 ? 2781 HOH A O     1 
HETATM 721 O O     . HOH B 2 .  ? 12.241  -4.168  7.615   0.90 26.46 ? 2782 HOH A O     1 
HETATM 722 O O     . HOH B 2 .  ? 4.585   -13.048 14.523  0.87 30.03 ? 2783 HOH A O     1 
HETATM 723 O O     . HOH B 2 .  ? -13.704 -0.208  2.531   0.89 32.43 ? 2784 HOH A O     1 
HETATM 724 O O     . HOH B 2 .  ? -12.464 -10.845 -3.545  0.89 26.37 ? 2785 HOH A O     1 
HETATM 725 O O     . HOH B 2 .  ? -11.452 -5.946  -13.685 0.79 16.42 ? 2786 HOH A O     1 
HETATM 726 O O     . HOH B 2 .  ? -14.549 5.392   -1.137  1.00 27.67 ? 2787 HOH A O     1 
HETATM 727 O O     . HOH B 2 .  ? -0.287  -6.329  10.132  0.87 26.76 ? 2788 HOH A O     1 
HETATM 728 O O     . HOH B 2 .  ? 1.634   1.589   -14.866 0.94 30.88 ? 2789 HOH A O     1 
HETATM 729 O O     . HOH B 2 .  ? -8.212  -3.461  -6.802  0.84 35.10 ? 2790 HOH A O     1 
HETATM 730 O O     . HOH B 2 .  ? -1.244  4.969   -14.019 0.68 20.31 ? 2791 HOH A O     1 
HETATM 731 O O     . HOH B 2 .  ? 6.951   -0.280  -0.387  0.79 19.94 ? 2792 HOH A O     1 
HETATM 732 O O     . HOH B 2 .  ? -4.166  -4.965  5.278   0.83 24.04 ? 2793 HOH A O     1 
HETATM 733 O O     . HOH B 2 .  ? 11.246  4.259   10.475  0.88 29.41 ? 2794 HOH A O     1 
HETATM 734 O O     . HOH B 2 .  ? -10.430 4.336   -16.430 0.94 21.17 ? 2795 HOH A O     1 
HETATM 735 O O     . HOH B 2 .  ? -11.877 -9.135  -6.049  0.95 31.93 ? 2796 HOH A O     1 
HETATM 736 O O     . HOH B 2 .  ? -8.418  5.191   -6.714  0.99 28.78 ? 2797 HOH A O     1 
HETATM 737 O O     . HOH B 2 .  ? 7.819   3.660   15.858  0.95 37.63 ? 2798 HOH A O     1 
HETATM 738 O O     . HOH B 2 .  ? 5.779   2.741   -2.625  0.71 20.30 ? 2799 HOH A O     1 
HETATM 739 O O     . HOH B 2 .  ? 10.764  -8.470  1.559   0.97 37.46 ? 2800 HOH A O     1 
HETATM 740 O O     . HOH B 2 .  ? -8.388  -0.603  -6.706  0.90 31.72 ? 2801 HOH A O     1 
HETATM 741 O O     . HOH B 2 .  ? 9.090   2.007   -3.333  0.97 40.87 ? 2802 HOH A O     1 
HETATM 742 O O     . HOH B 2 .  ? -2.373  -7.815  -6.233  0.98 35.41 ? 2803 HOH A O     1 
HETATM 743 O O     . HOH B 2 .  ? 2.939   -8.157  10.511  0.91 27.48 ? 2804 HOH A O     1 
HETATM 744 O O     . HOH B 2 .  ? 1.677   -9.017  -10.392 0.91 34.66 ? 2805 HOH A O     1 
HETATM 745 O O     . HOH B 2 .  ? 2.853   -0.886  -1.221  0.91 26.97 ? 2806 HOH A O     1 
HETATM 746 O O     . HOH B 2 .  ? -10.199 6.471   -12.097 0.99 33.05 ? 2807 HOH A O     1 
HETATM 747 O O     . HOH B 2 .  ? 10.007  -1.343  18.743  0.98 39.18 ? 2808 HOH A O     1 
HETATM 748 O O     . HOH B 2 .  ? -13.754 1.227   -9.883  0.92 32.80 ? 2809 HOH A O     1 
HETATM 749 O O     . HOH B 2 .  ? -9.839  1.596   -2.223  0.86 36.88 ? 2810 HOH A O     1 
HETATM 750 O O     . HOH B 2 .  ? -8.558  8.640   -10.285 0.97 34.62 ? 2811 HOH A O     1 
HETATM 751 O O     . HOH B 2 .  ? 6.467   1.663   -4.658  0.93 42.77 ? 2812 HOH A O     1 
HETATM 752 O O     . HOH B 2 .  ? 7.319   1.324   -6.961  0.88 35.38 ? 2813 HOH A O     1 
HETATM 753 O O     . HOH B 2 .  ? -4.305  8.391   -21.216 0.85 35.51 ? 2814 HOH A O     1 
HETATM 754 O O     . HOH B 2 .  ? -7.914  2.863   -6.323  0.95 33.32 ? 2815 HOH A O     1 
HETATM 755 O O     . HOH B 2 .  ? 12.002  -4.120  1.977   1.00 34.56 ? 2816 HOH A O     1 
HETATM 756 O O     . HOH B 2 .  ? 14.697  -3.122  8.840   1.00 43.10 ? 2817 HOH A O     1 
HETATM 757 O O     . HOH B 2 .  ? 0.175   -6.520  5.535   0.50 35.93 ? 2818 HOH A O     1 
HETATM 758 O O     . HOH B 2 .  ? 2.419   -11.190 1.379   1.00 36.28 ? 2819 HOH A O     1 
HETATM 759 O O     . HOH B 2 .  ? -3.047  -4.353  -3.580  0.97 32.74 ? 2820 HOH A O     1 
HETATM 760 O O     . HOH B 2 .  ? -6.289  -4.367  -0.636  0.92 33.39 ? 2821 HOH A O     1 
HETATM 761 O O     . HOH B 2 .  ? -10.981 -3.267  2.204   1.00 36.30 ? 2822 HOH A O     1 
HETATM 762 O O     . HOH B 2 .  ? -16.187 0.613   -8.687  0.92 31.23 ? 2823 HOH A O     1 
HETATM 763 O O     . HOH B 2 .  ? -12.108 4.533   -14.287 0.93 31.79 ? 2824 HOH A O     1 
HETATM 764 O O     . HOH B 2 .  ? 7.336   10.655  1.656   0.87 27.54 ? 2825 HOH A O     1 
HETATM 765 O O     . HOH B 2 .  ? -4.047  6.565   7.939   1.00 44.97 ? 2826 HOH A O     1 
HETATM 766 O O     . HOH B 2 .  ? -1.182  -9.471  -11.542 0.93 51.18 ? 2827 HOH A O     1 
HETATM 767 O O     . HOH B 2 .  ? 14.944  -4.590  5.014   0.95 39.42 ? 2828 HOH A O     1 
HETATM 768 O O     . HOH B 2 .  ? 10.190  -0.528  15.577  0.94 41.45 ? 2829 HOH A O     1 
HETATM 769 O O     . HOH B 2 .  ? 12.155  -1.567  13.777  0.90 37.67 ? 2830 HOH A O     1 
HETATM 770 O O     . HOH B 2 .  ? 6.991   1.106   17.583  0.89 37.62 ? 2831 HOH A O     1 
HETATM 771 O O     . HOH B 2 .  ? 0.661   -0.684  22.460  0.93 39.10 ? 2832 HOH A O     1 
HETATM 772 O O     . HOH B 2 .  ? 4.500   6.156   15.072  1.00 37.79 ? 2833 HOH A O     1 
HETATM 773 O O     . HOH B 2 .  ? 1.772   -10.379 10.040  0.97 35.62 ? 2834 HOH A O     1 
HETATM 774 O O     . HOH B 2 .  ? -6.038  7.951   4.551   0.84 23.64 ? 2835 HOH A O     1 
HETATM 775 O O     . HOH B 2 .  ? -12.568 10.941  -0.825  0.80 27.58 ? 2836 HOH A O     1 
HETATM 776 O O     . HOH B 2 .  ? 14.093  -0.455  5.078   1.00 40.68 ? 2837 HOH A O     1 
HETATM 777 O O     . HOH B 2 .  ? 4.590   -8.989  8.249   0.83 21.71 ? 2838 HOH A O     1 
HETATM 778 O O     . HOH B 2 .  ? -0.953  2.221   -15.152 0.94 32.66 ? 2839 HOH A O     1 
HETATM 779 O O     . HOH B 2 .  ? -1.390  1.889   -18.054 0.90 31.46 ? 2840 HOH A O     1 
HETATM 780 O O     . HOH B 2 .  ? -0.920  -5.227  -5.231  0.86 31.40 ? 2841 HOH A O     1 
HETATM 781 O O     . HOH B 2 .  ? -0.262  9.363   5.649   0.83 13.87 ? 2842 HOH A O     1 
HETATM 782 O O     . HOH B 2 .  ? 3.278   -0.165  -4.832  0.79 29.16 ? 2843 HOH A O     1 
HETATM 783 O O     . HOH B 2 .  ? 7.050   -5.068  1.122   0.80 16.93 ? 2844 HOH A O     1 
HETATM 784 O O     . HOH B 2 .  ? 9.156   -15.940 17.341  0.91 30.46 ? 2845 HOH A O     1 
HETATM 785 O O     . HOH B 2 .  ? -3.722  14.271  -11.135 0.95 33.32 ? 2846 HOH A O     1 
HETATM 786 O O     . HOH B 2 .  ? -0.252  -1.158  -4.137  0.84 29.49 ? 2847 HOH A O     1 
HETATM 787 O O     . HOH B 2 .  ? 0.859   -7.845  3.957   0.50 31.06 ? 2848 HOH A O     1 
HETATM 788 O O     . HOH B 2 .  ? 9.350   5.362   -1.498  0.93 30.00 ? 2849 HOH A O     1 
HETATM 789 O O     . HOH B 2 .  ? 9.756   1.803   -0.251  0.93 30.01 ? 2850 HOH A O     1 
HETATM 790 O O     . HOH B 2 .  ? 2.739   -10.641 14.532  0.93 30.00 ? 2851 HOH A O     1 
# 
loop_
_atom_site_anisotrop.id 
_atom_site_anisotrop.type_symbol 
_atom_site_anisotrop.pdbx_label_atom_id 
_atom_site_anisotrop.pdbx_label_alt_id 
_atom_site_anisotrop.pdbx_label_comp_id 
_atom_site_anisotrop.pdbx_label_asym_id 
_atom_site_anisotrop.pdbx_label_seq_id 
_atom_site_anisotrop.pdbx_PDB_ins_code 
_atom_site_anisotrop.U[1][1] 
_atom_site_anisotrop.U[2][2] 
_atom_site_anisotrop.U[3][3] 
_atom_site_anisotrop.U[1][2] 
_atom_site_anisotrop.U[1][3] 
_atom_site_anisotrop.U[2][3] 
_atom_site_anisotrop.pdbx_auth_seq_id 
_atom_site_anisotrop.pdbx_auth_comp_id 
_atom_site_anisotrop.pdbx_auth_asym_id 
_atom_site_anisotrop.pdbx_auth_atom_id 
1   O "O5'" . U   A 1  ? 0.3218 0.4633 0.3804 -0.0031 0.0625  0.0314  2647 U   A "O5'" 
2   C "C5'" . U   A 1  ? 0.3195 0.4373 0.3151 -0.0095 0.0513  0.0326  2647 U   A "C5'" 
3   C "C4'" . U   A 1  ? 0.2881 0.4148 0.2600 0.0092  0.0281  0.0619  2647 U   A "C4'" 
4   O "O4'" . U   A 1  ? 0.2922 0.4306 0.2087 0.0396  0.0145  0.0664  2647 U   A "O4'" 
5   C "C3'" . U   A 1  ? 0.2325 0.3720 0.3008 -0.0061 0.0331  0.0503  2647 U   A "C3'" 
6   O "O3'" A U   A 1  ? 0.2356 0.3773 0.3402 -0.0011 0.0360  0.0527  2647 U   A "O3'" 
7   O "O3'" B U   A 1  ? 0.2015 0.3329 0.3363 -0.0317 0.0604  0.0658  2647 U   A "O3'" 
8   C "C2'" . U   A 1  ? 0.2364 0.3428 0.2405 0.0084  0.0187  0.0405  2647 U   A "C2'" 
9   O "O2'" . U   A 1  ? 0.1938 0.2998 0.2642 -0.0124 0.0260  0.0377  2647 U   A "O2'" 
10  C "C1'" . U   A 1  ? 0.2784 0.3988 0.2046 0.0241  0.0099  0.0598  2647 U   A "C1'" 
11  N N1    . U   A 1  ? 0.2963 0.4034 0.1813 0.0081  -0.0003 0.0903  2647 U   A N1    
12  C C2    . U   A 1  ? 0.3036 0.3983 0.1565 -0.0105 -0.0198 0.1096  2647 U   A C2    
13  O O2    . U   A 1  ? 0.3010 0.3649 0.2062 -0.0018 -0.0293 0.1485  2647 U   A O2    
14  N N3    . U   A 1  ? 0.2945 0.4241 0.1565 -0.0092 -0.0183 0.1096  2647 U   A N3    
15  C C4    . U   A 1  ? 0.3073 0.4152 0.1574 -0.0196 -0.0072 0.1126  2647 U   A C4    
16  O O4    . U   A 1  ? 0.3215 0.4781 0.2041 -0.0268 0.0131  0.1340  2647 U   A O4    
17  C C5    . U   A 1  ? 0.2995 0.4361 0.1420 -0.0085 -0.0034 0.0893  2647 U   A C5    
18  C C6    . U   A 1  ? 0.2973 0.4102 0.1664 -0.0047 0.0058  0.0524  2647 U   A C6    
19  P P     A G   A 2  ? 0.2598 0.3610 0.3440 0.0082  0.0521  0.0227  2648 G   A P     
20  P P     B G   A 2  ? 0.1962 0.2665 0.3268 -0.0344 0.0883  0.0278  2648 G   A P     
21  O OP1   A G   A 2  ? 0.2832 0.3690 0.3363 0.0162  0.0540  0.0360  2648 G   A OP1   
22  O OP1   B G   A 2  ? 0.1932 0.2830 0.2940 -0.0369 0.0626  0.0538  2648 G   A OP1   
23  O OP2   A G   A 2  ? 0.2578 0.3396 0.3672 -0.0036 0.0488  0.0228  2648 G   A OP2   
24  O OP2   B G   A 2  ? 0.2223 0.2148 0.3508 -0.0211 0.1213  -0.0003 2648 G   A OP2   
25  O "O5'" A G   A 2  ? 0.2402 0.3049 0.2724 0.0176  0.0450  0.0200  2648 G   A "O5'" 
26  O "O5'" B G   A 2  ? 0.1239 0.1944 0.3059 -0.0340 0.0727  -0.0627 2648 G   A "O5'" 
27  C "C5'" A G   A 2  ? 0.1765 0.2311 0.1877 0.0058  0.0054  0.0349  2648 G   A "C5'" 
28  C "C5'" B G   A 2  ? 0.1371 0.2036 0.2908 -0.0365 0.0524  0.0116  2648 G   A "C5'" 
29  C "C4'" A G   A 2  ? 0.1307 0.1577 0.1316 -0.0060 -0.0143 0.0339  2648 G   A "C4'" 
30  C "C4'" B G   A 2  ? 0.1308 0.1843 0.2426 -0.0524 -0.0021 0.0525  2648 G   A "C4'" 
31  O "O4'" A G   A 2  ? 0.1117 0.0947 0.1192 -0.0118 -0.0202 0.0167  2648 G   A "O4'" 
32  O "O4'" B G   A 2  ? 0.1760 0.1808 0.2615 -0.0766 -0.0084 0.0520  2648 G   A "O4'" 
33  C "C3'" A G   A 2  ? 0.1256 0.1252 0.0878 -0.0120 -0.0220 0.0228  2648 G   A "C3'" 
34  C "C3'" B G   A 2  ? 0.1192 0.1948 0.2220 -0.0670 -0.0193 0.0602  2648 G   A "C3'" 
35  O "O3'" A G   A 2  ? 0.1193 0.0973 0.1057 -0.0244 -0.0190 0.0161  2648 G   A "O3'" 
36  O "O3'" B G   A 2  ? 0.1252 0.1900 0.1935 -0.0472 -0.0005 0.0466  2648 G   A "O3'" 
37  C "C2'" A G   A 2  ? 0.1211 0.0850 0.0916 -0.0161 -0.0146 0.0118  2648 G   A "C2'" 
38  C "C2'" B G   A 2  ? 0.1470 0.2112 0.2189 -0.0805 -0.0394 0.0496  2648 G   A "C2'" 
39  O "O2'" A G   A 2  ? 0.1129 0.0845 0.1218 -0.0171 0.0059  -0.0023 2648 G   A "O2'" 
40  O "O2'" B G   A 2  ? 0.1975 0.1917 0.2289 -0.0973 -0.0206 0.0320  2648 G   A "O2'" 
41  C "C1'" A G   A 2  ? 0.1154 0.0864 0.1109 -0.0224 -0.0192 -0.0067 2648 G   A "C1'" 
42  C "C1'" B G   A 2  ? 0.1738 0.1720 0.2275 -0.0795 -0.0357 0.0463  2648 G   A "C1'" 
43  N N9    A G   A 2  ? 0.1253 0.0987 0.1102 0.0013  -0.0231 0.0009  2648 G   A N9    
44  N N9    B G   A 2  ? 0.1757 0.1841 0.1857 -0.0624 -0.0585 0.0354  2648 G   A N9    
45  C C8    A G   A 2  ? 0.1353 0.1064 0.1084 0.0076  -0.0235 -0.0013 2648 G   A C8    
46  C C8    B G   A 2  ? 0.1777 0.2068 0.1773 -0.0571 -0.0588 0.0334  2648 G   A C8    
47  N N7    A G   A 2  ? 0.1379 0.0560 0.1069 0.0225  -0.0243 0.0041  2648 G   A N7    
48  N N7    B G   A 2  ? 0.1742 0.2242 0.1684 -0.0423 -0.0556 0.0233  2648 G   A N7    
49  C C5    A G   A 2  ? 0.1215 0.0768 0.1001 0.0064  -0.0363 -0.0053 2648 G   A C5    
50  C C5    B G   A 2  ? 0.1606 0.1996 0.1562 -0.0568 -0.0741 0.0047  2648 G   A C5    
51  C C6    A G   A 2  ? 0.1203 0.1026 0.0922 0.0054  -0.0395 0.0031  2648 G   A C6    
52  C C6    B G   A 2  ? 0.1698 0.1642 0.1444 -0.0340 -0.0670 -0.0137 2648 G   A C6    
53  O O6    A G   A 2  ? 0.1427 0.1139 0.0943 0.0053  -0.0272 0.0004  2648 G   A O6    
54  O O6    B G   A 2  ? 0.1541 0.1603 0.1466 -0.0200 -0.0700 -0.0130 2648 G   A O6    
55  N N1    A G   A 2  ? 0.1188 0.1066 0.1047 0.0054  -0.0333 0.0144  2648 G   A N1    
56  N N1    B G   A 2  ? 0.1972 0.1384 0.1292 -0.0402 -0.0577 -0.0279 2648 G   A N1    
57  C C2    A G   A 2  ? 0.1017 0.0836 0.0992 0.0216  -0.0407 0.0124  2648 G   A C2    
58  C C2    B G   A 2  ? 0.2059 0.1550 0.1166 -0.0368 -0.0692 -0.0037 2648 G   A C2    
59  N N2    A G   A 2  ? 0.1242 0.1041 0.1018 0.0032  -0.0306 0.0141  2648 G   A N2    
60  N N2    B G   A 2  ? 0.2303 0.1216 0.1350 -0.0320 -0.0416 -0.0330 2648 G   A N2    
61  N N3    A G   A 2  ? 0.1101 0.1135 0.0750 0.0341  -0.0398 0.0095  2648 G   A N3    
62  N N3    B G   A 2  ? 0.1924 0.1508 0.1333 -0.0615 -0.0772 0.0091  2648 G   A N3    
63  C C4    A G   A 2  ? 0.1094 0.0903 0.1011 0.0109  -0.0391 0.0053  2648 G   A C4    
64  C C4    B G   A 2  ? 0.1704 0.1870 0.1659 -0.0618 -0.0727 0.0115  2648 G   A C4    
65  P P     A C   A 3  ? 0.1341 0.1228 0.1096 -0.0060 -0.0117 0.0149  2649 C   A P     
66  P P     B C   A 3  ? 0.1314 0.2046 0.1701 -0.0149 -0.0049 0.0328  2649 C   A P     
67  O OP1   A C   A 3  ? 0.1382 0.1858 0.1552 -0.0028 -0.0034 0.0584  2649 C   A OP1   
68  O OP1   B C   A 3  ? 0.1609 0.2316 0.1976 -0.0364 -0.0142 0.0390  2649 C   A OP1   
69  O OP2   A C   A 3  ? 0.1629 0.1580 0.0779 -0.0251 -0.0170 -0.0212 2649 C   A OP2   
70  O OP2   B C   A 3  ? 0.1618 0.2470 0.2100 0.0200  0.0133  0.0215  2649 C   A OP2   
71  O "O5'" A C   A 3  ? 0.1394 0.0625 0.1203 -0.0106 -0.0002 -0.0213 2649 C   A "O5'" 
72  O "O5'" B C   A 3  ? 0.1203 0.1561 0.1754 -0.0140 0.0085  0.0066  2649 C   A "O5'" 
73  C "C5'" A C   A 3  ? 0.1345 0.0574 0.1168 -0.0052 0.0002  -0.0092 2649 C   A "C5'" 
74  C "C5'" B C   A 3  ? 0.1702 0.1426 0.2138 -0.0249 0.0533  0.0014  2649 C   A "C5'" 
75  C "C4'" A C   A 3  ? 0.1106 0.0888 0.1195 -0.0058 -0.0175 0.0123  2649 C   A "C4'" 
76  C "C4'" B C   A 3  ? 0.1564 0.1181 0.1978 -0.0315 0.0524  -0.0115 2649 C   A "C4'" 
77  O "O4'" A C   A 3  ? 0.1058 0.0662 0.1667 -0.0093 -0.0060 -0.0076 2649 C   A "O4'" 
78  O "O4'" B C   A 3  ? 0.1513 0.1134 0.1803 -0.0465 0.0419  -0.0217 2649 C   A "O4'" 
79  C "C3'" A C   A 3  ? 0.1054 0.0793 0.1076 0.0023  -0.0183 0.0130  2649 C   A "C3'" 
80  C "C3'" B C   A 3  ? 0.1192 0.1066 0.1863 -0.0372 0.0276  0.0160  2649 C   A "C3'" 
81  O "O3'" A C   A 3  ? 0.0995 0.0778 0.1422 -0.0077 0.0051  0.0200  2649 C   A "O3'" 
82  O "O3'" B C   A 3  ? 0.0925 0.1323 0.1878 -0.0143 0.0253  0.0201  2649 C   A "O3'" 
83  C "C2'" A C   A 3  ? 0.1151 0.0688 0.1342 0.0210  -0.0060 0.0001  2649 C   A "C2'" 
84  C "C2'" B C   A 3  ? 0.1406 0.1055 0.1749 -0.0342 0.0402  -0.0161 2649 C   A "C2'" 
85  O "O2'" A C   A 3  ? 0.1360 0.0704 0.1235 -0.0012 -0.0028 0.0159  2649 C   A "O2'" 
86  O "O2'" B C   A 3  ? 0.1797 0.1682 0.2141 -0.0334 0.0621  -0.0149 2649 C   A "O2'" 
87  C "C1'" A C   A 3  ? 0.1174 0.0730 0.1548 0.0165  -0.0048 -0.0089 2649 C   A "C1'" 
88  C "C1'" B C   A 3  ? 0.1307 0.1154 0.1620 -0.0484 0.0226  -0.0239 2649 C   A "C1'" 
89  N N1    A C   A 3  ? 0.1310 0.0864 0.1461 0.0024  -0.0129 -0.0082 2649 C   A N1    
90  N N1    B C   A 3  ? 0.1114 0.1382 0.1284 -0.0340 -0.0014 -0.0232 2649 C   A N1    
91  C C2    A C   A 3  ? 0.1494 0.0969 0.1024 0.0064  -0.0283 0.0035  2649 C   A C2    
92  C C2    B C   A 3  ? 0.1268 0.1358 0.1158 -0.0309 -0.0122 -0.0075 2649 C   A C2    
93  O O2    A C   A 3  ? 0.1922 0.0939 0.0995 0.0016  -0.0085 0.0093  2649 C   A O2    
94  O O2    B C   A 3  ? 0.1416 0.1398 0.1146 -0.0391 -0.0103 -0.0022 2649 C   A O2    
95  N N3    A C   A 3  ? 0.1452 0.1020 0.0705 0.0001  -0.0468 -0.0184 2649 C   A N3    
96  N N3    B C   A 3  ? 0.1165 0.1298 0.0972 -0.0071 -0.0295 -0.0177 2649 C   A N3    
97  C C4    A C   A 3  ? 0.1367 0.1144 0.0866 0.0143  -0.0461 -0.0199 2649 C   A C4    
98  C C4    B C   A 3  ? 0.0869 0.1461 0.1163 -0.0120 -0.0312 -0.0151 2649 C   A C4    
99  N N4    A C   A 3  ? 0.1473 0.1396 0.1051 0.0242  -0.0391 -0.0053 2649 C   A N4    
100 N N4    B C   A 3  ? 0.0951 0.1984 0.1353 0.0004  -0.0218 -0.0205 2649 C   A N4    
101 C C5    A C   A 3  ? 0.1157 0.1240 0.1063 0.0141  -0.0437 -0.0174 2649 C   A C5    
102 C C5    B C   A 3  ? 0.0901 0.1693 0.1254 0.0003  -0.0096 -0.0027 2649 C   A C5    
103 C C6    A C   A 3  ? 0.1205 0.0952 0.1348 -0.0001 -0.0246 -0.0351 2649 C   A C6    
104 C C6    B C   A 3  ? 0.0925 0.1367 0.1236 -0.0148 -0.0010 -0.0194 2649 C   A C6    
105 P P     A U   A 4  ? 0.1077 0.1083 0.1064 -0.0147 0.0004  0.0287  2650 U   A P     
106 P P     B U   A 4  ? 0.1153 0.1294 0.1850 0.0237  0.0472  0.0572  2650 U   A P     
107 O OP1   A U   A 4  ? 0.0799 0.0571 0.1646 0.0028  0.0400  0.0299  2650 U   A OP1   
108 O OP1   B U   A 4  ? 0.1295 0.1707 0.2035 0.0351  0.0445  0.0606  2650 U   A OP1   
109 O OP2   A U   A 4  ? 0.1349 0.1311 0.1108 0.0051  0.0152  0.0325  2650 U   A OP2   
110 O OP2   B U   A 4  ? 0.1789 0.1291 0.2048 0.0121  0.0955  0.0353  2650 U   A OP2   
111 O "O5'" A U   A 4  ? 0.1310 0.1358 0.1036 -0.0160 0.0024  -0.0147 2650 U   A "O5'" 
112 O "O5'" B U   A 4  ? 0.1094 0.1208 0.1553 -0.0091 0.0432  0.0274  2650 U   A "O5'" 
113 C "C5'" A U   A 4  ? 0.1472 0.1576 0.1975 -0.0351 0.0482  -0.0438 2650 U   A "C5'" 
114 C "C5'" B U   A 4  ? 0.1531 0.1186 0.2314 -0.0329 0.0873  -0.0292 2650 U   A "C5'" 
115 C "C4'" . U   A 4  ? 0.1635 0.1499 0.2042 -0.0552 0.0719  -0.0440 2650 U   A "C4'" 
116 O "O4'" . U   A 4  ? 0.1731 0.1817 0.1477 -0.0608 0.0516  -0.0413 2650 U   A "O4'" 
117 C "C3'" . U   A 4  ? 0.1271 0.1360 0.1916 -0.0392 0.0509  -0.0457 2650 U   A "C3'" 
118 O "O3'" . U   A 4  ? 0.0837 0.1603 0.2610 -0.0274 0.0210  -0.0368 2650 U   A "O3'" 
119 C "C2'" . U   A 4  ? 0.1644 0.1439 0.1769 -0.0561 0.0778  -0.0285 2650 U   A "C2'" 
120 O "O2'" . U   A 4  ? 0.2195 0.1938 0.2139 -0.0660 0.1202  -0.0385 2650 U   A "O2'" 
121 C "C1'" . U   A 4  ? 0.1674 0.1777 0.1253 -0.0697 0.0436  -0.0298 2650 U   A "C1'" 
122 N N1    . U   A 4  ? 0.1397 0.1581 0.0938 -0.0494 0.0025  0.0015  2650 U   A N1    
123 C C2    . U   A 4  ? 0.1290 0.1608 0.0835 -0.0465 -0.0115 0.0013  2650 U   A C2    
124 O O2    . U   A 4  ? 0.1362 0.1715 0.1056 -0.0455 -0.0018 0.0161  2650 U   A O2    
125 N N3    . U   A 4  ? 0.1146 0.1673 0.0775 -0.0432 -0.0149 -0.0003 2650 U   A N3    
126 C C4    . U   A 4  ? 0.1286 0.1599 0.0828 -0.0441 -0.0097 -0.0217 2650 U   A C4    
127 O O4    . U   A 4  ? 0.1288 0.1759 0.1033 -0.0455 -0.0001 -0.0157 2650 U   A O4    
128 C C5    . U   A 4  ? 0.1208 0.1775 0.0901 -0.0440 -0.0106 0.0026  2650 U   A C5    
129 C C6    . U   A 4  ? 0.1246 0.1778 0.1035 -0.0404 -0.0057 0.0130  2650 U   A C6    
130 P P     . C   A 5  ? 0.0968 0.1495 0.2971 0.0006  0.0189  0.0395  2651 C   A P     
131 O OP1   . C   A 5  ? 0.1084 0.1911 0.3586 0.0238  0.0317  0.0568  2651 C   A OP1   
132 O OP2   . C   A 5  ? 0.1553 0.2056 0.2645 -0.0045 0.0077  0.0873  2651 C   A OP2   
133 O "O5'" . C   A 5  ? 0.0869 0.1573 0.1702 -0.0096 0.0093  0.0064  2651 C   A "O5'" 
134 C "C5'" . C   A 5  ? 0.1060 0.1172 0.1633 -0.0071 0.0339  -0.0209 2651 C   A "C5'" 
135 C "C4'" . C   A 5  ? 0.0948 0.1310 0.1266 -0.0010 0.0215  -0.0240 2651 C   A "C4'" 
136 O "O4'" . C   A 5  ? 0.0916 0.1402 0.0998 -0.0028 0.0204  -0.0204 2651 C   A "O4'" 
137 C "C3'" . C   A 5  ? 0.0780 0.1285 0.1216 -0.0119 0.0059  -0.0195 2651 C   A "C3'" 
138 O "O3'" . C   A 5  ? 0.0716 0.1375 0.1450 -0.0033 0.0038  -0.0167 2651 C   A "O3'" 
139 C "C2'" . C   A 5  ? 0.0768 0.1290 0.1281 -0.0066 0.0139  -0.0046 2651 C   A "C2'" 
140 O "O2'" . C   A 5  ? 0.0838 0.1490 0.1664 0.0041  0.0090  0.0093  2651 C   A "O2'" 
141 C "C1'" . C   A 5  ? 0.0847 0.1462 0.0940 -0.0128 0.0172  -0.0211 2651 C   A "C1'" 
142 N N1    . C   A 5  ? 0.0758 0.1551 0.0820 -0.0072 0.0103  -0.0202 2651 C   A N1    
143 C C2    . C   A 5  ? 0.0666 0.1382 0.0814 0.0041  -0.0011 -0.0192 2651 C   A C2    
144 O O2    . C   A 5  ? 0.0787 0.1304 0.0924 0.0050  0.0076  -0.0089 2651 C   A O2    
145 N N3    . C   A 5  ? 0.0734 0.1332 0.0845 -0.0047 0.0005  -0.0183 2651 C   A N3    
146 C C4    . C   A 5  ? 0.0801 0.1392 0.0752 -0.0114 -0.0045 -0.0173 2651 C   A C4    
147 N N4    . C   A 5  ? 0.0853 0.1367 0.0897 -0.0122 0.0065  -0.0163 2651 C   A N4    
148 C C5    . C   A 5  ? 0.0763 0.1469 0.0827 -0.0089 0.0033  -0.0167 2651 C   A C5    
149 C C6    . C   A 5  ? 0.0818 0.1504 0.0849 -0.0070 0.0067  -0.0130 2651 C   A C6    
150 P P     . C   A 6  ? 0.0817 0.1265 0.1455 0.0065  -0.0071 -0.0068 2652 C   A P     
151 O OP1   . C   A 6  ? 0.0731 0.1496 0.1780 0.0149  -0.0044 -0.0227 2652 C   A OP1   
152 O OP2   . C   A 6  ? 0.1217 0.1213 0.1623 0.0119  -0.0201 0.0043  2652 C   A OP2   
153 O "O5'" . C   A 6  ? 0.0784 0.1042 0.1120 -0.0004 0.0098  0.0042  2652 C   A "O5'" 
154 C "C5'" . C   A 6  ? 0.0829 0.1157 0.1165 0.0006  0.0217  0.0002  2652 C   A "C5'" 
155 C "C4'" . C   A 6  ? 0.0695 0.1237 0.0839 0.0046  0.0034  0.0055  2652 C   A "C4'" 
156 O "O4'" . C   A 6  ? 0.0772 0.1313 0.0822 0.0035  0.0111  0.0084  2652 C   A "O4'" 
157 C "C3'" . C   A 6  ? 0.0708 0.1132 0.0882 -0.0067 0.0022  0.0074  2652 C   A "C3'" 
158 O "O3'" . C   A 6  ? 0.0799 0.1146 0.0929 -0.0100 0.0078  0.0147  2652 C   A "O3'" 
159 C "C2'" . C   A 6  ? 0.0792 0.1029 0.0905 0.0076  0.0127  0.0116  2652 C   A "C2'" 
160 O "O2'" . C   A 6  ? 0.0885 0.1083 0.1123 0.0032  0.0125  0.0097  2652 C   A "O2'" 
161 C "C1'" . C   A 6  ? 0.0736 0.1222 0.0644 0.0101  0.0073  0.0077  2652 C   A "C1'" 
162 N N1    . C   A 6  ? 0.0709 0.1001 0.0803 0.0137  0.0039  0.0051  2652 C   A N1    
163 C C2    . C   A 6  ? 0.0650 0.1162 0.0743 0.0116  -0.0029 0.0001  2652 C   A C2    
164 O O2    . C   A 6  ? 0.0661 0.1169 0.0846 0.0048  0.0050  0.0060  2652 C   A O2    
165 N N3    . C   A 6  ? 0.0702 0.1035 0.0690 -0.0024 -0.0011 -0.0013 2652 C   A N3    
166 C C4    . C   A 6  ? 0.0736 0.1075 0.0747 0.0059  0.0003  -0.0006 2652 C   A C4    
167 N N4    . C   A 6  ? 0.0825 0.1123 0.0818 -0.0019 -0.0082 0.0032  2652 C   A N4    
168 C C5    . C   A 6  ? 0.0729 0.1247 0.0689 0.0055  -0.0036 0.0009  2652 C   A C5    
169 C C6    . C   A 6  ? 0.0694 0.1323 0.0679 0.0084  -0.0032 0.0028  2652 C   A C6    
170 P P     . U   A 7  ? 0.0745 0.1529 0.0946 -0.0182 -0.0021 0.0181  2653 U   A P     
171 O OP1   . U   A 7  ? 0.1159 0.2022 0.1252 -0.0775 -0.0066 0.0094  2653 U   A OP1   
172 O OP2   . U   A 7  ? 0.0788 0.1813 0.0978 0.0190  0.0057  0.0356  2653 U   A OP2   
173 O "O5'" . U   A 7  ? 0.0899 0.1128 0.0809 -0.0147 0.0040  0.0029  2653 U   A "O5'" 
174 C "C5'" . U   A 7  ? 0.1214 0.0937 0.1000 -0.0021 0.0167  0.0030  2653 U   A "C5'" 
175 C "C4'" . U   A 7  ? 0.1098 0.0957 0.0804 -0.0010 -0.0011 0.0043  2653 U   A "C4'" 
176 O "O4'" . U   A 7  ? 0.0979 0.0951 0.0829 0.0030  0.0028  0.0069  2653 U   A "O4'" 
177 C "C3'" . U   A 7  ? 0.1090 0.1096 0.0751 -0.0028 -0.0081 -0.0044 2653 U   A "C3'" 
178 O "O3'" C U   A 7  ? 0.1265 0.1379 0.1045 0.0041  -0.0129 -0.0230 2653 U   A "O3'" 
179 O "O3'" D U   A 7  ? 0.0878 0.1012 0.0702 0.0203  -0.0218 -0.0022 2653 U   A "O3'" 
180 C "C2'" . U   A 7  ? 0.1052 0.1029 0.0842 0.0103  0.0064  0.0028  2653 U   A "C2'" 
181 O "O2'" . U   A 7  ? 0.1091 0.1241 0.0899 0.0329  0.0153  0.0042  2653 U   A "O2'" 
182 C "C1'" . U   A 7  ? 0.0912 0.1011 0.0829 0.0056  0.0032  0.0074  2653 U   A "C1'" 
183 N N1    . U   A 7  ? 0.0747 0.1026 0.0798 0.0060  -0.0039 0.0063  2653 U   A N1    
184 C C2    . U   A 7  ? 0.0766 0.1067 0.0990 0.0062  -0.0049 0.0137  2653 U   A C2    
185 O O2    . U   A 7  ? 0.0829 0.1255 0.1327 0.0031  0.0085  0.0175  2653 U   A O2    
186 N N3    . U   A 7  ? 0.0819 0.1072 0.0963 0.0004  -0.0113 0.0204  2653 U   A N3    
187 C C4    . U   A 7  ? 0.1034 0.1110 0.0807 0.0042  -0.0147 0.0007  2653 U   A C4    
188 O O4    . U   A 7  ? 0.1185 0.1016 0.1120 0.0081  -0.0157 -0.0066 2653 U   A O4    
189 C C5    . U   A 7  ? 0.0909 0.0977 0.0822 0.0104  -0.0034 0.0013  2653 U   A C5    
190 C C6    . U   A 7  ? 0.0762 0.1195 0.0708 0.0099  -0.0006 0.0066  2653 U   A C6    
191 P P     C A   A 8  ? 0.1113 0.1262 0.1251 -0.0015 -0.0147 -0.0158 2654 A   A P     
192 P P     D A   A 8  ? 0.1096 0.0752 0.0652 0.0060  -0.0039 0.0209  2654 A   A P     
193 O OP1   C A   A 8  ? 0.1356 0.1318 0.1312 -0.0130 -0.0122 -0.0320 2654 A   A OP1   
194 O OP1   D A   A 8  ? 0.0629 0.1236 0.0673 0.0101  -0.0118 0.0058  2654 A   A OP1   
195 O OP2   C A   A 8  ? 0.1073 0.1644 0.1473 -0.0028 0.0133  0.0368  2654 A   A OP2   
196 O OP2   D A   A 8  ? 0.1258 0.0981 0.0795 -0.0173 0.0027  0.0008  2654 A   A OP2   
197 O "O5'" C A   A 8  ? 0.1221 0.1317 0.1363 -0.0123 -0.0436 0.0077  2654 A   A "O5'" 
198 O "O5'" D A   A 8  ? 0.0915 0.0771 0.0732 0.0111  -0.0196 0.0263  2654 A   A "O5'" 
199 C "C5'" C A   A 8  ? 0.1262 0.1304 0.1483 -0.0231 -0.0376 0.0170  2654 A   A "C5'" 
200 C "C5'" D A   A 8  ? 0.0992 0.1291 0.0732 -0.0075 -0.0368 0.0316  2654 A   A "C5'" 
201 C "C4'" . A   A 8  ? 0.1156 0.1209 0.1001 -0.0285 -0.0229 0.0197  2654 A   A "C4'" 
202 O "O4'" . A   A 8  ? 0.0905 0.1012 0.1068 -0.0198 -0.0135 0.0187  2654 A   A "O4'" 
203 C "C3'" . A   A 8  ? 0.1038 0.1781 0.1331 -0.0448 -0.0113 0.0190  2654 A   A "C3'" 
204 O "O3'" C A   A 8  ? 0.1069 0.2704 0.1820 -0.0772 0.0082  -0.0064 2654 A   A "O3'" 
205 O "O3'" D A   A 8  ? 0.1153 0.2725 0.1705 -0.0705 -0.0123 0.0551  2654 A   A "O3'" 
206 C "C2'" . A   A 8  ? 0.1053 0.1184 0.1031 -0.0380 -0.0057 0.0166  2654 A   A "C2'" 
207 O "O2'" . A   A 8  ? 0.1046 0.1433 0.1081 -0.0268 0.0032  0.0002  2654 A   A "O2'" 
208 C "C1'" . A   A 8  ? 0.0768 0.1164 0.1074 -0.0212 -0.0146 0.0172  2654 A   A "C1'" 
209 N N9    . A   A 8  ? 0.0774 0.0917 0.0991 -0.0121 -0.0114 0.0076  2654 A   A N9    
210 C C8    . A   A 8  ? 0.0780 0.0920 0.0992 -0.0053 -0.0044 0.0150  2654 A   A C8    
211 N N7    . A   A 8  ? 0.0867 0.1083 0.0832 -0.0061 -0.0116 0.0219  2654 A   A N7    
212 C C5    . A   A 8  ? 0.0854 0.0870 0.0921 -0.0025 -0.0215 0.0193  2654 A   A C5    
213 C C6    . A   A 8  ? 0.0971 0.0837 0.1159 -0.0047 -0.0224 0.0276  2654 A   A C6    
214 N N6    . A   A 8  ? 0.0912 0.1316 0.1058 -0.0249 -0.0286 0.0341  2654 A   A N6    
215 N N1    . A   A 8  ? 0.1057 0.0975 0.1342 -0.0141 -0.0317 0.0163  2654 A   A N1    
216 C C2    . A   A 8  ? 0.1124 0.0967 0.1270 -0.0073 -0.0246 0.0104  2654 A   A C2    
217 N N3    . A   A 8  ? 0.0974 0.0900 0.1182 -0.0058 -0.0187 0.0071  2654 A   A N3    
218 C C4    . A   A 8  ? 0.0886 0.0922 0.0939 0.0016  -0.0164 0.0128  2654 A   A C4    
219 P P     . G   A 9  ? 0.1267 0.3146 0.1643 -0.0746 -0.0395 0.1148  2655 G   A P     
220 O OP1   . G   A 9  ? 0.2018 0.4667 0.2099 -0.1453 -0.0086 0.0538  2655 G   A OP1   
221 O OP2   . G   A 9  ? 0.1446 0.2378 0.2247 -0.0039 0.0215  0.1333  2655 G   A OP2   
222 O "O5'" . G   A 9  ? 0.1323 0.3492 0.2670 -0.0448 -0.0390 0.1520  2655 G   A "O5'" 
223 C "C5'" . G   A 9  ? 0.2101 0.2205 0.2734 -0.0418 0.0444  0.0812  2655 G   A "C5'" 
224 C "C4'" . G   A 9  ? 0.1786 0.1301 0.1963 -0.0368 0.0334  0.0699  2655 G   A "C4'" 
225 O "O4'" . G   A 9  ? 0.1333 0.1526 0.1463 0.0044  0.0068  0.0539  2655 G   A "O4'" 
226 C "C3'" . G   A 9  ? 0.1174 0.1492 0.1726 -0.0351 0.0064  0.0471  2655 G   A "C3'" 
227 O "O3'" . G   A 9  ? 0.0976 0.1443 0.1435 -0.0273 -0.0060 0.0409  2655 G   A "O3'" 
228 C "C2'" . G   A 9  ? 0.1124 0.2087 0.1670 0.0046  -0.0070 0.0390  2655 G   A "C2'" 
229 O "O2'" . G   A 9  ? 0.1380 0.2941 0.1907 0.0534  -0.0181 0.0315  2655 G   A "O2'" 
230 C "C1'" . G   A 9  ? 0.1171 0.1322 0.1501 -0.0026 0.0006  0.0518  2655 G   A "C1'" 
231 N N9    . G   A 9  ? 0.1535 0.1649 0.1526 0.0180  0.0190  0.0289  2655 G   A N9    
232 C C8    . G   A 9  ? 0.1881 0.2222 0.2025 0.0437  0.0458  -0.0052 2655 G   A C8    
233 N N7    . G   A 9  ? 0.2334 0.2524 0.2149 0.0478  0.0469  0.0227  2655 G   A N7    
234 C C5    . G   A 9  ? 0.2481 0.1785 0.1621 0.0459  0.0322  0.0206  2655 G   A C5    
235 C C6    . G   A 9  ? 0.2904 0.1830 0.1809 0.0227  0.0373  0.0040  2655 G   A C6    
236 O O6    . G   A 9  ? 0.2876 0.1845 0.2543 0.0282  0.0558  -0.0490 2655 G   A O6    
237 N N1    . G   A 9  ? 0.2987 0.1237 0.1179 -0.0099 0.0056  0.0196  2655 G   A N1    
238 C C2    . G   A 9  ? 0.2729 0.1514 0.1318 -0.0367 0.0105  0.0427  2655 G   A C2    
239 N N2    . G   A 9  ? 0.2838 0.1898 0.1030 -0.0941 -0.0179 0.0227  2655 G   A N2    
240 N N3    . G   A 9  ? 0.2188 0.1109 0.1207 -0.0130 0.0043  0.0383  2655 G   A N3    
241 C C4    . G   A 9  ? 0.1966 0.1673 0.1304 0.0415  0.0206  0.0393  2655 G   A C4    
242 P P     . 6FU A 10 ? 0.1163 0.1406 0.1502 -0.0286 -0.0179 0.0383  2656 6FU A P     
243 O OP1   . 6FU A 10 ? 0.1185 0.1899 0.1679 -0.0425 -0.0353 0.0407  2656 6FU A OP1   
244 O OP2   . 6FU A 10 ? 0.1516 0.1328 0.1555 -0.0170 -0.0110 0.0466  2656 6FU A OP2   
245 O "O5'" . 6FU A 10 ? 0.1222 0.1378 0.1377 -0.0373 -0.0096 0.0301  2656 6FU A "O5'" 
246 C "C5'" . 6FU A 10 ? 0.1539 0.1108 0.1279 -0.0451 -0.0041 0.0243  2656 6FU A "C5'" 
247 C "C4'" . 6FU A 10 ? 0.1478 0.1304 0.1241 -0.0280 -0.0021 0.0267  2656 6FU A "C4'" 
248 O "O4'" . 6FU A 10 ? 0.1296 0.1530 0.1233 -0.0166 -0.0085 0.0424  2656 6FU A "O4'" 
249 C "C3'" . 6FU A 10 ? 0.1643 0.1319 0.0976 -0.0355 -0.0092 0.0207  2656 6FU A "C3'" 
250 O "O3'" . 6FU A 10 ? 0.2070 0.1458 0.1293 -0.0586 0.0111  0.0275  2656 6FU A "O3'" 
251 C "C2'" . 6FU A 10 ? 0.1763 0.1365 0.1308 -0.0106 0.0057  0.0285  2656 6FU A "C2'" 
252 S "S2'" . 6FU A 10 ? 0.2507 0.1671 0.1958 0.0423  0.0456  0.0516  2656 6FU A "S2'" 
253 C "C7'" . 6FU A 10 ? 0.2191 0.2109 0.2251 0.0879  0.0079  0.0841  2656 6FU A "C7'" 
254 F "F1'" . 6FU A 10 ? 0.2442 0.2837 0.2396 0.0713  0.0029  0.0973  2656 6FU A "F1'" 
255 F "F2'" . 6FU A 10 ? 0.2451 0.2510 0.2656 0.0900  0.0349  0.0850  2656 6FU A "F2'" 
256 F "F3'" . 6FU A 10 ? 0.2626 0.2530 0.2611 0.0846  0.0301  0.1118  2656 6FU A "F3'" 
257 C "C1'" . 6FU A 10 ? 0.1334 0.1811 0.1186 -0.0177 0.0012  0.0459  2656 6FU A "C1'" 
258 N N1    . 6FU A 10 ? 0.1033 0.1579 0.1095 -0.0249 0.0001  0.0239  2656 6FU A N1    
259 C C2    . 6FU A 10 ? 0.0943 0.2015 0.1112 -0.0079 -0.0091 0.0508  2656 6FU A C2    
260 O O2    . 6FU A 10 ? 0.1099 0.2103 0.1259 -0.0137 -0.0148 0.0510  2656 6FU A O2    
261 N N3    . 6FU A 10 ? 0.1153 0.1835 0.1016 -0.0317 -0.0032 0.0419  2656 6FU A N3    
262 C C4    . 6FU A 10 ? 0.1266 0.1769 0.0929 -0.0416 -0.0032 0.0398  2656 6FU A C4    
263 O O4    . 6FU A 10 ? 0.1102 0.2104 0.1039 -0.0481 -0.0077 0.0468  2656 6FU A O4    
264 C C5    . 6FU A 10 ? 0.1129 0.1701 0.1006 -0.0251 -0.0086 0.0410  2656 6FU A C5    
265 C C6    . 6FU A 10 ? 0.1089 0.1759 0.1015 -0.0210 -0.0025 0.0503  2656 6FU A C6    
266 P P     . A   A 11 ? 0.1812 0.1653 0.1218 -0.0439 -0.0055 0.0254  2657 A   A P     
267 O OP1   . A   A 11 ? 0.2483 0.2062 0.1377 -0.0852 0.0191  -0.0080 2657 A   A OP1   
268 O OP2   . A   A 11 ? 0.1572 0.1997 0.1169 -0.0249 -0.0092 0.0425  2657 A   A OP2   
269 O "O5'" . A   A 11 ? 0.1711 0.1184 0.1465 -0.0247 0.0157  0.0187  2657 A   A "O5'" 
270 C "C5'" . A   A 11 ? 0.1852 0.1181 0.1546 0.0085  0.0349  0.0170  2657 A   A "C5'" 
271 C "C4'" . A   A 11 ? 0.1652 0.1066 0.1370 0.0052  0.0187  0.0217  2657 A   A "C4'" 
272 O "O4'" . A   A 11 ? 0.1678 0.1129 0.1017 0.0118  0.0087  0.0127  2657 A   A "O4'" 
273 C "C3'" . A   A 11 ? 0.1759 0.1126 0.0865 0.0010  0.0075  0.0028  2657 A   A "C3'" 
274 O "O3'" . A   A 11 ? 0.2451 0.0946 0.1044 -0.0135 0.0240  0.0046  2657 A   A "O3'" 
275 C "C2'" . A   A 11 ? 0.1472 0.1216 0.1170 0.0185  0.0192  -0.0017 2657 A   A "C2'" 
276 O "O2'" . A   A 11 ? 0.1367 0.1917 0.1540 0.0244  0.0340  -0.0183 2657 A   A "O2'" 
277 C "C1'" . A   A 11 ? 0.1462 0.1059 0.1113 0.0161  0.0138  0.0030  2657 A   A "C1'" 
278 N N9    . A   A 11 ? 0.1221 0.0972 0.1037 0.0068  0.0024  0.0085  2657 A   A N9    
279 C C8    . A   A 11 ? 0.1234 0.1038 0.0951 0.0033  -0.0107 0.0095  2657 A   A C8    
280 N N7    . A   A 11 ? 0.1116 0.1040 0.1083 -0.0013 -0.0113 0.0118  2657 A   A N7    
281 C C5    . A   A 11 ? 0.1149 0.1014 0.0879 0.0006  -0.0086 0.0170  2657 A   A C5    
282 C C6    . A   A 11 ? 0.1053 0.1110 0.0964 -0.0019 -0.0187 0.0036  2657 A   A C6    
283 N N6    . A   A 11 ? 0.1140 0.1085 0.1082 0.0131  -0.0185 0.0005  2657 A   A N6    
284 N N1    . A   A 11 ? 0.1051 0.1292 0.1096 -0.0056 -0.0122 0.0047  2657 A   A N1    
285 C C2    . A   A 11 ? 0.1193 0.1330 0.0918 0.0027  -0.0141 0.0162  2657 A   A C2    
286 N N3    . A   A 11 ? 0.1207 0.1325 0.0871 0.0123  -0.0105 0.0163  2657 A   A N3    
287 C C4    . A   A 11 ? 0.1069 0.1185 0.0827 0.0169  -0.0153 0.0153  2657 A   A C4    
288 P P     . C   A 12 ? 0.2716 0.1282 0.0973 -0.0264 0.0069  0.0034  2658 C   A P     
289 O OP1   . C   A 12 ? 0.3729 0.1306 0.1026 -0.0166 0.0448  -0.0038 2658 C   A OP1   
290 O OP2   . C   A 12 ? 0.2510 0.2162 0.1256 -0.0495 -0.0295 0.0256  2658 C   A OP2   
291 O "O5'" . C   A 12 ? 0.1689 0.1135 0.1029 -0.0070 0.0052  0.0049  2658 C   A "O5'" 
292 C "C5'" . C   A 12 ? 0.1554 0.1024 0.0869 0.0105  0.0284  0.0089  2658 C   A "C5'" 
293 C "C4'" . C   A 12 ? 0.1154 0.1057 0.0937 0.0253  0.0227  0.0100  2658 C   A "C4'" 
294 O "O4'" . C   A 12 ? 0.1114 0.1028 0.0883 0.0230  0.0238  0.0078  2658 C   A "O4'" 
295 C "C3'" . C   A 12 ? 0.1134 0.1098 0.0740 0.0219  0.0169  0.0156  2658 C   A "C3'" 
296 O "O3'" . C   A 12 ? 0.1132 0.1281 0.0840 0.0249  0.0264  0.0224  2658 C   A "O3'" 
297 C "C2'" . C   A 12 ? 0.1158 0.1075 0.0883 0.0133  0.0268  0.0124  2658 C   A "C2'" 
298 O "O2'" . C   A 12 ? 0.1240 0.1108 0.1208 -0.0019 0.0391  0.0100  2658 C   A "O2'" 
299 C "C1'" . C   A 12 ? 0.0968 0.1161 0.0889 0.0199  0.0213  0.0130  2658 C   A "C1'" 
300 N N1    . C   A 12 ? 0.1019 0.0984 0.0822 0.0154  0.0194  0.0141  2658 C   A N1    
301 C C2    . C   A 12 ? 0.0986 0.1105 0.0751 0.0072  0.0104  0.0117  2658 C   A C2    
302 O O2    . C   A 12 ? 0.0950 0.1208 0.1021 0.0061  0.0285  -0.0044 2658 C   A O2    
303 N N3    . C   A 12 ? 0.1047 0.1223 0.0882 0.0084  0.0222  0.0206  2658 C   A N3    
304 C C4    . C   A 12 ? 0.1091 0.1152 0.0969 0.0035  0.0154  0.0366  2658 C   A C4    
305 N N4    . C   A 12 ? 0.1187 0.1524 0.1233 0.0061  0.0326  0.0518  2658 C   A N4    
306 C C5    . C   A 12 ? 0.1126 0.1113 0.1048 0.0160  0.0120  0.0354  2658 C   A C5    
307 C C6    . C   A 12 ? 0.1182 0.1121 0.0856 0.0136  0.0106  0.0237  2658 C   A C6    
308 P P     . G   A 13 ? 0.1161 0.1469 0.0930 0.0435  0.0271  0.0231  2659 G   A P     
309 O OP1   . G   A 13 ? 0.1420 0.1817 0.0959 0.0525  0.0377  0.0425  2659 G   A OP1   
310 O OP2   . G   A 13 ? 0.1328 0.1417 0.0982 0.0250  0.0089  0.0018  2659 G   A OP2   
311 O "O5'" . G   A 13 ? 0.1057 0.1272 0.1301 0.0339  0.0342  0.0306  2659 G   A "O5'" 
312 C "C5'" . G   A 13 ? 0.1042 0.1268 0.1555 0.0371  0.0498  0.0470  2659 G   A "C5'" 
313 C "C4'" . G   A 13 ? 0.1017 0.1087 0.1254 0.0307  0.0378  0.0369  2659 G   A "C4'" 
314 O "O4'" . G   A 13 ? 0.0797 0.1114 0.1350 0.0272  0.0261  0.0357  2659 G   A "O4'" 
315 C "C3'" . G   A 13 ? 0.0986 0.1275 0.1095 0.0289  0.0313  0.0400  2659 G   A "C3'" 
316 O "O3'" . G   A 13 ? 0.1151 0.1487 0.1090 0.0377  0.0222  0.0455  2659 G   A "O3'" 
317 C "C2'" . G   A 13 ? 0.0945 0.1041 0.1231 0.0206  0.0277  0.0305  2659 G   A "C2'" 
318 O "O2'" . G   A 13 ? 0.0988 0.1120 0.1347 0.0268  0.0318  0.0361  2659 G   A "O2'" 
319 C "C1'" . G   A 13 ? 0.0886 0.1085 0.1321 0.0252  0.0307  0.0344  2659 G   A "C1'" 
320 N N9    . G   A 13 ? 0.0808 0.1083 0.1098 0.0145  0.0130  0.0210  2659 G   A N9    
321 C C8    . G   A 13 ? 0.1052 0.1046 0.1265 0.0133  0.0055  0.0265  2659 G   A C8    
322 N N7    . G   A 13 ? 0.1135 0.1066 0.1311 0.0140  0.0067  0.0284  2659 G   A N7    
323 C C5    . G   A 13 ? 0.0969 0.1105 0.1056 0.0141  0.0003  0.0301  2659 G   A C5    
324 C C6    . G   A 13 ? 0.0992 0.0986 0.1199 -0.0026 0.0036  0.0230  2659 G   A C6    
325 O O6    . G   A 13 ? 0.1091 0.1169 0.1547 -0.0073 0.0052  0.0196  2659 G   A O6    
326 N N1    . G   A 13 ? 0.0930 0.1069 0.1116 -0.0018 0.0065  0.0277  2659 G   A N1    
327 C C2    . G   A 13 ? 0.0782 0.1004 0.0901 0.0126  -0.0033 0.0328  2659 G   A C2    
328 N N2    . G   A 13 ? 0.0851 0.1144 0.0985 0.0095  0.0012  0.0284  2659 G   A N2    
329 N N3    . G   A 13 ? 0.0724 0.0963 0.0983 0.0105  0.0083  0.0200  2659 G   A N3    
330 C C4    . G   A 13 ? 0.0818 0.1047 0.0987 0.0139  0.0047  0.0198  2659 G   A C4    
331 P P     . A   A 14 ? 0.1403 0.1933 0.1191 0.0669  0.0328  0.0506  2660 A   A P     
332 O OP1   . A   A 14 ? 0.1627 0.2358 0.1324 0.0699  0.0377  0.0852  2660 A   A OP1   
333 O OP2   . A   A 14 ? 0.1620 0.2179 0.1018 0.0636  0.0258  0.0291  2660 A   A OP2   
334 O "O5'" . A   A 14 ? 0.1163 0.2118 0.1105 0.0529  0.0193  0.0180  2660 A   A "O5'" 
335 C "C5'" . A   A 14 ? 0.1305 0.2442 0.1150 0.0481  0.0023  0.0003  2660 A   A "C5'" 
336 C "C4'" . A   A 14 ? 0.1591 0.2114 0.1136 0.0756  0.0047  0.0142  2660 A   A "C4'" 
337 O "O4'" . A   A 14 ? 0.1835 0.2416 0.1065 0.0883  0.0210  0.0204  2660 A   A "O4'" 
338 C "C3'" . A   A 14 ? 0.1425 0.2084 0.0977 0.0536  -0.0152 -0.0095 2660 A   A "C3'" 
339 O "O3'" . A   A 14 ? 0.1393 0.1983 0.1233 0.0077  -0.0140 -0.0042 2660 A   A "O3'" 
340 C "C2'" . A   A 14 ? 0.1555 0.2674 0.0930 0.0817  -0.0109 0.0218  2660 A   A "C2'" 
341 O "O2'" . A   A 14 ? 0.1613 0.3143 0.1103 0.0932  -0.0054 0.0224  2660 A   A "O2'" 
342 C "C1'" . A   A 14 ? 0.1827 0.2472 0.1057 0.1064  0.0208  0.0250  2660 A   A "C1'" 
343 N N9    . A   A 14 ? 0.1887 0.2391 0.1093 0.1164  0.0226  0.0455  2660 A   A N9    
344 C C8    . A   A 14 ? 0.1869 0.2654 0.1134 0.0937  0.0086  0.0533  2660 A   A C8    
345 N N7    . A   A 14 ? 0.2119 0.2573 0.1144 0.0970  0.0124  0.0535  2660 A   A N7    
346 C C5    . A   A 14 ? 0.2630 0.2179 0.1009 0.1152  0.0297  0.0347  2660 A   A C5    
347 C C6    . A   A 14 ? 0.2996 0.2645 0.1077 0.1109  0.0196  0.0357  2660 A   A C6    
348 N N6    . A   A 14 ? 0.3252 0.2332 0.1120 0.1007  0.0125  0.0396  2660 A   A N6    
349 N N1    . A   A 14 ? 0.2984 0.2810 0.1140 0.1451  0.0232  0.0183  2660 A   A N1    
350 C C2    . A   A 14 ? 0.2819 0.3038 0.1233 0.1542  0.0248  0.0207  2660 A   A C2    
351 N N3    . A   A 14 ? 0.2530 0.2949 0.1306 0.1604  0.0273  0.0348  2660 A   A N3    
352 C C4    . A   A 14 ? 0.2437 0.2578 0.1050 0.1219  0.0247  0.0392  2660 A   A C4    
353 P P     . G   A 15 ? 0.1392 0.1376 0.1292 0.0227  -0.0116 -0.0078 2661 G   A P     
354 O OP1   . G   A 15 ? 0.1710 0.1420 0.1834 0.0019  -0.0110 -0.0327 2661 G   A OP1   
355 O OP2   . G   A 15 ? 0.1347 0.1757 0.1155 0.0352  -0.0058 0.0134  2661 G   A OP2   
356 O "O5'" . G   A 15 ? 0.1163 0.1222 0.1285 0.0143  -0.0157 0.0037  2661 G   A "O5'" 
357 C "C5'" . G   A 15 ? 0.1067 0.1139 0.1350 0.0119  0.0016  -0.0049 2661 G   A "C5'" 
358 C "C4'" . G   A 15 ? 0.0966 0.1235 0.1047 -0.0099 -0.0086 0.0074  2661 G   A "C4'" 
359 O "O4'" . G   A 15 ? 0.1079 0.1102 0.1014 -0.0039 -0.0075 0.0060  2661 G   A "O4'" 
360 C "C3'" . G   A 15 ? 0.0811 0.1053 0.1061 -0.0052 0.0026  0.0115  2661 G   A "C3'" 
361 O "O3'" . G   A 15 ? 0.0778 0.1271 0.1169 -0.0036 -0.0005 0.0094  2661 G   A "O3'" 
362 C "C2'" . G   A 15 ? 0.0677 0.1365 0.1105 0.0187  -0.0040 0.0200  2661 G   A "C2'" 
363 O "O2'" . G   A 15 ? 0.0769 0.1311 0.1364 0.0083  -0.0096 0.0194  2661 G   A "O2'" 
364 C "C1'" . G   A 15 ? 0.0831 0.1233 0.0971 0.0001  -0.0016 0.0025  2661 G   A "C1'" 
365 N N9    . G   A 15 ? 0.0869 0.1186 0.0776 0.0042  0.0003  0.0076  2661 G   A N9    
366 C C8    . G   A 15 ? 0.0833 0.1220 0.0996 0.0227  0.0051  0.0133  2661 G   A C8    
367 N N7    . G   A 15 ? 0.0874 0.1125 0.0956 0.0290  0.0128  0.0134  2661 G   A N7    
368 C C5    . G   A 15 ? 0.0794 0.1214 0.0712 0.0135  0.0036  0.0073  2661 G   A C5    
369 C C6    . G   A 15 ? 0.0803 0.1362 0.0833 0.0160  0.0040  0.0137  2661 G   A C6    
370 O O6    . G   A 15 ? 0.0753 0.1585 0.1234 0.0056  0.0060  0.0158  2661 G   A O6    
371 N N1    . G   A 15 ? 0.0801 0.1285 0.0823 0.0140  0.0088  0.0112  2661 G   A N1    
372 C C2    . G   A 15 ? 0.0794 0.1262 0.0906 0.0094  0.0006  0.0049  2661 G   A C2    
373 N N2    . G   A 15 ? 0.0958 0.1275 0.1254 0.0056  0.0097  0.0025  2661 G   A N2    
374 N N3    . G   A 15 ? 0.0787 0.1121 0.0833 0.0047  0.0026  0.0084  2661 G   A N3    
375 C C4    . G   A 15 ? 0.0772 0.1111 0.0751 0.0126  0.0040  0.0114  2661 G   A C4    
376 P P     . A   A 16 ? 0.0833 0.1121 0.1166 -0.0022 0.0150  0.0160  2662 A   A P     
377 O OP1   . A   A 16 ? 0.0908 0.1290 0.1734 -0.0164 0.0411  0.0151  2662 A   A OP1   
378 O OP2   . A   A 16 ? 0.0913 0.1116 0.1166 0.0098  0.0157  0.0282  2662 A   A OP2   
379 O "O5'" . A   A 16 ? 0.0765 0.1141 0.1117 0.0088  0.0136  0.0040  2662 A   A "O5'" 
380 C "C5'" . A   A 16 ? 0.0829 0.1259 0.1385 -0.0036 0.0207  0.0042  2662 A   A "C5'" 
381 C "C4'" . A   A 16 ? 0.0985 0.1129 0.1256 0.0130  0.0272  0.0127  2662 A   A "C4'" 
382 O "O4'" . A   A 16 ? 0.0796 0.1235 0.1030 0.0025  0.0035  0.0201  2662 A   A "O4'" 
383 C "C3'" . A   A 16 ? 0.1011 0.1197 0.0976 0.0096  0.0193  -0.0056 2662 A   A "C3'" 
384 O "O3'" . A   A 16 ? 0.1194 0.1253 0.1202 0.0173  0.0400  0.0154  2662 A   A "O3'" 
385 C "C2'" . A   A 16 ? 0.0865 0.1068 0.1122 0.0083  0.0159  0.0010  2662 A   A "C2'" 
386 O "O2'" . A   A 16 ? 0.0977 0.1066 0.1324 0.0138  0.0249  0.0004  2662 A   A "O2'" 
387 C "C1'" . A   A 16 ? 0.0835 0.1164 0.0857 0.0061  0.0048  -0.0043 2662 A   A "C1'" 
388 N N9    . A   A 16 ? 0.0741 0.1164 0.0849 0.0094  0.0061  0.0056  2662 A   A N9    
389 C C8    . A   A 16 ? 0.0969 0.1117 0.0702 0.0082  0.0092  0.0074  2662 A   A C8    
390 N N7    . A   A 16 ? 0.0896 0.1155 0.0741 0.0189  0.0162  0.0174  2662 A   A N7    
391 C C5    . A   A 16 ? 0.0884 0.1249 0.0859 0.0126  0.0082  0.0308  2662 A   A C5    
392 C C6    . A   A 16 ? 0.0825 0.1396 0.1165 0.0146  0.0132  0.0327  2662 A   A C6    
393 N N6    . A   A 16 ? 0.1115 0.1335 0.1710 0.0245  0.0426  0.0339  2662 A   A N6    
394 N N1    . A   A 16 ? 0.0776 0.1357 0.1234 0.0073  0.0193  0.0185  2662 A   A N1    
395 C C2    . A   A 16 ? 0.0910 0.1543 0.0861 -0.0008 0.0109  0.0074  2662 A   A C2    
396 N N3    . A   A 16 ? 0.0822 0.1184 0.0909 0.0053  0.0094  0.0121  2662 A   A N3    
397 C C4    . A   A 16 ? 0.0801 0.1199 0.0709 0.0062  0.0017  0.0101  2662 A   A C4    
398 P P     . G   A 17 ? 0.1470 0.1421 0.1176 0.0162  0.0515  0.0088  2663 G   A P     
399 O OP1   . G   A 17 ? 0.1820 0.1855 0.1682 0.0175  0.0933  0.0121  2663 G   A OP1   
400 O OP2   . G   A 17 ? 0.1801 0.1379 0.1259 0.0294  0.0510  0.0238  2663 G   A OP2   
401 O "O5'" . G   A 17 ? 0.1535 0.1295 0.1075 0.0449  0.0321  0.0120  2663 G   A "O5'" 
402 C "C5'" . G   A 17 ? 0.1485 0.1424 0.1406 0.0713  0.0445  0.0256  2663 G   A "C5'" 
403 C "C4'" . G   A 17 ? 0.1607 0.1633 0.1038 0.0797  0.0353  0.0306  2663 G   A "C4'" 
404 O "O4'" . G   A 17 ? 0.1518 0.1732 0.0890 0.0910  0.0238  0.0254  2663 G   A "O4'" 
405 C "C3'" . G   A 17 ? 0.1517 0.1501 0.0851 0.0609  0.0104  0.0172  2663 G   A "C3'" 
406 O "O3'" . G   A 17 ? 0.1680 0.1556 0.0898 0.0736  0.0090  0.0297  2663 G   A "O3'" 
407 C "C2'" . G   A 17 ? 0.1378 0.1492 0.1049 0.0562  0.0195  0.0256  2663 G   A "C2'" 
408 O "O2'" . G   A 17 ? 0.1317 0.1471 0.1237 0.0547  0.0221  0.0207  2663 G   A "O2'" 
409 C "C1'" . G   A 17 ? 0.1341 0.1572 0.0910 0.0651  0.0193  0.0352  2663 G   A "C1'" 
410 N N9    . G   A 17 ? 0.1373 0.1299 0.0934 0.0470  0.0269  0.0275  2663 G   A N9    
411 C C8    . G   A 17 ? 0.1316 0.1734 0.1020 0.0446  0.0261  0.0369  2663 G   A C8    
412 N N7    . G   A 17 ? 0.1350 0.1772 0.1172 0.0497  0.0377  0.0390  2663 G   A N7    
413 C C5    . G   A 17 ? 0.1111 0.1485 0.0865 0.0418  0.0179  0.0373  2663 G   A C5    
414 C C6    . G   A 17 ? 0.1023 0.1417 0.0745 0.0199  0.0126  0.0240  2663 G   A C6    
415 O O6    . G   A 17 ? 0.1079 0.1511 0.1070 0.0168  0.0217  0.0244  2663 G   A O6    
416 N N1    . G   A 17 ? 0.1033 0.1178 0.0904 0.0182  0.0219  0.0211  2663 G   A N1    
417 C C2    . G   A 17 ? 0.1102 0.1375 0.0961 0.0249  0.0235  0.0285  2663 G   A C2    
418 N N2    . G   A 17 ? 0.1176 0.1313 0.1303 0.0269  0.0348  0.0122  2663 G   A N2    
419 N N3    . G   A 17 ? 0.1253 0.1214 0.0941 0.0362  0.0287  0.0190  2663 G   A N3    
420 C C4    . G   A 17 ? 0.1138 0.1444 0.0858 0.0550  0.0251  0.0220  2663 G   A C4    
421 P P     . G   A 18 ? 0.2071 0.1462 0.0929 0.0626  0.0154  0.0309  2664 G   A P     
422 O OP1   . G   A 18 ? 0.2418 0.1659 0.1058 0.0680  -0.0058 0.0217  2664 G   A OP1   
423 O OP2   . G   A 18 ? 0.2322 0.1721 0.1128 0.0539  0.0529  0.0389  2664 G   A OP2   
424 O "O5'" . G   A 18 ? 0.1557 0.1174 0.1188 0.0488  -0.0072 0.0234  2664 G   A "O5'" 
425 C "C5'" . G   A 18 ? 0.1515 0.1175 0.1390 0.0287  -0.0142 0.0177  2664 G   A "C5'" 
426 C "C4'" . G   A 18 ? 0.1354 0.0986 0.1147 0.0204  -0.0227 0.0172  2664 G   A "C4'" 
427 O "O4'" . G   A 18 ? 0.1163 0.1094 0.1275 0.0145  -0.0160 0.0340  2664 G   A "O4'" 
428 C "C3'" . G   A 18 ? 0.1231 0.0821 0.1158 0.0219  -0.0228 0.0129  2664 G   A "C3'" 
429 O "O3'" . G   A 18 ? 0.1240 0.0882 0.1144 0.0159  -0.0214 0.0095  2664 G   A "O3'" 
430 C "C2'" . G   A 18 ? 0.1035 0.1159 0.1067 0.0119  -0.0209 0.0172  2664 G   A "C2'" 
431 O "O2'" . G   A 18 ? 0.1009 0.1092 0.1164 0.0052  -0.0069 0.0069  2664 G   A "O2'" 
432 C "C1'" . G   A 18 ? 0.0961 0.0965 0.1305 0.0065  -0.0236 0.0218  2664 G   A "C1'" 
433 N N9    . G   A 18 ? 0.1070 0.1168 0.1165 0.0120  -0.0121 0.0326  2664 G   A N9    
434 C C8    . G   A 18 ? 0.0913 0.1415 0.1198 0.0268  -0.0103 0.0239  2664 G   A C8    
435 N N7    . G   A 18 ? 0.0982 0.1556 0.1160 0.0240  -0.0059 0.0400  2664 G   A N7    
436 C C5    . G   A 18 ? 0.0938 0.1344 0.1302 0.0134  -0.0036 0.0526  2664 G   A C5    
437 C C6    . G   A 18 ? 0.1015 0.1546 0.1285 -0.0036 -0.0059 0.0565  2664 G   A C6    
438 O O6    . G   A 18 ? 0.1100 0.1691 0.1627 -0.0146 0.0073  0.0504  2664 G   A O6    
439 N N1    . G   A 18 ? 0.1015 0.1295 0.1390 -0.0046 -0.0011 0.0506  2664 G   A N1    
440 C C2    . G   A 18 ? 0.1003 0.1365 0.1180 0.0019  -0.0087 0.0553  2664 G   A C2    
441 N N2    . G   A 18 ? 0.1091 0.1251 0.1250 0.0097  -0.0031 0.0327  2664 G   A N2    
442 N N3    . G   A 18 ? 0.0968 0.1072 0.1210 0.0018  -0.0129 0.0425  2664 G   A N3    
443 C C4    . G   A 18 ? 0.0950 0.1240 0.1097 0.0137  -0.0132 0.0498  2664 G   A C4    
444 P P     . A   A 19 ? 0.1099 0.1034 0.0943 0.0180  -0.0095 0.0005  2665 A   A P     
445 O OP1   . A   A 19 ? 0.1280 0.1371 0.1051 0.0155  -0.0128 -0.0085 2665 A   A OP1   
446 O OP2   . A   A 19 ? 0.1017 0.1486 0.1048 0.0127  0.0107  -0.0020 2665 A   A OP2   
447 O "O5'" . A   A 19 ? 0.0824 0.0980 0.1085 0.0204  -0.0119 0.0022  2665 A   A "O5'" 
448 C "C5'" . A   A 19 ? 0.0864 0.0886 0.1261 0.0199  -0.0019 -0.0042 2665 A   A "C5'" 
449 C "C4'" . A   A 19 ? 0.0908 0.1195 0.1084 0.0141  0.0011  0.0186  2665 A   A "C4'" 
450 O "O4'" . A   A 19 ? 0.1007 0.1261 0.1164 0.0132  0.0053  0.0230  2665 A   A "O4'" 
451 C "C3'" . A   A 19 ? 0.0937 0.1232 0.1067 0.0027  -0.0045 0.0095  2665 A   A "C3'" 
452 O "O3'" . A   A 19 ? 0.0916 0.1105 0.1186 -0.0045 -0.0042 -0.0006 2665 A   A "O3'" 
453 C "C2'" . A   A 19 ? 0.1066 0.1318 0.1227 -0.0025 0.0026  0.0176  2665 A   A "C2'" 
454 O "O2'" . A   A 19 ? 0.1108 0.1356 0.1638 -0.0149 0.0074  0.0292  2665 A   A "O2'" 
455 C "C1'" . A   A 19 ? 0.0872 0.1517 0.1192 0.0042  0.0007  0.0272  2665 A   A "C1'" 
456 N N9    . A   A 19 ? 0.0796 0.1588 0.1032 0.0112  0.0025  0.0196  2665 A   A N9    
457 C C8    . A   A 19 ? 0.0923 0.1683 0.0791 -0.0084 -0.0063 0.0036  2665 A   A C8    
458 N N7    . A   A 19 ? 0.0776 0.1721 0.0988 -0.0007 -0.0048 0.0152  2665 A   A N7    
459 C C5    . A   A 19 ? 0.0900 0.1767 0.0816 0.0128  -0.0085 0.0182  2665 A   A C5    
460 C C6    . A   A 19 ? 0.0874 0.1808 0.0970 0.0152  -0.0162 0.0219  2665 A   A C6    
461 N N6    . A   A 19 ? 0.1162 0.1592 0.1017 0.0094  -0.0136 0.0057  2665 A   A N6    
462 N N1    . A   A 19 ? 0.0952 0.1751 0.1151 0.0233  -0.0011 0.0244  2665 A   A N1    
463 C C2    . A   A 19 ? 0.0905 0.1559 0.1135 0.0135  -0.0095 0.0301  2665 A   A C2    
464 N N3    . A   A 19 ? 0.0936 0.1528 0.1073 0.0077  -0.0017 0.0340  2665 A   A N3    
465 C C4    . A   A 19 ? 0.0832 0.1586 0.0966 0.0046  -0.0066 0.0332  2665 A   A C4    
466 P P     . C   A 20 ? 0.0835 0.1165 0.1088 -0.0098 -0.0134 0.0066  2666 C   A P     
467 O OP1   . C   A 20 ? 0.1014 0.1541 0.1235 -0.0171 -0.0108 -0.0020 2666 C   A OP1   
468 O OP2   . C   A 20 ? 0.0854 0.1203 0.1166 -0.0158 -0.0129 0.0133  2666 C   A OP2   
469 O "O5'" . C   A 20 ? 0.0909 0.1148 0.1314 -0.0086 -0.0007 0.0159  2666 C   A "O5'" 
470 C "C5'" . C   A 20 ? 0.1020 0.1155 0.1496 -0.0088 0.0166  0.0192  2666 C   A "C5'" 
471 C "C4'" . C   A 20 ? 0.1033 0.1091 0.1617 -0.0002 0.0135  0.0235  2666 C   A "C4'" 
472 O "O4'" . C   A 20 ? 0.0988 0.1169 0.1517 0.0158  0.0096  0.0264  2666 C   A "O4'" 
473 C "C3'" . C   A 20 ? 0.0762 0.1235 0.1895 -0.0091 -0.0053 0.0277  2666 C   A "C3'" 
474 O "O3'" . C   A 20 ? 0.0877 0.1165 0.2258 -0.0136 -0.0099 0.0353  2666 C   A "O3'" 
475 C "C2'" . C   A 20 ? 0.0944 0.1061 0.1937 -0.0134 0.0197  0.0406  2666 C   A "C2'" 
476 O "O2'" . C   A 20 ? 0.1374 0.1443 0.2348 -0.0277 0.0678  0.0159  2666 C   A "O2'" 
477 C "C1'" . C   A 20 ? 0.0983 0.1119 0.1491 0.0129  0.0124  0.0362  2666 C   A "C1'" 
478 N N1    . C   A 20 ? 0.0891 0.1075 0.1413 0.0035  0.0125  0.0309  2666 C   A N1    
479 C C2    . C   A 20 ? 0.0877 0.1339 0.1427 0.0200  0.0100  0.0394  2666 C   A C2    
480 O O2    . C   A 20 ? 0.1104 0.1278 0.1857 0.0074  0.0480  0.0280  2666 C   A O2    
481 N N3    . C   A 20 ? 0.0886 0.1202 0.1562 0.0085  0.0065  0.0313  2666 C   A N3    
482 C C4    . C   A 20 ? 0.0848 0.1198 0.1555 0.0176  0.0034  0.0336  2666 C   A C4    
483 N N4    . C   A 20 ? 0.1080 0.1281 0.1471 -0.0011 -0.0012 0.0123  2666 C   A N4    
484 C C5    . C   A 20 ? 0.0876 0.1290 0.1352 0.0054  0.0033  0.0238  2666 C   A C5    
485 C C6    . C   A 20 ? 0.0820 0.1257 0.1276 -0.0007 0.0006  0.0362  2666 C   A C6    
486 P P     . C   A 21 ? 0.0898 0.1374 0.2472 -0.0192 -0.0313 0.0220  2667 C   A P     
487 O OP1   . C   A 21 ? 0.1147 0.1970 0.2773 -0.0505 -0.0467 0.0112  2667 C   A OP1   
488 O OP2   . C   A 21 ? 0.1096 0.1498 0.1979 -0.0081 -0.0288 0.0143  2667 C   A OP2   
489 O "O5'" . C   A 21 ? 0.0894 0.1282 0.2660 -0.0091 -0.0163 0.0375  2667 C   A "O5'" 
490 C "C5'" . C   A 21 ? 0.0887 0.1493 0.2929 -0.0087 0.0073  0.0428  2667 C   A "C5'" 
491 C "C4'" . C   A 21 ? 0.1089 0.1490 0.2729 0.0080  0.0257  0.0673  2667 C   A "C4'" 
492 O "O4'" . C   A 21 ? 0.0955 0.1461 0.2841 0.0157  0.0277  0.0678  2667 C   A "O4'" 
493 C "C3'" . C   A 21 ? 0.0906 0.1578 0.2446 0.0244  0.0204  0.0560  2667 C   A "C3'" 
494 O "O3'" . C   A 21 ? 0.0774 0.1767 0.2455 0.0219  0.0087  0.0689  2667 C   A "O3'" 
495 C "C2'" . C   A 21 ? 0.0904 0.1649 0.2490 0.0266  0.0275  0.0452  2667 C   A "C2'" 
496 O "O2'" . C   A 21 ? 0.1048 0.1882 0.2582 0.0185  0.0355  0.0411  2667 C   A "O2'" 
497 C "C1'" . C   A 21 ? 0.1026 0.1439 0.2539 0.0137  0.0298  0.0486  2667 C   A "C1'" 
498 N N1    . C   A 21 ? 0.1073 0.1220 0.2207 0.0169  0.0111  0.0479  2667 C   A N1    
499 C C2    . C   A 21 ? 0.1207 0.1496 0.2087 0.0150  -0.0027 0.0385  2667 C   A C2    
500 O O2    . C   A 21 ? 0.1632 0.1480 0.2488 0.0242  0.0116  0.0113  2667 C   A O2    
501 N N3    . C   A 21 ? 0.1126 0.1489 0.1906 -0.0038 -0.0181 0.0317  2667 C   A N3    
502 C C4    . C   A 21 ? 0.0851 0.1613 0.1755 -0.0179 -0.0353 0.0581  2667 C   A C4    
503 N N4    . C   A 21 ? 0.0855 0.2106 0.2014 -0.0200 -0.0282 0.0635  2667 C   A N4    
504 C C5    . C   A 21 ? 0.0875 0.1389 0.1725 -0.0087 -0.0295 0.0518  2667 C   A C5    
505 C C6    . C   A 21 ? 0.0774 0.1253 0.2088 0.0068  -0.0033 0.0483  2667 C   A C6    
506 P P     . G   A 22 ? 0.0785 0.1754 0.2543 -0.0025 0.0140  0.0249  2668 G   A P     
507 O OP1   . G   A 22 ? 0.0822 0.1906 0.2593 -0.0059 0.0020  0.0275  2668 G   A OP1   
508 O OP2   . G   A 22 ? 0.1124 0.2388 0.2512 -0.0024 0.0275  -0.0075 2668 G   A OP2   
509 O "O5'" . G   A 22 ? 0.0765 0.1660 0.2457 0.0011  0.0152  0.0320  2668 G   A "O5'" 
510 C "C5'" . G   A 22 ? 0.0808 0.1545 0.2834 0.0094  0.0347  0.0380  2668 G   A "C5'" 
511 C "C4'" . G   A 22 ? 0.0817 0.1380 0.2587 0.0173  0.0400  0.0340  2668 G   A "C4'" 
512 O "O4'" . G   A 22 ? 0.0836 0.1340 0.1809 0.0020  0.0410  0.0138  2668 G   A "O4'" 
513 C "C3'" . G   A 22 ? 0.0772 0.1845 0.2259 0.0243  0.0036  0.0732  2668 G   A "C3'" 
514 O "O3'" . G   A 22 ? 0.1448 0.2628 0.2585 -0.0342 0.0502  0.0376  2668 G   A "O3'" 
515 C "C2'" . G   A 22 ? 0.0806 0.1417 0.2229 0.0116  0.0334  0.0386  2668 G   A "C2'" 
516 O "O2'" . G   A 22 ? 0.1399 0.1277 0.3386 0.0169  0.0999  0.0166  2668 G   A "O2'" 
517 C "C1'" . G   A 22 ? 0.0737 0.1267 0.1654 0.0077  0.0385  0.0194  2668 G   A "C1'" 
518 N N9    . G   A 22 ? 0.0615 0.1235 0.1313 -0.0005 0.0172  -0.0005 2668 G   A N9    
519 C C8    . G   A 22 ? 0.0737 0.1197 0.1401 -0.0042 0.0113  -0.0039 2668 G   A C8    
520 N N7    . G   A 22 ? 0.0832 0.1187 0.1184 -0.0047 0.0128  -0.0061 2668 G   A N7    
521 C C5    . G   A 22 ? 0.0704 0.1174 0.1035 -0.0050 0.0032  -0.0045 2668 G   A C5    
522 C C6    . G   A 22 ? 0.0753 0.1049 0.0957 -0.0097 0.0019  -0.0001 2668 G   A C6    
523 O O6    . G   A 22 ? 0.0742 0.1147 0.1208 -0.0086 0.0134  -0.0063 2668 G   A O6    
524 N N1    . G   A 22 ? 0.0790 0.1063 0.0851 0.0047  0.0017  0.0048  2668 G   A N1    
525 C C2    . G   A 22 ? 0.0703 0.1164 0.0757 0.0097  -0.0017 -0.0011 2668 G   A C2    
526 N N2    . G   A 22 ? 0.0772 0.1192 0.0889 -0.0037 0.0064  0.0100  2668 G   A N2    
527 N N3    . G   A 22 ? 0.0661 0.1188 0.0911 0.0103  0.0094  0.0028  2668 G   A N3    
528 C C4    . G   A 22 ? 0.0658 0.1189 0.1033 0.0049  0.0094  0.0034  2668 G   A C4    
529 P P     . G   A 23 ? 0.1270 0.2785 0.2270 0.0083  -0.0113 0.0587  2669 G   A P     
530 O OP1   . G   A 23 ? 0.1166 0.3575 0.2506 0.0215  -0.0070 0.0610  2669 G   A OP1   
531 O OP2   . G   A 23 ? 0.2221 0.2368 0.2443 -0.0392 0.0021  0.0462  2669 G   A OP2   
532 O "O5'" . G   A 23 ? 0.1064 0.2393 0.2180 0.0237  0.0107  0.0408  2669 G   A "O5'" 
533 C "C5'" . G   A 23 ? 0.1120 0.2191 0.2074 0.0491  0.0221  0.0523  2669 G   A "C5'" 
534 C "C4'" . G   A 23 ? 0.1028 0.1932 0.1289 0.0560  0.0122  0.0409  2669 G   A "C4'" 
535 O "O4'" . G   A 23 ? 0.1054 0.1593 0.1118 0.0411  0.0184  0.0189  2669 G   A "O4'" 
536 C "C3'" . G   A 23 ? 0.0909 0.2046 0.1324 0.0484  0.0017  0.0649  2669 G   A "C3'" 
537 O "O3'" . G   A 23 ? 0.1149 0.2569 0.1793 0.0477  0.0073  0.1061  2669 G   A "O3'" 
538 C "C2'" . G   A 23 ? 0.0859 0.1674 0.1138 0.0286  -0.0084 0.0390  2669 G   A "C2'" 
539 O "O2'" . G   A 23 ? 0.1065 0.1425 0.1440 0.0283  0.0035  0.0341  2669 G   A "O2'" 
540 C "C1'" . G   A 23 ? 0.0919 0.1378 0.1011 0.0325  0.0069  0.0139  2669 G   A "C1'" 
541 N N9    . G   A 23 ? 0.0826 0.1419 0.0992 0.0091  0.0026  -0.0018 2669 G   A N9    
542 C C8    . G   A 23 ? 0.0917 0.1521 0.1043 0.0107  0.0044  -0.0143 2669 G   A C8    
543 N N7    . G   A 23 ? 0.0832 0.1620 0.1041 -0.0063 0.0024  -0.0053 2669 G   A N7    
544 C C5    . G   A 23 ? 0.0685 0.1440 0.1044 0.0007  -0.0072 -0.0010 2669 G   A C5    
545 C C6    . G   A 23 ? 0.0766 0.1503 0.0912 -0.0072 -0.0047 -0.0051 2669 G   A C6    
546 O O6    . G   A 23 ? 0.0846 0.1391 0.1070 -0.0121 0.0048  -0.0175 2669 G   A O6    
547 N N1    . G   A 23 ? 0.0750 0.1421 0.0771 0.0000  -0.0052 -0.0021 2669 G   A N1    
548 C C2    . G   A 23 ? 0.0792 0.1236 0.0753 0.0036  -0.0082 0.0011  2669 G   A C2    
549 N N2    . G   A 23 ? 0.0813 0.1444 0.0819 0.0045  0.0013  -0.0024 2669 G   A N2    
550 N N3    . G   A 23 ? 0.0705 0.1345 0.0870 0.0147  -0.0089 -0.0008 2669 G   A N3    
551 C C4    . G   A 23 ? 0.0690 0.1470 0.0880 0.0097  -0.0127 0.0096  2669 G   A C4    
552 P P     . A   A 24 ? 0.1400 0.3960 0.1937 0.0093  -0.0258 0.1175  2670 A   A P     
553 O OP1   . A   A 24 ? 0.1766 0.4153 0.2725 0.0534  -0.0092 0.1638  2670 A   A OP1   
554 O OP2   . A   A 24 ? 0.1529 0.4608 0.2129 -0.0614 -0.0457 0.1004  2670 A   A OP2   
555 O "O5'" . A   A 24 ? 0.1702 0.3121 0.1439 -0.0201 -0.0393 0.0707  2670 A   A "O5'" 
556 C "C5'" . A   A 24 ? 0.1973 0.2333 0.1613 -0.0066 -0.0132 0.0562  2670 A   A "C5'" 
557 C "C4'" . A   A 24 ? 0.1830 0.2005 0.1085 -0.0118 -0.0458 0.0342  2670 A   A "C4'" 
558 O "O4'" . A   A 24 ? 0.1833 0.1789 0.1009 -0.0244 -0.0372 0.0043  2670 A   A "O4'" 
559 C "C3'" . A   A 24 ? 0.2091 0.2512 0.1133 -0.0285 -0.0541 0.0370  2670 A   A "C3'" 
560 O "O3'" . A   A 24 ? 0.2524 0.3336 0.1320 -0.0333 -0.0662 0.0637  2670 A   A "O3'" 
561 C "C2'" . A   A 24 ? 0.2129 0.1831 0.1040 -0.0588 -0.0400 0.0176  2670 A   A "C2'" 
562 O "O2'" . A   A 24 ? 0.2288 0.2081 0.1146 -0.0725 -0.0158 0.0100  2670 A   A "O2'" 
563 C "C1'" . A   A 24 ? 0.1912 0.1650 0.1120 -0.0458 -0.0293 0.0056  2670 A   A "C1'" 
564 N N9    . A   A 24 ? 0.1615 0.1761 0.1005 -0.0358 -0.0324 0.0101  2670 A   A N9    
565 C C8    . A   A 24 ? 0.1671 0.1925 0.1025 -0.0516 -0.0245 0.0002  2670 A   A C8    
566 N N7    . A   A 24 ? 0.1610 0.1803 0.1050 -0.0366 -0.0183 -0.0146 2670 A   A N7    
567 C C5    . A   A 24 ? 0.1580 0.1691 0.0752 -0.0365 -0.0287 0.0014  2670 A   A C5    
568 C C6    . A   A 24 ? 0.1481 0.1941 0.0815 -0.0458 -0.0295 0.0023  2670 A   A C6    
569 N N6    . A   A 24 ? 0.1751 0.1648 0.0880 -0.0549 -0.0131 -0.0003 2670 A   A N6    
570 N N1    . A   A 24 ? 0.1396 0.1830 0.0856 -0.0398 -0.0302 -0.0008 2670 A   A N1    
571 C C2    . A   A 24 ? 0.1296 0.1972 0.0958 -0.0387 -0.0345 0.0218  2670 A   A C2    
572 N N3    . A   A 24 ? 0.1279 0.1663 0.1172 -0.0241 -0.0309 0.0142  2670 A   A N3    
573 C C4    . A   A 24 ? 0.1365 0.1790 0.0988 -0.0186 -0.0314 0.0124  2670 A   A C4    
574 P P     . G   A 25 ? 0.3152 0.4360 0.1535 -0.0318 -0.0788 0.0576  2671 G   A P     
575 O OP1   . G   A 25 ? 0.3334 0.4615 0.1721 -0.0065 -0.0735 0.0884  2671 G   A OP1   
576 O OP2   . G   A 25 ? 0.2683 0.4648 0.1846 -0.0328 -0.0988 0.0241  2671 G   A OP2   
577 O "O5'" . G   A 25 ? 0.3918 0.3619 0.1925 -0.0287 -0.0398 0.0859  2671 G   A "O5'" 
578 C "C5'" . G   A 25 ? 0.4538 0.2444 0.1726 0.0029  -0.0229 0.0343  2671 G   A "C5'" 
579 C "C4'" . G   A 25 ? 0.4725 0.1300 0.1391 0.0239  -0.0303 -0.0115 2671 G   A "C4'" 
580 O "O4'" . G   A 25 ? 0.4836 0.1405 0.1349 0.0004  -0.0596 -0.0028 2671 G   A "O4'" 
581 C "C3'" . G   A 25 ? 0.4141 0.1398 0.1283 0.0452  -0.0629 0.0025  2671 G   A "C3'" 
582 O "O3'" . G   A 25 ? 0.3814 0.1451 0.1200 0.0682  -0.0418 -0.0085 2671 G   A "O3'" 
583 C "C2'" . G   A 25 ? 0.3689 0.1573 0.1512 0.0186  -0.1096 -0.0003 2671 G   A "C2'" 
584 O "O2'" . G   A 25 ? 0.3477 0.1153 0.2016 0.0004  -0.1168 -0.0079 2671 G   A "O2'" 
585 C "C1'" . G   A 25 ? 0.4022 0.1302 0.1520 -0.0226 -0.0900 -0.0112 2671 G   A "C1'" 
586 N N9    . G   A 25 ? 0.3531 0.1479 0.1469 -0.0232 -0.1081 0.0116  2671 G   A N9    
587 C C8    . G   A 25 ? 0.3693 0.2318 0.1477 -0.0256 -0.0999 0.0021  2671 G   A C8    
588 N N7    . G   A 25 ? 0.3438 0.2331 0.1451 -0.0190 -0.1014 -0.0224 2671 G   A N7    
589 C C5    . G   A 25 ? 0.3281 0.1966 0.1449 -0.0157 -0.1072 0.0151  2671 G   A C5    
590 C C6    . G   A 25 ? 0.2869 0.1934 0.1592 -0.0306 -0.1143 -0.0001 2671 G   A C6    
591 O O6    . G   A 25 ? 0.2848 0.2529 0.1638 -0.0434 -0.1043 0.0021  2671 G   A O6    
592 N N1    . G   A 25 ? 0.2447 0.1378 0.1896 0.0053  -0.1272 -0.0004 2671 G   A N1    
593 C C2    . G   A 25 ? 0.2687 0.1854 0.1890 -0.0289 -0.1300 0.0221  2671 G   A C2    
594 N N2    . G   A 25 ? 0.2680 0.2070 0.1916 -0.0273 -0.1295 -0.0028 2671 G   A N2    
595 N N3    . G   A 25 ? 0.2925 0.1617 0.1750 -0.0289 -0.1254 0.0252  2671 G   A N3    
596 C C4    . G   A 25 ? 0.3148 0.1857 0.1630 -0.0354 -0.1194 0.0235  2671 G   A C4    
597 P P     . U   A 26 ? 0.3161 0.1940 0.1159 0.1061  -0.0359 0.0065  2672 U   A P     
598 O OP1   . U   A 26 ? 0.3492 0.2461 0.1175 0.0982  -0.0249 0.0262  2672 U   A OP1   
599 O OP2   . U   A 26 ? 0.3238 0.2211 0.1635 0.1441  0.0078  0.0302  2672 U   A OP2   
600 O "O5'" . U   A 26 ? 0.2510 0.1817 0.1483 0.0710  -0.0532 -0.0390 2672 U   A "O5'" 
601 C "C5'" . U   A 26 ? 0.2002 0.1772 0.2130 0.0587  -0.0545 -0.0783 2672 U   A "C5'" 
602 C "C4'" . U   A 26 ? 0.1812 0.1932 0.2275 0.0356  -0.0748 -0.0864 2672 U   A "C4'" 
603 O "O4'" . U   A 26 ? 0.2021 0.1781 0.2235 0.0260  -0.1133 -0.0556 2672 U   A "O4'" 
604 C "C3'" . U   A 26 ? 0.1614 0.2142 0.1981 0.0236  -0.0748 -0.0957 2672 U   A "C3'" 
605 O "O3'" . U   A 26 ? 0.1477 0.2570 0.1943 0.0038  -0.0361 -0.0997 2672 U   A "O3'" 
606 C "C2'" . U   A 26 ? 0.1588 0.1737 0.2622 0.0351  -0.0895 -0.0865 2672 U   A "C2'" 
607 O "O2'" . U   A 26 ? 0.1481 0.2052 0.3784 0.0410  -0.0511 -0.1163 2672 U   A "O2'" 
608 C "C1'" . U   A 26 ? 0.2114 0.1347 0.2438 0.0168  -0.1065 -0.0428 2672 U   A "C1'" 
609 N N1    . U   A 26 ? 0.2551 0.1309 0.1927 0.0231  -0.1291 -0.0157 2672 U   A N1    
610 C C2    . U   A 26 ? 0.2721 0.1271 0.1949 0.0209  -0.1336 -0.0202 2672 U   A C2    
611 O O2    . U   A 26 ? 0.2940 0.1308 0.2294 0.0144  -0.1514 -0.0198 2672 U   A O2    
612 N N3    . U   A 26 ? 0.3077 0.1471 0.1669 0.0141  -0.1222 -0.0173 2672 U   A N3    
613 C C4    . U   A 26 ? 0.3287 0.1490 0.1435 0.0255  -0.1054 -0.0053 2672 U   A C4    
614 O O4    . U   A 26 ? 0.3557 0.1676 0.1577 0.0113  -0.0876 0.0136  2672 U   A O4    
615 C C5    . U   A 26 ? 0.3114 0.1471 0.1401 0.0353  -0.1015 -0.0058 2672 U   A C5    
616 C C6    . U   A 26 ? 0.3031 0.1236 0.1768 0.0463  -0.0970 -0.0147 2672 U   A C6    
617 P P     . G   A 27 ? 0.1544 0.3255 0.1528 -0.0139 -0.0124 -0.0658 2673 G   A P     
618 O OP1   . G   A 27 ? 0.2092 0.3654 0.1568 -0.0577 0.0085  -0.0678 2673 G   A OP1   
619 O OP2   . G   A 27 ? 0.1652 0.3734 0.1689 0.0668  -0.0071 -0.0243 2673 G   A OP2   
620 O "O5'" . G   A 27 ? 0.1414 0.2998 0.1134 0.0069  0.0005  -0.0746 2673 G   A "O5'" 
621 C "C5'" . G   A 27 ? 0.1199 0.2674 0.1792 -0.0234 0.0207  -0.1060 2673 G   A "C5'" 
622 C "C4'" . G   A 27 ? 0.1214 0.2877 0.1690 -0.0386 0.0072  -0.0970 2673 G   A "C4'" 
623 O "O4'" . G   A 27 ? 0.0928 0.2482 0.1955 -0.0065 -0.0110 -0.0864 2673 G   A "O4'" 
624 C "C3'" . G   A 27 ? 0.1207 0.3162 0.1520 -0.0449 -0.0052 -0.0675 2673 G   A "C3'" 
625 O "O3'" . G   A 27 ? 0.1276 0.3499 0.1820 -0.0656 0.0084  -0.0663 2673 G   A "O3'" 
626 C "C2'" . G   A 27 ? 0.1342 0.2750 0.2002 -0.0407 0.0058  -0.0958 2673 G   A "C2'" 
627 O "O2'" . G   A 27 ? 0.1993 0.2833 0.2829 -0.0439 0.0559  -0.1143 2673 G   A "O2'" 
628 C "C1'" . G   A 27 ? 0.0951 0.2414 0.2029 -0.0057 -0.0109 -0.0921 2673 G   A "C1'" 
629 N N9    . G   A 27 ? 0.0980 0.2548 0.1494 0.0224  -0.0310 -0.0641 2673 G   A N9    
630 C C8    . G   A 27 ? 0.1194 0.2189 0.1609 0.0261  -0.0196 -0.0513 2673 G   A C8    
631 N N7    . G   A 27 ? 0.1171 0.2344 0.1229 0.0472  -0.0444 -0.0279 2673 G   A N7    
632 C C5    . G   A 27 ? 0.1183 0.2277 0.1083 0.0542  -0.0450 -0.0456 2673 G   A C5    
633 C C6    . G   A 27 ? 0.1526 0.2714 0.1101 0.0907  -0.0326 -0.0338 2673 G   A C6    
634 O O6    . G   A 27 ? 0.1826 0.2899 0.1056 0.1070  -0.0152 -0.0147 2673 G   A O6    
635 N N1    . G   A 27 ? 0.1363 0.2592 0.1070 0.0693  -0.0416 -0.0503 2673 G   A N1    
636 C C2    . G   A 27 ? 0.1293 0.2650 0.1296 0.0469  -0.0425 -0.0500 2673 G   A C2    
637 N N2    . G   A 27 ? 0.1136 0.2449 0.1655 0.0283  -0.0550 -0.0488 2673 G   A N2    
638 N N3    . G   A 27 ? 0.1129 0.2129 0.1470 0.0348  -0.0357 -0.0583 2673 G   A N3    
639 C C4    . G   A 27 ? 0.1072 0.2294 0.1296 0.0421  -0.0451 -0.0547 2673 G   A C4    
640 O O     . HOH B .  ? 0.0878 0.1416 0.1182 0.0158  -0.0037 0.0092  2701 HOH A O     
641 O O     . HOH B .  ? 0.0872 0.1214 0.1388 0.0157  0.0002  0.0042  2702 HOH A O     
642 O O     . HOH B .  ? 0.1029 0.1331 0.1482 -0.0316 -0.0383 0.0318  2703 HOH A O     
643 O O     . HOH B .  ? 0.1048 0.1107 0.1962 -0.0104 0.0307  0.0184  2704 HOH A O     
644 O O     . HOH B .  ? 0.1364 0.1374 0.1509 -0.0192 0.0395  0.0126  2705 HOH A O     
645 O O     . HOH B .  ? 0.1703 0.1688 0.1552 -0.0558 0.0548  -0.0343 2706 HOH A O     
646 O O     . HOH B .  ? 0.0888 0.1636 0.1730 -0.0017 0.0085  0.0513  2707 HOH A O     
647 O O     . HOH B .  ? 0.1364 0.1474 0.1128 0.0076  0.0025  0.0063  2708 HOH A O     
648 O O     . HOH B .  ? 0.2229 0.1581 0.1723 -0.0358 0.0111  0.0505  2709 HOH A O     
649 O O     . HOH B .  ? 0.1429 0.1826 0.1603 0.0464  -0.0114 0.0000  2710 HOH A O     
650 O O     . HOH B .  ? 0.1390 0.2038 0.2609 -0.0048 0.0378  0.1124  2711 HOH A O     
651 O O     . HOH B .  ? 0.1824 0.1956 0.2166 0.0437  0.0044  -0.0192 2712 HOH A O     
652 O O     . HOH B .  ? 0.2636 0.1575 0.2059 0.0670  -0.0929 -0.0325 2713 HOH A O     
653 O O     . HOH B .  ? 0.1929 0.1977 0.1996 0.0492  -0.0059 -0.0276 2714 HOH A O     
654 O O     . HOH B .  ? 0.1468 0.1839 0.1809 -0.0005 0.0025  -0.0068 2715 HOH A O     
655 O O     . HOH B .  ? 0.1695 0.2450 0.1634 -0.0303 -0.0366 0.0416  2716 HOH A O     
656 O O     . HOH B .  ? 0.1613 0.2528 0.2396 -0.0482 0.0039  0.1123  2717 HOH A O     
657 O O     . HOH B .  ? 0.1472 0.3686 0.2334 -0.0932 -0.0299 0.0853  2718 HOH A O     
658 O O     . HOH B .  ? 0.1626 0.2757 0.4086 0.0246  0.0991  0.1137  2719 HOH A O     
659 O O     . HOH B .  ? 0.2754 0.2080 0.2155 -0.0470 0.1124  0.0047  2720 HOH A O     
660 O O     . HOH B .  ? 0.1322 0.1783 0.1912 -0.0148 -0.0114 -0.0098 2721 HOH A O     
661 O O     . HOH B .  ? 0.2025 0.2650 0.1647 -0.0559 0.0485  -0.0095 2722 HOH A O     
662 O O     . HOH B .  ? 0.2528 0.4317 0.1646 0.1822  0.0119  0.0332  2723 HOH A O     
663 O O     . HOH B .  ? 0.2363 0.1439 0.1542 -0.0047 -0.0223 0.0390  2724 HOH A O     
664 O O     . HOH B .  ? 0.2687 0.2499 0.3411 0.0126  0.0187  -0.0924 2725 HOH A O     
665 O O     . HOH B .  ? 0.2081 0.2461 0.1364 -0.0725 0.0164  -0.0271 2726 HOH A O     
666 O O     . HOH B .  ? 0.1789 0.2667 0.2189 -0.0524 0.0657  -0.0324 2727 HOH A O     
667 O O     . HOH B .  ? 0.1348 0.2276 0.2056 -0.0051 -0.0466 -0.0660 2728 HOH A O     
668 O O     . HOH B .  ? 0.2246 0.2161 0.3858 -0.0178 0.1374  0.0685  2729 HOH A O     
669 O O     . HOH B .  ? 0.2022 0.2225 0.2377 0.0191  0.0907  0.0850  2730 HOH A O     
670 O O     . HOH B .  ? 0.2184 0.2838 0.2127 0.0291  0.0009  -0.0197 2731 HOH A O     
671 O O     . HOH B .  ? 0.1479 0.1866 0.2594 0.0251  0.0291  -0.0093 2732 HOH A O     
672 O O     . HOH B .  ? 0.3179 0.1651 0.3372 0.0336  -0.1185 -0.0460 2733 HOH A O     
673 O O     . HOH B .  ? 0.1614 0.2581 0.4649 0.0695  0.0565  0.0178  2734 HOH A O     
674 O O     . HOH B .  ? 0.1941 0.2560 0.3057 0.0865  0.0409  -0.0253 2735 HOH A O     
675 O O     . HOH B .  ? 0.1695 0.2663 0.1856 -0.0735 -0.0317 0.0398  2736 HOH A O     
676 O O     . HOH B .  ? 0.1891 0.3396 0.1650 -0.0506 0.0317  0.0210  2737 HOH A O     
677 O O     . HOH B .  ? 0.1953 0.1877 0.6740 0.0186  -0.0425 0.0143  2738 HOH A O     
678 O O     . HOH B .  ? 0.2377 0.2633 0.1682 -0.0212 0.0402  0.0465  2739 HOH A O     
679 O O     . HOH B .  ? 0.2609 0.3447 0.3628 -0.0632 -0.0725 0.1788  2740 HOH A O     
680 O O     . HOH B .  ? 0.1596 0.2664 0.1897 0.0298  0.0416  0.0520  2741 HOH A O     
681 O O     . HOH B .  ? 0.2635 0.1768 0.2476 -0.0263 -0.0772 -0.0058 2742 HOH A O     
682 O O     . HOH B .  ? 0.3338 0.1943 0.2394 0.0094  -0.0041 -0.0515 2743 HOH A O     
683 O O     . HOH B .  ? 0.3682 0.3757 0.2060 0.1269  -0.0047 -0.1174 2744 HOH A O     
684 O O     . HOH B .  ? 0.2523 0.2294 0.4726 -0.0392 0.0480  -0.0330 2745 HOH A O     
685 O O     . HOH B .  ? 0.1508 0.2477 0.4427 -0.0032 0.0842  0.0822  2746 HOH A O     
686 O O     . HOH B .  ? 0.4036 0.2591 0.3529 -0.0428 0.1351  -0.0919 2747 HOH A O     
687 O O     . HOH B .  ? 0.2407 0.5976 0.1957 0.0902  -0.0157 -0.0029 2748 HOH A O     
688 O O     . HOH B .  ? 0.1873 0.2281 0.2597 -0.0225 -0.0340 0.0214  2749 HOH A O     
689 O O     . HOH B .  ? 0.6012 0.1908 0.2592 -0.1138 0.0513  -0.0259 2750 HOH A O     
690 O O     . HOH B .  ? 0.1860 0.3277 0.3529 -0.0247 0.1217  -0.0933 2751 HOH A O     
691 O O     . HOH B .  ? 0.3984 0.3543 0.2325 0.0406  -0.1171 -0.0107 2752 HOH A O     
692 O O     . HOH B .  ? 0.2557 0.2381 0.4975 -0.0252 -0.1449 0.1394  2753 HOH A O     
693 O O     . HOH B .  ? 0.1716 0.2794 0.5555 0.0095  0.0050  0.2026  2754 HOH A O     
694 O O     . HOH B .  ? 0.3349 0.4233 0.2085 0.0721  0.0653  0.1414  2755 HOH A O     
695 O O     . HOH B .  ? 0.3032 0.2858 0.4180 0.0687  -0.0436 0.0173  2756 HOH A O     
696 O O     . HOH B .  ? 0.2377 0.3574 0.4240 0.0967  0.0928  0.0696  2757 HOH A O     
697 O O     . HOH B .  ? 0.3173 0.3457 0.2645 -0.0219 -0.0312 -0.0598 2758 HOH A O     
698 O O     . HOH B .  ? 0.2310 0.6304 0.4398 -0.0850 -0.0871 -0.0716 2759 HOH A O     
699 O O     . HOH B .  ? 0.2859 0.3054 0.2961 -0.1344 0.1169  -0.0080 2760 HOH A O     
700 O O     . HOH B .  ? 0.3928 0.3593 0.2284 -0.1090 -0.0042 0.0726  2761 HOH A O     
701 O O     . HOH B .  ? 0.3816 0.1995 0.3859 0.0254  0.2140  0.0464  2762 HOH A O     
702 O O     . HOH B .  ? 0.2573 0.2933 0.2480 -0.0216 0.0974  -0.0662 2763 HOH A O     
703 O O     . HOH B .  ? 0.4453 0.2203 0.1924 0.0672  0.1185  0.0339  2764 HOH A O     
704 O O     . HOH B .  ? 0.3110 0.1942 0.5815 -0.0429 -0.0090 0.0364  2765 HOH A O     
705 O O     . HOH B .  ? 0.2430 0.2632 0.2359 0.0640  -0.0145 -0.0284 2766 HOH A O     
706 O O     . HOH B .  ? 0.5857 0.3824 0.3965 -0.0602 0.1014  0.0654  2767 HOH A O     
707 O O     . HOH B .  ? 0.2617 0.3083 0.3830 0.0591  -0.1525 -0.0925 2768 HOH A O     
708 O O     . HOH B .  ? 0.1666 0.3828 0.4736 -0.0187 0.0916  -0.1067 2769 HOH A O     
709 O O     . HOH B .  ? 0.2027 0.1938 0.4082 0.0283  0.1258  -0.0417 2770 HOH A O     
710 O O     . HOH B .  ? 0.4735 0.4190 0.2865 -0.1332 0.0000  0.0922  2771 HOH A O     
711 O O     . HOH B .  ? 0.1911 0.4284 0.2410 0.0238  0.0577  0.0435  2772 HOH A O     
712 O O     . HOH B .  ? 0.2172 0.3474 0.3482 -0.0691 -0.0161 -0.0383 2773 HOH A O     
713 O O     . HOH B .  ? 0.1684 0.4358 0.4682 0.0001  -0.0809 0.1164  2774 HOH A O     
714 O O     . HOH B .  ? 0.2068 0.3984 0.3714 -0.0220 0.0748  -0.2013 2775 HOH A O     
715 O O     . HOH B .  ? 0.2650 0.3360 0.4301 0.0336  0.0419  -0.0458 2776 HOH A O     
716 O O     . HOH B .  ? 0.2378 0.3101 0.3149 0.1070  0.0992  0.1389  2777 HOH A O     
717 O O     . HOH B .  ? 0.3948 0.3930 0.3562 0.0901  -0.1054 0.0548  2778 HOH A O     
718 O O     . HOH B .  ? 0.2283 0.3438 0.3723 0.0924  0.1376  0.1438  2779 HOH A O     
719 O O     . HOH B .  ? 0.5254 0.4015 0.2916 -0.0583 0.0493  -0.0257 2780 HOH A O     
720 O O     . HOH B .  ? 0.4464 0.2887 0.5014 -0.0458 -0.0546 0.0650  2781 HOH A O     
721 O O     . HOH B .  ? 0.3151 0.2502 0.4399 -0.0648 0.2068  -0.0385 2782 HOH A O     
722 O O     . HOH B .  ? 0.1703 0.3449 0.6257 -0.0124 0.0583  -0.0742 2783 HOH A O     
723 O O     . HOH B .  ? 0.3011 0.2601 0.6708 0.0207  0.0037  0.1070  2784 HOH A O     
724 O O     . HOH B .  ? 0.2178 0.2623 0.5220 0.0084  0.0327  -0.0678 2785 HOH A O     
725 O O     . HOH B .  ? 0.1554 0.2086 0.2598 -0.0184 0.0258  -0.0353 2786 HOH A O     
726 O O     . HOH B .  ? 0.2577 0.5649 0.2289 0.1316  0.0800  0.0747  2787 HOH A O     
727 O O     . HOH B .  ? 0.3780 0.3567 0.2821 0.0146  0.0113  -0.0125 2788 HOH A O     
728 O O     . HOH B .  ? 0.1880 0.6352 0.3500 0.0820  -0.0483 -0.0302 2789 HOH A O     
729 O O     . HOH B .  ? 0.5058 0.2802 0.5474 0.0087  0.0230  -0.0042 2790 HOH A O     
730 O O     . HOH B .  ? 0.3138 0.2237 0.2340 0.0694  -0.0731 -0.0123 2791 HOH A O     
731 O O     . HOH B .  ? 0.3014 0.2193 0.2368 0.0371  0.0905  0.0182  2792 HOH A O     
732 O O     . HOH B .  ? 0.2567 0.2126 0.4442 0.0156  0.1357  0.1217  2793 HOH A O     
733 O O     . HOH B .  ? 0.2829 0.5828 0.2519 -0.0478 -0.1092 -0.0412 2794 HOH A O     
734 O O     . HOH B .  ? 0.1787 0.3349 0.2908 0.0578  -0.0415 -0.0734 2795 HOH A O     
735 O O     . HOH B .  ? 0.4027 0.3848 0.4257 0.1309  0.1420  -0.0133 2796 HOH A O     
736 O O     . HOH B .  ? 0.2762 0.4909 0.3267 -0.1251 0.0224  -0.1030 2797 HOH A O     
737 O O     . HOH B .  ? 0.4571 0.5680 0.4045 -0.0082 -0.0468 0.0053  2798 HOH A O     
738 O O     . HOH B .  ? 0.2149 0.2802 0.2761 -0.0372 -0.0593 0.1224  2799 HOH A O     
739 O O     . HOH B .  ? 0.4687 0.5566 0.3980 0.0144  0.0596  -0.0277 2800 HOH A O     
740 O O     . HOH B .  ? 0.3987 0.3529 0.4534 -0.0853 0.1945  0.0097  2801 HOH A O     
741 O O     . HOH B .  ? 0.5362 0.4348 0.5818 -0.0127 0.0523  0.0115  2802 HOH A O     
742 O O     . HOH B .  ? 0.4796 0.4694 0.3962 -0.0674 0.0286  0.1478  2803 HOH A O     
743 O O     . HOH B .  ? 0.2614 0.2410 0.5416 -0.0678 0.1189  0.0509  2804 HOH A O     
744 O O     . HOH B .  ? 0.5922 0.2407 0.4842 -0.1103 0.0922  0.0983  2805 HOH A O     
745 O O     . HOH B .  ? 0.4097 0.2515 0.3636 0.0458  0.0285  0.0305  2806 HOH A O     
746 O O     . HOH B .  ? 0.4334 0.2843 0.5381 0.0368  0.0219  -0.0194 2807 HOH A O     
747 O O     . HOH B .  ? 0.5321 0.5246 0.4317 -0.0557 -0.0840 -0.0669 2808 HOH A O     
748 O O     . HOH B .  ? 0.4486 0.6178 0.1800 -0.0272 -0.0592 0.0696  2809 HOH A O     
749 O O     . HOH B .  ? 0.2451 0.6428 0.5133 -0.0824 -0.0816 0.0392  2810 HOH A O     
750 O O     . HOH B .  ? 0.2896 0.4956 0.5303 -0.0056 -0.1662 -0.0219 2811 HOH A O     
751 O O     . HOH B .  ? 0.4829 0.5898 0.5524 0.1089  0.0570  -0.0312 2812 HOH A O     
752 O O     . HOH B .  ? 0.4104 0.5421 0.3917 0.0430  -0.0710 0.0455  2813 HOH A O     
753 O O     . HOH B .  ? 0.5265 0.5593 0.2633 0.0614  -0.0368 0.0537  2814 HOH A O     
754 O O     . HOH B .  ? 0.3267 0.4674 0.4720 -0.1123 -0.0343 -0.0365 2815 HOH A O     
755 O O     . HOH B .  ? 0.4527 0.4515 0.4090 0.0393  0.1694  0.0409  2816 HOH A O     
756 O O     . HOH B .  ? 0.5011 0.5885 0.5481 -0.0816 0.0520  -0.0029 2817 HOH A O     
757 O O     . HOH B .  ? 0.4395 0.2865 0.6392 -0.0433 0.0595  -0.0109 2818 HOH A O     
758 O O     . HOH B .  ? 0.3948 0.5280 0.4556 0.0048  -0.0516 0.1194  2819 HOH A O     
759 O O     . HOH B .  ? 0.4890 0.4660 0.2889 -0.0273 -0.0210 -0.0159 2820 HOH A O     
760 O O     . HOH B .  ? 0.4767 0.2615 0.5304 -0.0833 0.0111  -0.0367 2821 HOH A O     
761 O O     . HOH B .  ? 0.4577 0.4232 0.4984 -0.1314 0.0215  0.0615  2822 HOH A O     
762 O O     . HOH B .  ? 0.4954 0.4986 0.1928 0.0106  -0.0002 0.0569  2823 HOH A O     
763 O O     . HOH B .  ? 0.3412 0.4883 0.3785 -0.0907 -0.0431 -0.1215 2824 HOH A O     
764 O O     . HOH B .  ? 0.1862 0.4648 0.3956 0.0176  0.0123  0.1884  2825 HOH A O     
765 O O     . HOH B .  ? 0.5253 0.5843 0.5988 -0.0364 -0.0325 0.0210  2826 HOH A O     
766 O O     . HOH B .  ? 0.7324 0.6738 0.5381 -0.0072 0.0142  0.0039  2827 HOH A O     
767 O O     . HOH B .  ? 0.3419 0.5729 0.5828 0.0141  0.0372  -0.0379 2828 HOH A O     
768 O O     . HOH B .  ? 0.5554 0.4880 0.5316 -0.0455 -0.0229 0.0362  2829 HOH A O     
769 O O     . HOH B .  ? 0.4704 0.4360 0.5250 -0.1196 -0.0638 0.0458  2830 HOH A O     
770 O O     . HOH B .  ? 0.5382 0.4193 0.4720 0.0044  0.0045  -0.0159 2831 HOH A O     
771 O O     . HOH B .  ? 0.6546 0.4409 0.3899 0.0232  0.0110  0.1434  2832 HOH A O     
772 O O     . HOH B .  ? 0.5536 0.5919 0.2904 0.0382  0.0964  -0.0807 2833 HOH A O     
773 O O     . HOH B .  ? 0.3102 0.4194 0.6237 0.1672  -0.0740 -0.1035 2834 HOH A O     
774 O O     . HOH B .  ? 0.4466 0.2187 0.2328 -0.1241 0.0749  0.0313  2835 HOH A O     
775 O O     . HOH B .  ? 0.3621 0.3418 0.3441 0.1201  0.0294  0.0612  2836 HOH A O     
776 O O     . HOH B .  ? 0.5519 0.4591 0.5348 -0.0939 -0.0312 0.1334  2837 HOH A O     
777 O O     . HOH B .  ? 0.3115 0.2539 0.2594 0.0289  0.1167  0.0114  2838 HOH A O     
778 O O     . HOH B .  ? 0.1863 0.4360 0.6188 0.0151  -0.0525 -0.1607 2839 HOH A O     
779 O O     . HOH B .  ? 0.2638 0.3795 0.5522 -0.0467 0.0199  0.0454  2840 HOH A O     
780 O O     . HOH B .  ? 0.5131 0.4357 0.2443 0.0029  -0.0204 0.0748  2841 HOH A O     
781 O O     . HOH B .  ? 0.2410 0.1839 0.1022 -0.0110 0.0180  -0.0031 2842 HOH A O     
782 O O     . HOH B .  ? 0.5421 0.3062 0.2594 -0.0825 0.0244  0.0083  2843 HOH A O     
783 O O     . HOH B .  ? 0.1647 0.1900 0.2887 0.0021  0.0654  -0.0225 2844 HOH A O     
784 O O     . HOH B .  ? 0.5701 0.2369 0.3501 0.0208  0.0193  -0.0902 2845 HOH A O     
785 O O     . HOH B .  ? 0.5012 0.4132 0.3517 -0.1093 0.0217  0.0670  2846 HOH A O     
786 O O     . HOH B .  ? 0.4663 0.3676 0.2865 0.0511  0.0547  -0.0169 2847 HOH A O     
787 O O     . HOH B .  ? 0.3270 0.3726 0.4808 -0.0194 -0.0224 0.0452  2848 HOH A O     
788 O O     . HOH B .  ? 0.3799 0.3801 0.3799 0.0000  0.0000  0.0000  2849 HOH A O     
789 O O     . HOH B .  ? 0.3799 0.3801 0.3801 0.0000  0.0000  0.0001  2850 HOH A O     
790 O O     . HOH B .  ? 0.3799 0.3800 0.3800 0.0001  0.0000  0.0000  2851 HOH A O     
# 
loop_
_pdbx_poly_seq_scheme.asym_id 
_pdbx_poly_seq_scheme.entity_id 
_pdbx_poly_seq_scheme.seq_id 
_pdbx_poly_seq_scheme.mon_id 
_pdbx_poly_seq_scheme.ndb_seq_num 
_pdbx_poly_seq_scheme.pdb_seq_num 
_pdbx_poly_seq_scheme.auth_seq_num 
_pdbx_poly_seq_scheme.pdb_mon_id 
_pdbx_poly_seq_scheme.auth_mon_id 
_pdbx_poly_seq_scheme.pdb_strand_id 
_pdbx_poly_seq_scheme.pdb_ins_code 
_pdbx_poly_seq_scheme.hetero 
A 1 1  U   1  2647 2647 U   U   A . n 
A 1 2  G   2  2648 2648 G   G   A . n 
A 1 3  C   3  2649 2649 C   C   A . n 
A 1 4  U   4  2650 2650 U   U   A . n 
A 1 5  C   5  2651 2651 C   C   A . n 
A 1 6  C   6  2652 2652 C   C   A . n 
A 1 7  U   7  2653 2653 U   U   A . n 
A 1 8  A   8  2654 2654 A   A   A . n 
A 1 9  G   9  2655 2655 G   G   A . n 
A 1 10 6FU 10 2656 2656 6FU SFU A . n 
A 1 11 A   11 2657 2657 A   A   A . n 
A 1 12 C   12 2658 2658 C   C   A . n 
A 1 13 G   13 2659 2659 G   G   A . n 
A 1 14 A   14 2660 2660 A   A   A . n 
A 1 15 G   15 2661 2661 G   G   A . n 
A 1 16 A   16 2662 2662 A   A   A . n 
A 1 17 G   17 2663 2663 G   G   A . n 
A 1 18 G   18 2664 2664 G   G   A . n 
A 1 19 A   19 2665 2665 A   A   A . n 
A 1 20 C   20 2666 2666 C   C   A . n 
A 1 21 C   21 2667 2667 C   C   A . n 
A 1 22 G   22 2668 2668 G   G   A . n 
A 1 23 G   23 2669 2669 G   G   A . n 
A 1 24 A   24 2670 2670 A   A   A . n 
A 1 25 G   25 2671 2671 G   G   A . n 
A 1 26 U   26 2672 2672 U   U   A . n 
A 1 27 G   27 2673 2673 G   G   A . n 
# 
loop_
_pdbx_nonpoly_scheme.asym_id 
_pdbx_nonpoly_scheme.entity_id 
_pdbx_nonpoly_scheme.mon_id 
_pdbx_nonpoly_scheme.ndb_seq_num 
_pdbx_nonpoly_scheme.pdb_seq_num 
_pdbx_nonpoly_scheme.auth_seq_num 
_pdbx_nonpoly_scheme.pdb_mon_id 
_pdbx_nonpoly_scheme.auth_mon_id 
_pdbx_nonpoly_scheme.pdb_strand_id 
_pdbx_nonpoly_scheme.pdb_ins_code 
B 2 HOH 1   2701 1   HOH HOH A . 
B 2 HOH 2   2702 2   HOH HOH A . 
B 2 HOH 3   2703 3   HOH HOH A . 
B 2 HOH 4   2704 4   HOH HOH A . 
B 2 HOH 5   2705 5   HOH HOH A . 
B 2 HOH 6   2706 6   HOH HOH A . 
B 2 HOH 7   2707 7   HOH HOH A . 
B 2 HOH 8   2708 8   HOH HOH A . 
B 2 HOH 9   2709 9   HOH HOH A . 
B 2 HOH 10  2710 10  HOH HOH A . 
B 2 HOH 11  2711 11  HOH HOH A . 
B 2 HOH 12  2712 12  HOH HOH A . 
B 2 HOH 13  2713 13  HOH HOH A . 
B 2 HOH 14  2714 14  HOH HOH A . 
B 2 HOH 15  2715 15  HOH HOH A . 
B 2 HOH 16  2716 16  HOH HOH A . 
B 2 HOH 17  2717 17  HOH HOH A . 
B 2 HOH 18  2718 18  HOH HOH A . 
B 2 HOH 19  2719 19  HOH HOH A . 
B 2 HOH 20  2720 20  HOH HOH A . 
B 2 HOH 21  2721 21  HOH HOH A . 
B 2 HOH 22  2722 22  HOH HOH A . 
B 2 HOH 23  2723 23  HOH HOH A . 
B 2 HOH 24  2724 24  HOH HOH A . 
B 2 HOH 25  2725 25  HOH HOH A . 
B 2 HOH 26  2726 26  HOH HOH A . 
B 2 HOH 27  2727 27  HOH HOH A . 
B 2 HOH 28  2728 28  HOH HOH A . 
B 2 HOH 29  2729 29  HOH HOH A . 
B 2 HOH 30  2730 30  HOH HOH A . 
B 2 HOH 31  2731 31  HOH HOH A . 
B 2 HOH 32  2732 32  HOH HOH A . 
B 2 HOH 33  2733 33  HOH HOH A . 
B 2 HOH 34  2734 34  HOH HOH A . 
B 2 HOH 35  2735 35  HOH HOH A . 
B 2 HOH 36  2736 36  HOH HOH A . 
B 2 HOH 37  2737 37  HOH HOH A . 
B 2 HOH 38  2738 38  HOH HOH A . 
B 2 HOH 39  2739 39  HOH HOH A . 
B 2 HOH 40  2740 40  HOH HOH A . 
B 2 HOH 41  2741 41  HOH HOH A . 
B 2 HOH 42  2742 42  HOH HOH A . 
B 2 HOH 43  2743 43  HOH HOH A . 
B 2 HOH 44  2744 44  HOH HOH A . 
B 2 HOH 45  2745 45  HOH HOH A . 
B 2 HOH 46  2746 46  HOH HOH A . 
B 2 HOH 47  2747 47  HOH HOH A . 
B 2 HOH 48  2748 48  HOH HOH A . 
B 2 HOH 49  2749 49  HOH HOH A . 
B 2 HOH 50  2750 50  HOH HOH A . 
B 2 HOH 51  2751 51  HOH HOH A . 
B 2 HOH 52  2752 52  HOH HOH A . 
B 2 HOH 53  2753 53  HOH HOH A . 
B 2 HOH 54  2754 54  HOH HOH A . 
B 2 HOH 55  2755 55  HOH HOH A . 
B 2 HOH 56  2756 56  HOH HOH A . 
B 2 HOH 57  2757 57  HOH HOH A . 
B 2 HOH 58  2758 58  HOH HOH A . 
B 2 HOH 59  2759 59  HOH HOH A . 
B 2 HOH 60  2760 60  HOH HOH A . 
B 2 HOH 61  2761 61  HOH HOH A . 
B 2 HOH 62  2762 62  HOH HOH A . 
B 2 HOH 63  2763 63  HOH HOH A . 
B 2 HOH 64  2764 64  HOH HOH A . 
B 2 HOH 65  2765 65  HOH HOH A . 
B 2 HOH 66  2766 66  HOH HOH A . 
B 2 HOH 67  2767 67  HOH HOH A . 
B 2 HOH 68  2768 68  HOH HOH A . 
B 2 HOH 69  2769 69  HOH HOH A . 
B 2 HOH 70  2770 70  HOH HOH A . 
B 2 HOH 71  2771 71  HOH HOH A . 
B 2 HOH 72  2772 72  HOH HOH A . 
B 2 HOH 73  2773 73  HOH HOH A . 
B 2 HOH 74  2774 74  HOH HOH A . 
B 2 HOH 75  2775 75  HOH HOH A . 
B 2 HOH 76  2776 76  HOH HOH A . 
B 2 HOH 77  2777 77  HOH HOH A . 
B 2 HOH 78  2778 78  HOH HOH A . 
B 2 HOH 79  2779 79  HOH HOH A . 
B 2 HOH 80  2780 80  HOH HOH A . 
B 2 HOH 81  2781 81  HOH HOH A . 
B 2 HOH 82  2782 82  HOH HOH A . 
B 2 HOH 83  2783 83  HOH HOH A . 
B 2 HOH 84  2784 84  HOH HOH A . 
B 2 HOH 85  2785 85  HOH HOH A . 
B 2 HOH 86  2786 86  HOH HOH A . 
B 2 HOH 87  2787 87  HOH HOH A . 
B 2 HOH 88  2788 88  HOH HOH A . 
B 2 HOH 89  2789 89  HOH HOH A . 
B 2 HOH 90  2790 90  HOH HOH A . 
B 2 HOH 91  2791 91  HOH HOH A . 
B 2 HOH 92  2792 92  HOH HOH A . 
B 2 HOH 93  2793 93  HOH HOH A . 
B 2 HOH 94  2794 94  HOH HOH A . 
B 2 HOH 95  2795 95  HOH HOH A . 
B 2 HOH 96  2796 96  HOH HOH A . 
B 2 HOH 97  2797 97  HOH HOH A . 
B 2 HOH 98  2798 99  HOH HOH A . 
B 2 HOH 99  2799 100 HOH HOH A . 
B 2 HOH 100 2800 101 HOH HOH A . 
B 2 HOH 101 2801 102 HOH HOH A . 
B 2 HOH 102 2802 103 HOH HOH A . 
B 2 HOH 103 2803 105 HOH HOH A . 
B 2 HOH 104 2804 106 HOH HOH A . 
B 2 HOH 105 2805 107 HOH HOH A . 
B 2 HOH 106 2806 108 HOH HOH A . 
B 2 HOH 107 2807 109 HOH HOH A . 
B 2 HOH 108 2808 110 HOH HOH A . 
B 2 HOH 109 2809 111 HOH HOH A . 
B 2 HOH 110 2810 112 HOH HOH A . 
B 2 HOH 111 2811 113 HOH HOH A . 
B 2 HOH 112 2812 114 HOH HOH A . 
B 2 HOH 113 2813 115 HOH HOH A . 
B 2 HOH 114 2814 116 HOH HOH A . 
B 2 HOH 115 2815 117 HOH HOH A . 
B 2 HOH 116 2816 118 HOH HOH A . 
B 2 HOH 117 2817 119 HOH HOH A . 
B 2 HOH 118 2818 120 HOH HOH A . 
B 2 HOH 119 2819 121 HOH HOH A . 
B 2 HOH 120 2820 123 HOH HOH A . 
B 2 HOH 121 2821 124 HOH HOH A . 
B 2 HOH 122 2822 125 HOH HOH A . 
B 2 HOH 123 2823 126 HOH HOH A . 
B 2 HOH 124 2824 127 HOH HOH A . 
B 2 HOH 125 2825 128 HOH HOH A . 
B 2 HOH 126 2826 131 HOH HOH A . 
B 2 HOH 127 2827 132 HOH HOH A . 
B 2 HOH 128 2828 134 HOH HOH A . 
B 2 HOH 129 2829 135 HOH HOH A . 
B 2 HOH 130 2830 136 HOH HOH A . 
B 2 HOH 131 2831 137 HOH HOH A . 
B 2 HOH 132 2832 138 HOH HOH A . 
B 2 HOH 133 2833 139 HOH HOH A . 
B 2 HOH 134 2834 140 HOH HOH A . 
B 2 HOH 135 2835 142 HOH HOH A . 
B 2 HOH 136 2836 143 HOH HOH A . 
B 2 HOH 137 2837 144 HOH HOH A . 
B 2 HOH 138 2838 145 HOH HOH A . 
B 2 HOH 139 2839 146 HOH HOH A . 
B 2 HOH 140 2840 147 HOH HOH A . 
B 2 HOH 141 2841 149 HOH HOH A . 
B 2 HOH 142 2842 150 HOH HOH A . 
B 2 HOH 143 2843 151 HOH HOH A . 
B 2 HOH 144 2844 152 HOH HOH A . 
B 2 HOH 145 2845 153 HOH HOH A . 
B 2 HOH 146 2846 154 HOH HOH A . 
B 2 HOH 147 2847 155 HOH HOH A . 
B 2 HOH 148 2848 156 HOH HOH A . 
B 2 HOH 149 2849 157 HOH HOH A . 
B 2 HOH 150 2850 158 HOH HOH A . 
B 2 HOH 151 2851 159 HOH HOH A . 
# 
_pdbx_struct_assembly.id                   1 
_pdbx_struct_assembly.details              author_and_software_defined_assembly 
_pdbx_struct_assembly.method_details       PISA 
_pdbx_struct_assembly.oligomeric_details   monomeric 
_pdbx_struct_assembly.oligomeric_count     1 
# 
_pdbx_struct_assembly_gen.assembly_id       1 
_pdbx_struct_assembly_gen.oper_expression   1 
_pdbx_struct_assembly_gen.asym_id_list      A,B 
# 
_pdbx_struct_oper_list.id                   1 
_pdbx_struct_oper_list.type                 'identity operation' 
_pdbx_struct_oper_list.name                 1_555 
_pdbx_struct_oper_list.symmetry_operation   x,y,z 
_pdbx_struct_oper_list.matrix[1][1]         1.0000000000 
_pdbx_struct_oper_list.matrix[1][2]         0.0000000000 
_pdbx_struct_oper_list.matrix[1][3]         0.0000000000 
_pdbx_struct_oper_list.vector[1]            0.0000000000 
_pdbx_struct_oper_list.matrix[2][1]         0.0000000000 
_pdbx_struct_oper_list.matrix[2][2]         1.0000000000 
_pdbx_struct_oper_list.matrix[2][3]         0.0000000000 
_pdbx_struct_oper_list.vector[2]            0.0000000000 
_pdbx_struct_oper_list.matrix[3][1]         0.0000000000 
_pdbx_struct_oper_list.matrix[3][2]         0.0000000000 
_pdbx_struct_oper_list.matrix[3][3]         1.0000000000 
_pdbx_struct_oper_list.vector[3]            0.0000000000 
# 
loop_
_pdbx_audit_revision_history.ordinal 
_pdbx_audit_revision_history.data_content_type 
_pdbx_audit_revision_history.major_revision 
_pdbx_audit_revision_history.minor_revision 
_pdbx_audit_revision_history.revision_date 
1 'Structure model' 1 0 2014-11-19 
2 'Structure model' 1 1 2022-06-15 
3 'Structure model' 1 2 2023-09-20 
# 
_pdbx_audit_revision_details.ordinal             1 
_pdbx_audit_revision_details.revision_ordinal    1 
_pdbx_audit_revision_details.data_content_type   'Structure model' 
_pdbx_audit_revision_details.provider            repository 
_pdbx_audit_revision_details.type                'Initial release' 
_pdbx_audit_revision_details.description         ? 
_pdbx_audit_revision_details.details             ? 
# 
loop_
_pdbx_audit_revision_group.ordinal 
_pdbx_audit_revision_group.revision_ordinal 
_pdbx_audit_revision_group.data_content_type 
_pdbx_audit_revision_group.group 
1 2 'Structure model' 'Database references'    
2 2 'Structure model' 'Derived calculations'   
3 3 'Structure model' 'Data collection'        
4 3 'Structure model' 'Refinement description' 
# 
loop_
_pdbx_audit_revision_category.ordinal 
_pdbx_audit_revision_category.revision_ordinal 
_pdbx_audit_revision_category.data_content_type 
_pdbx_audit_revision_category.category 
1 2 'Structure model' citation                      
2 2 'Structure model' citation_author               
3 2 'Structure model' database_2                    
4 2 'Structure model' struct_conn                   
5 3 'Structure model' chem_comp_atom                
6 3 'Structure model' chem_comp_bond                
7 3 'Structure model' pdbx_initial_refinement_model 
# 
loop_
_pdbx_audit_revision_item.ordinal 
_pdbx_audit_revision_item.revision_ordinal 
_pdbx_audit_revision_item.data_content_type 
_pdbx_audit_revision_item.item 
1  2 'Structure model' '_citation.country'                   
2  2 'Structure model' '_citation.journal_abbrev'            
3  2 'Structure model' '_citation.journal_id_ASTM'           
4  2 'Structure model' '_citation.journal_id_CSD'            
5  2 'Structure model' '_citation.journal_id_ISSN'           
6  2 'Structure model' '_citation.journal_volume'            
7  2 'Structure model' '_citation.page_first'                
8  2 'Structure model' '_citation.page_last'                 
9  2 'Structure model' '_citation.pdbx_database_id_DOI'      
10 2 'Structure model' '_citation.pdbx_database_id_PubMed'   
11 2 'Structure model' '_citation.title'                     
12 2 'Structure model' '_citation.year'                      
13 2 'Structure model' '_database_2.pdbx_DOI'                
14 2 'Structure model' '_database_2.pdbx_database_accession' 
15 2 'Structure model' '_struct_conn.pdbx_leaving_atom_flag' 
# 
loop_
_software.name 
_software.classification 
_software.version 
_software.citation_id 
_software.pdbx_ordinal 
PHENIX 'model building' .                             ? 1 
PHENIX refinement       '(phenix.refine: 1.8.2_1309)' ? 2 
XDS    'data reduction' .                             ? 3 
XDS    'data scaling'   .                             ? 4 
PHENIX phasing          .                             ? 5 
# 
_pdbx_validate_rmsd_bond.id                        1 
_pdbx_validate_rmsd_bond.PDB_model_num             1 
_pdbx_validate_rmsd_bond.auth_atom_id_1            "C5'" 
_pdbx_validate_rmsd_bond.auth_asym_id_1            A 
_pdbx_validate_rmsd_bond.auth_comp_id_1            U 
_pdbx_validate_rmsd_bond.auth_seq_id_1             2650 
_pdbx_validate_rmsd_bond.PDB_ins_code_1            ? 
_pdbx_validate_rmsd_bond.label_alt_id_1            B 
_pdbx_validate_rmsd_bond.auth_atom_id_2            "C4'" 
_pdbx_validate_rmsd_bond.auth_asym_id_2            A 
_pdbx_validate_rmsd_bond.auth_comp_id_2            U 
_pdbx_validate_rmsd_bond.auth_seq_id_2             2650 
_pdbx_validate_rmsd_bond.PDB_ins_code_2            ? 
_pdbx_validate_rmsd_bond.label_alt_id_2            ? 
_pdbx_validate_rmsd_bond.bond_value                1.458 
_pdbx_validate_rmsd_bond.bond_target_value         1.508 
_pdbx_validate_rmsd_bond.bond_deviation            -0.050 
_pdbx_validate_rmsd_bond.bond_standard_deviation   0.007 
_pdbx_validate_rmsd_bond.linker_flag               N 
# 
loop_
_pdbx_validate_rmsd_angle.id 
_pdbx_validate_rmsd_angle.PDB_model_num 
_pdbx_validate_rmsd_angle.auth_atom_id_1 
_pdbx_validate_rmsd_angle.auth_asym_id_1 
_pdbx_validate_rmsd_angle.auth_comp_id_1 
_pdbx_validate_rmsd_angle.auth_seq_id_1 
_pdbx_validate_rmsd_angle.PDB_ins_code_1 
_pdbx_validate_rmsd_angle.label_alt_id_1 
_pdbx_validate_rmsd_angle.auth_atom_id_2 
_pdbx_validate_rmsd_angle.auth_asym_id_2 
_pdbx_validate_rmsd_angle.auth_comp_id_2 
_pdbx_validate_rmsd_angle.auth_seq_id_2 
_pdbx_validate_rmsd_angle.PDB_ins_code_2 
_pdbx_validate_rmsd_angle.label_alt_id_2 
_pdbx_validate_rmsd_angle.auth_atom_id_3 
_pdbx_validate_rmsd_angle.auth_asym_id_3 
_pdbx_validate_rmsd_angle.auth_comp_id_3 
_pdbx_validate_rmsd_angle.auth_seq_id_3 
_pdbx_validate_rmsd_angle.PDB_ins_code_3 
_pdbx_validate_rmsd_angle.label_alt_id_3 
_pdbx_validate_rmsd_angle.angle_value 
_pdbx_validate_rmsd_angle.angle_target_value 
_pdbx_validate_rmsd_angle.angle_deviation 
_pdbx_validate_rmsd_angle.angle_standard_deviation 
_pdbx_validate_rmsd_angle.linker_flag 
1 1 N1    A G 2648 ? B C6    A G 2648 ? B O6    A G 2648 ? B 115.91 119.90 -3.99  0.60 N 
2 1 "O5'" A G 2655 ? ? P     A G 2655 ? ? OP1   A G 2655 ? ? 121.73 110.70 11.03  1.20 N 
3 1 "O5'" A G 2655 ? ? P     A G 2655 ? ? OP2   A G 2655 ? ? 96.42  105.70 -9.28  0.90 N 
4 1 "C5'" A G 2655 ? ? "C4'" A G 2655 ? ? "C3'" A G 2655 ? ? 104.39 115.20 -10.81 1.40 N 
5 1 N3    A G 2655 ? ? C4    A G 2655 ? ? C5    A G 2655 ? ? 131.71 128.60 3.11   0.50 N 
6 1 C2    A G 2671 ? ? N3    A G 2671 ? ? C4    A G 2671 ? ? 108.20 111.90 -3.70  0.50 N 
7 1 N3    A G 2671 ? ? C4    A G 2671 ? ? C5    A G 2671 ? ? 132.11 128.60 3.51   0.50 N 
8 1 N3    A G 2671 ? ? C4    A G 2671 ? ? N9    A G 2671 ? ? 121.12 126.00 -4.88  0.60 N 
9 1 C5    A G 2671 ? ? C6    A G 2671 ? ? O6    A G 2671 ? ? 132.25 128.60 3.65   0.60 N 
# 
_pdbx_validate_planes.id              1 
_pdbx_validate_planes.PDB_model_num   1 
_pdbx_validate_planes.auth_comp_id    G 
_pdbx_validate_planes.auth_asym_id    A 
_pdbx_validate_planes.auth_seq_id     2659 
_pdbx_validate_planes.PDB_ins_code    ? 
_pdbx_validate_planes.label_alt_id    ? 
_pdbx_validate_planes.rmsd            0.071 
_pdbx_validate_planes.type            'SIDE CHAIN' 
# 
loop_
_chem_comp_atom.comp_id 
_chem_comp_atom.atom_id 
_chem_comp_atom.type_symbol 
_chem_comp_atom.pdbx_aromatic_flag 
_chem_comp_atom.pdbx_stereo_config 
_chem_comp_atom.pdbx_ordinal 
6FU P      P N N 1   
6FU OP1    O N N 2   
6FU OP2    O N N 3   
6FU "O5'"  O N N 4   
6FU "C5'"  C N N 5   
6FU "C4'"  C N R 6   
6FU "O4'"  O N N 7   
6FU "C3'"  C N R 8   
6FU "O3'"  O N N 9   
6FU "C2'"  C N R 10  
6FU "S2'"  S N N 11  
6FU "C7'"  C N N 12  
6FU "F1'"  F N N 13  
6FU "F2'"  F N N 14  
6FU "F3'"  F N N 15  
6FU "C1'"  C N R 16  
6FU N1     N N N 17  
6FU C2     C N N 18  
6FU O2     O N N 19  
6FU N3     N N N 20  
6FU C4     C N N 21  
6FU O4     O N N 22  
6FU C5     C N N 23  
6FU C6     C N N 24  
6FU H1     H N N 25  
6FU H2     H N N 26  
6FU H3     H N N 27  
6FU H4     H N N 28  
6FU H5     H N N 29  
6FU H6     H N N 30  
6FU H7     H N N 31  
6FU H8     H N N 32  
6FU H9     H N N 33  
6FU H10    H N N 34  
6FU H11    H N N 35  
6FU H12    H N N 36  
6FU OP3    O N N 37  
6FU H13    H N N 38  
6FU H14    H N N 39  
A   OP3    O N N 40  
A   P      P N N 41  
A   OP1    O N N 42  
A   OP2    O N N 43  
A   "O5'"  O N N 44  
A   "C5'"  C N N 45  
A   "C4'"  C N R 46  
A   "O4'"  O N N 47  
A   "C3'"  C N S 48  
A   "O3'"  O N N 49  
A   "C2'"  C N R 50  
A   "O2'"  O N N 51  
A   "C1'"  C N R 52  
A   N9     N Y N 53  
A   C8     C Y N 54  
A   N7     N Y N 55  
A   C5     C Y N 56  
A   C6     C Y N 57  
A   N6     N N N 58  
A   N1     N Y N 59  
A   C2     C Y N 60  
A   N3     N Y N 61  
A   C4     C Y N 62  
A   HOP3   H N N 63  
A   HOP2   H N N 64  
A   "H5'"  H N N 65  
A   "H5''" H N N 66  
A   "H4'"  H N N 67  
A   "H3'"  H N N 68  
A   "HO3'" H N N 69  
A   "H2'"  H N N 70  
A   "HO2'" H N N 71  
A   "H1'"  H N N 72  
A   H8     H N N 73  
A   H61    H N N 74  
A   H62    H N N 75  
A   H2     H N N 76  
C   OP3    O N N 77  
C   P      P N N 78  
C   OP1    O N N 79  
C   OP2    O N N 80  
C   "O5'"  O N N 81  
C   "C5'"  C N N 82  
C   "C4'"  C N R 83  
C   "O4'"  O N N 84  
C   "C3'"  C N S 85  
C   "O3'"  O N N 86  
C   "C2'"  C N R 87  
C   "O2'"  O N N 88  
C   "C1'"  C N R 89  
C   N1     N N N 90  
C   C2     C N N 91  
C   O2     O N N 92  
C   N3     N N N 93  
C   C4     C N N 94  
C   N4     N N N 95  
C   C5     C N N 96  
C   C6     C N N 97  
C   HOP3   H N N 98  
C   HOP2   H N N 99  
C   "H5'"  H N N 100 
C   "H5''" H N N 101 
C   "H4'"  H N N 102 
C   "H3'"  H N N 103 
C   "HO3'" H N N 104 
C   "H2'"  H N N 105 
C   "HO2'" H N N 106 
C   "H1'"  H N N 107 
C   H41    H N N 108 
C   H42    H N N 109 
C   H5     H N N 110 
C   H6     H N N 111 
G   OP3    O N N 112 
G   P      P N N 113 
G   OP1    O N N 114 
G   OP2    O N N 115 
G   "O5'"  O N N 116 
G   "C5'"  C N N 117 
G   "C4'"  C N R 118 
G   "O4'"  O N N 119 
G   "C3'"  C N S 120 
G   "O3'"  O N N 121 
G   "C2'"  C N R 122 
G   "O2'"  O N N 123 
G   "C1'"  C N R 124 
G   N9     N Y N 125 
G   C8     C Y N 126 
G   N7     N Y N 127 
G   C5     C Y N 128 
G   C6     C N N 129 
G   O6     O N N 130 
G   N1     N N N 131 
G   C2     C N N 132 
G   N2     N N N 133 
G   N3     N N N 134 
G   C4     C Y N 135 
G   HOP3   H N N 136 
G   HOP2   H N N 137 
G   "H5'"  H N N 138 
G   "H5''" H N N 139 
G   "H4'"  H N N 140 
G   "H3'"  H N N 141 
G   "HO3'" H N N 142 
G   "H2'"  H N N 143 
G   "HO2'" H N N 144 
G   "H1'"  H N N 145 
G   H8     H N N 146 
G   H1     H N N 147 
G   H21    H N N 148 
G   H22    H N N 149 
HOH O      O N N 150 
HOH H1     H N N 151 
HOH H2     H N N 152 
U   OP3    O N N 153 
U   P      P N N 154 
U   OP1    O N N 155 
U   OP2    O N N 156 
U   "O5'"  O N N 157 
U   "C5'"  C N N 158 
U   "C4'"  C N R 159 
U   "O4'"  O N N 160 
U   "C3'"  C N S 161 
U   "O3'"  O N N 162 
U   "C2'"  C N R 163 
U   "O2'"  O N N 164 
U   "C1'"  C N R 165 
U   N1     N N N 166 
U   C2     C N N 167 
U   O2     O N N 168 
U   N3     N N N 169 
U   C4     C N N 170 
U   O4     O N N 171 
U   C5     C N N 172 
U   C6     C N N 173 
U   HOP3   H N N 174 
U   HOP2   H N N 175 
U   "H5'"  H N N 176 
U   "H5''" H N N 177 
U   "H4'"  H N N 178 
U   "H3'"  H N N 179 
U   "HO3'" H N N 180 
U   "H2'"  H N N 181 
U   "HO2'" H N N 182 
U   "H1'"  H N N 183 
U   H3     H N N 184 
U   H5     H N N 185 
U   H6     H N N 186 
# 
loop_
_chem_comp_bond.comp_id 
_chem_comp_bond.atom_id_1 
_chem_comp_bond.atom_id_2 
_chem_comp_bond.value_order 
_chem_comp_bond.pdbx_aromatic_flag 
_chem_comp_bond.pdbx_stereo_config 
_chem_comp_bond.pdbx_ordinal 
6FU OP1   P      sing N N 1   
6FU P     OP2    sing N N 2   
6FU P     "O5'"  sing N N 3   
6FU "C5'" "O5'"  sing N N 4   
6FU "C5'" "C4'"  sing N N 5   
6FU C5    C6     doub N N 6   
6FU C5    C4     sing N N 7   
6FU C6    N1     sing N N 8   
6FU "O4'" "C4'"  sing N N 9   
6FU "O4'" "C1'"  sing N N 10  
6FU "C4'" "C3'"  sing N N 11  
6FU O4    C4     doub N N 12  
6FU C4    N3     sing N N 13  
6FU N1    "C1'"  sing N N 14  
6FU N1    C2     sing N N 15  
6FU "C1'" "C2'"  sing N N 16  
6FU "C3'" "C2'"  sing N N 17  
6FU "C3'" "O3'"  sing N N 18  
6FU N3    C2     sing N N 19  
6FU C2    O2     doub N N 20  
6FU "C2'" "S2'"  sing N N 21  
6FU "S2'" "C7'"  sing N N 22  
6FU "F1'" "C7'"  sing N N 23  
6FU "C7'" "F3'"  sing N N 24  
6FU "C7'" "F2'"  sing N N 25  
6FU OP1   H1     sing N N 26  
6FU OP2   H2     sing N N 27  
6FU "C5'" H3     sing N N 28  
6FU "C5'" H4     sing N N 29  
6FU "C4'" H5     sing N N 30  
6FU "C3'" H6     sing N N 31  
6FU "O3'" H7     sing N N 32  
6FU "C2'" H8     sing N N 33  
6FU "C1'" H9     sing N N 34  
6FU N3    H10    sing N N 35  
6FU C5    H11    sing N N 36  
6FU C6    H12    sing N N 37  
6FU P     OP3    sing N N 38  
6FU P     H13    sing N N 39  
6FU OP3   H14    sing N N 40  
A   OP3   P      sing N N 41  
A   OP3   HOP3   sing N N 42  
A   P     OP1    doub N N 43  
A   P     OP2    sing N N 44  
A   P     "O5'"  sing N N 45  
A   OP2   HOP2   sing N N 46  
A   "O5'" "C5'"  sing N N 47  
A   "C5'" "C4'"  sing N N 48  
A   "C5'" "H5'"  sing N N 49  
A   "C5'" "H5''" sing N N 50  
A   "C4'" "O4'"  sing N N 51  
A   "C4'" "C3'"  sing N N 52  
A   "C4'" "H4'"  sing N N 53  
A   "O4'" "C1'"  sing N N 54  
A   "C3'" "O3'"  sing N N 55  
A   "C3'" "C2'"  sing N N 56  
A   "C3'" "H3'"  sing N N 57  
A   "O3'" "HO3'" sing N N 58  
A   "C2'" "O2'"  sing N N 59  
A   "C2'" "C1'"  sing N N 60  
A   "C2'" "H2'"  sing N N 61  
A   "O2'" "HO2'" sing N N 62  
A   "C1'" N9     sing N N 63  
A   "C1'" "H1'"  sing N N 64  
A   N9    C8     sing Y N 65  
A   N9    C4     sing Y N 66  
A   C8    N7     doub Y N 67  
A   C8    H8     sing N N 68  
A   N7    C5     sing Y N 69  
A   C5    C6     sing Y N 70  
A   C5    C4     doub Y N 71  
A   C6    N6     sing N N 72  
A   C6    N1     doub Y N 73  
A   N6    H61    sing N N 74  
A   N6    H62    sing N N 75  
A   N1    C2     sing Y N 76  
A   C2    N3     doub Y N 77  
A   C2    H2     sing N N 78  
A   N3    C4     sing Y N 79  
C   OP3   P      sing N N 80  
C   OP3   HOP3   sing N N 81  
C   P     OP1    doub N N 82  
C   P     OP2    sing N N 83  
C   P     "O5'"  sing N N 84  
C   OP2   HOP2   sing N N 85  
C   "O5'" "C5'"  sing N N 86  
C   "C5'" "C4'"  sing N N 87  
C   "C5'" "H5'"  sing N N 88  
C   "C5'" "H5''" sing N N 89  
C   "C4'" "O4'"  sing N N 90  
C   "C4'" "C3'"  sing N N 91  
C   "C4'" "H4'"  sing N N 92  
C   "O4'" "C1'"  sing N N 93  
C   "C3'" "O3'"  sing N N 94  
C   "C3'" "C2'"  sing N N 95  
C   "C3'" "H3'"  sing N N 96  
C   "O3'" "HO3'" sing N N 97  
C   "C2'" "O2'"  sing N N 98  
C   "C2'" "C1'"  sing N N 99  
C   "C2'" "H2'"  sing N N 100 
C   "O2'" "HO2'" sing N N 101 
C   "C1'" N1     sing N N 102 
C   "C1'" "H1'"  sing N N 103 
C   N1    C2     sing N N 104 
C   N1    C6     sing N N 105 
C   C2    O2     doub N N 106 
C   C2    N3     sing N N 107 
C   N3    C4     doub N N 108 
C   C4    N4     sing N N 109 
C   C4    C5     sing N N 110 
C   N4    H41    sing N N 111 
C   N4    H42    sing N N 112 
C   C5    C6     doub N N 113 
C   C5    H5     sing N N 114 
C   C6    H6     sing N N 115 
G   OP3   P      sing N N 116 
G   OP3   HOP3   sing N N 117 
G   P     OP1    doub N N 118 
G   P     OP2    sing N N 119 
G   P     "O5'"  sing N N 120 
G   OP2   HOP2   sing N N 121 
G   "O5'" "C5'"  sing N N 122 
G   "C5'" "C4'"  sing N N 123 
G   "C5'" "H5'"  sing N N 124 
G   "C5'" "H5''" sing N N 125 
G   "C4'" "O4'"  sing N N 126 
G   "C4'" "C3'"  sing N N 127 
G   "C4'" "H4'"  sing N N 128 
G   "O4'" "C1'"  sing N N 129 
G   "C3'" "O3'"  sing N N 130 
G   "C3'" "C2'"  sing N N 131 
G   "C3'" "H3'"  sing N N 132 
G   "O3'" "HO3'" sing N N 133 
G   "C2'" "O2'"  sing N N 134 
G   "C2'" "C1'"  sing N N 135 
G   "C2'" "H2'"  sing N N 136 
G   "O2'" "HO2'" sing N N 137 
G   "C1'" N9     sing N N 138 
G   "C1'" "H1'"  sing N N 139 
G   N9    C8     sing Y N 140 
G   N9    C4     sing Y N 141 
G   C8    N7     doub Y N 142 
G   C8    H8     sing N N 143 
G   N7    C5     sing Y N 144 
G   C5    C6     sing N N 145 
G   C5    C4     doub Y N 146 
G   C6    O6     doub N N 147 
G   C6    N1     sing N N 148 
G   N1    C2     sing N N 149 
G   N1    H1     sing N N 150 
G   C2    N2     sing N N 151 
G   C2    N3     doub N N 152 
G   N2    H21    sing N N 153 
G   N2    H22    sing N N 154 
G   N3    C4     sing N N 155 
HOH O     H1     sing N N 156 
HOH O     H2     sing N N 157 
U   OP3   P      sing N N 158 
U   OP3   HOP3   sing N N 159 
U   P     OP1    doub N N 160 
U   P     OP2    sing N N 161 
U   P     "O5'"  sing N N 162 
U   OP2   HOP2   sing N N 163 
U   "O5'" "C5'"  sing N N 164 
U   "C5'" "C4'"  sing N N 165 
U   "C5'" "H5'"  sing N N 166 
U   "C5'" "H5''" sing N N 167 
U   "C4'" "O4'"  sing N N 168 
U   "C4'" "C3'"  sing N N 169 
U   "C4'" "H4'"  sing N N 170 
U   "O4'" "C1'"  sing N N 171 
U   "C3'" "O3'"  sing N N 172 
U   "C3'" "C2'"  sing N N 173 
U   "C3'" "H3'"  sing N N 174 
U   "O3'" "HO3'" sing N N 175 
U   "C2'" "O2'"  sing N N 176 
U   "C2'" "C1'"  sing N N 177 
U   "C2'" "H2'"  sing N N 178 
U   "O2'" "HO2'" sing N N 179 
U   "C1'" N1     sing N N 180 
U   "C1'" "H1'"  sing N N 181 
U   N1    C2     sing N N 182 
U   N1    C6     sing N N 183 
U   C2    O2     doub N N 184 
U   C2    N3     sing N N 185 
U   N3    C4     sing N N 186 
U   N3    H3     sing N N 187 
U   C4    O4     doub N N 188 
U   C4    C5     sing N N 189 
U   C5    C6     doub N N 190 
U   C5    H5     sing N N 191 
U   C6    H6     sing N N 192 
# 
loop_
_ndb_struct_conf_na.entry_id 
_ndb_struct_conf_na.feature 
4NMG 'a-form double helix'  
4NMG tetraloop              
4NMG 'mismatched base pair' 
4NMG 'internal loop'        
# 
loop_
_ndb_struct_na_base_pair.model_number 
_ndb_struct_na_base_pair.i_label_asym_id 
_ndb_struct_na_base_pair.i_label_comp_id 
_ndb_struct_na_base_pair.i_label_seq_id 
_ndb_struct_na_base_pair.i_symmetry 
_ndb_struct_na_base_pair.j_label_asym_id 
_ndb_struct_na_base_pair.j_label_comp_id 
_ndb_struct_na_base_pair.j_label_seq_id 
_ndb_struct_na_base_pair.j_symmetry 
_ndb_struct_na_base_pair.shear 
_ndb_struct_na_base_pair.stretch 
_ndb_struct_na_base_pair.stagger 
_ndb_struct_na_base_pair.buckle 
_ndb_struct_na_base_pair.propeller 
_ndb_struct_na_base_pair.opening 
_ndb_struct_na_base_pair.pair_number 
_ndb_struct_na_base_pair.pair_name 
_ndb_struct_na_base_pair.i_auth_asym_id 
_ndb_struct_na_base_pair.i_auth_seq_id 
_ndb_struct_na_base_pair.i_PDB_ins_code 
_ndb_struct_na_base_pair.j_auth_asym_id 
_ndb_struct_na_base_pair.j_auth_seq_id 
_ndb_struct_na_base_pair.j_PDB_ins_code 
_ndb_struct_na_base_pair.hbond_type_28 
_ndb_struct_na_base_pair.hbond_type_12 
1 A G 2  1_555 A U 26 1_555 -2.832 -1.045 0.238  1.230  -15.474 -0.234  1 A_G2648:U2672_A A 2648 ? A 2672 ? 28 1 
1 A C 3  1_555 A G 25 1_555 -1.258 0.249  0.442  -1.491 -15.799 3.845   2 A_C2649:G2671_A A 2649 ? A 2671 ? ?  1 
1 A U 4  1_555 A A 24 1_555 -0.115 -0.078 0.026  7.049  -11.830 -1.910  3 A_U2650:A2670_A A 2650 ? A 2670 ? 20 1 
1 A C 5  1_555 A G 23 1_555 0.252  -0.139 -0.022 5.892  -17.723 1.920   4 A_C2651:G2669_A A 2651 ? A 2669 ? 19 1 
1 A C 6  1_555 A G 22 1_555 0.334  -0.159 0.011  -1.695 -13.291 -1.844  5 A_C2652:G2668_A A 2652 ? A 2668 ? 19 1 
1 A A 11 1_555 A G 18 1_555 -6.806 -4.269 -0.179 -1.979 3.739   -2.687  6 A_A2657:G2664_A A 2657 ? A 2664 ? 11 9 
1 A C 12 1_555 A G 17 1_555 0.162  -0.105 -0.114 7.207  -2.745  0.538   7 A_C2658:G2663_A A 2658 ? A 2663 ? 19 1 
1 A G 13 1_555 A A 16 1_555 7.220  -5.239 0.631  17.036 -6.657  -19.385 8 A_G2659:A2662_A A 2659 ? A 2662 ? ?  ? 
# 
loop_
_ndb_struct_na_base_pair_step.model_number 
_ndb_struct_na_base_pair_step.i_label_asym_id_1 
_ndb_struct_na_base_pair_step.i_label_comp_id_1 
_ndb_struct_na_base_pair_step.i_label_seq_id_1 
_ndb_struct_na_base_pair_step.i_symmetry_1 
_ndb_struct_na_base_pair_step.j_label_asym_id_1 
_ndb_struct_na_base_pair_step.j_label_comp_id_1 
_ndb_struct_na_base_pair_step.j_label_seq_id_1 
_ndb_struct_na_base_pair_step.j_symmetry_1 
_ndb_struct_na_base_pair_step.i_label_asym_id_2 
_ndb_struct_na_base_pair_step.i_label_comp_id_2 
_ndb_struct_na_base_pair_step.i_label_seq_id_2 
_ndb_struct_na_base_pair_step.i_symmetry_2 
_ndb_struct_na_base_pair_step.j_label_asym_id_2 
_ndb_struct_na_base_pair_step.j_label_comp_id_2 
_ndb_struct_na_base_pair_step.j_label_seq_id_2 
_ndb_struct_na_base_pair_step.j_symmetry_2 
_ndb_struct_na_base_pair_step.shift 
_ndb_struct_na_base_pair_step.slide 
_ndb_struct_na_base_pair_step.rise 
_ndb_struct_na_base_pair_step.tilt 
_ndb_struct_na_base_pair_step.roll 
_ndb_struct_na_base_pair_step.twist 
_ndb_struct_na_base_pair_step.x_displacement 
_ndb_struct_na_base_pair_step.y_displacement 
_ndb_struct_na_base_pair_step.helical_rise 
_ndb_struct_na_base_pair_step.inclination 
_ndb_struct_na_base_pair_step.tip 
_ndb_struct_na_base_pair_step.helical_twist 
_ndb_struct_na_base_pair_step.step_number 
_ndb_struct_na_base_pair_step.step_name 
_ndb_struct_na_base_pair_step.i_auth_asym_id_1 
_ndb_struct_na_base_pair_step.i_auth_seq_id_1 
_ndb_struct_na_base_pair_step.i_PDB_ins_code_1 
_ndb_struct_na_base_pair_step.j_auth_asym_id_1 
_ndb_struct_na_base_pair_step.j_auth_seq_id_1 
_ndb_struct_na_base_pair_step.j_PDB_ins_code_1 
_ndb_struct_na_base_pair_step.i_auth_asym_id_2 
_ndb_struct_na_base_pair_step.i_auth_seq_id_2 
_ndb_struct_na_base_pair_step.i_PDB_ins_code_2 
_ndb_struct_na_base_pair_step.j_auth_asym_id_2 
_ndb_struct_na_base_pair_step.j_auth_seq_id_2 
_ndb_struct_na_base_pair_step.j_PDB_ins_code_2 
1 A G 2  1_555 A U 26 1_555 A C 3  1_555 A G 25 1_555 -0.072 -1.148 3.244 -3.230 5.283 42.704 -2.066 -0.211 3.084 7.210  4.407  
43.130 1 AA_G2648C2649:G2671U2672_AA A 2648 ? A 2672 ? A 2649 ? A 2671 ? 
1 A C 3  1_555 A G 25 1_555 A U 4  1_555 A A 24 1_555 -0.047 -2.109 2.965 1.144  5.708 28.214 -5.318 0.310  2.495 11.554 -2.316 
28.796 2 AA_C2649U2650:A2670G2671_AA A 2649 ? A 2671 ? A 2650 ? A 2670 ? 
1 A U 4  1_555 A A 24 1_555 A C 5  1_555 A G 23 1_555 0.596  -1.309 3.170 0.322  4.500 35.510 -2.743 -0.927 2.992 7.342  -0.526 
35.786 3 AA_U2650C2651:G2669A2670_AA A 2650 ? A 2670 ? A 2651 ? A 2669 ? 
1 A C 5  1_555 A G 23 1_555 A C 6  1_555 A G 22 1_555 -0.702 -1.905 3.351 -0.864 9.097 32.621 -4.667 1.073  2.752 15.812 1.501  
33.843 4 AA_C2651C2652:G2668G2669_AA A 2651 ? A 2669 ? A 2652 ? A 2668 ? 
1 A A 11 1_555 A G 18 1_555 A C 12 1_555 A G 17 1_555 0.113  -1.130 3.171 -3.333 3.059 59.262 -1.288 -0.275 3.105 3.088  3.365  
59.418 5 AA_A2657C2658:G2663G2664_AA A 2657 ? A 2664 ? A 2658 ? A 2663 ? 
1 A C 12 1_555 A G 17 1_555 A G 13 1_555 A A 16 1_555 -2.695 -1.336 2.996 -7.378 5.270 49.635 -1.927 2.663  3.191 6.218  8.705  
50.404 6 AA_C2658G2659:A2662G2663_AA A 2658 ? A 2663 ? A 2659 ? A 2662 ? 
# 
_pdbx_entity_nonpoly.entity_id   2 
_pdbx_entity_nonpoly.name        water 
_pdbx_entity_nonpoly.comp_id     HOH 
# 
_pdbx_initial_refinement_model.id               1 
_pdbx_initial_refinement_model.entity_id_list   ? 
_pdbx_initial_refinement_model.type             'experimental model' 
_pdbx_initial_refinement_model.source_name      PDB 
_pdbx_initial_refinement_model.accession_code   3DVZ 
_pdbx_initial_refinement_model.details          'PDB ENTRY 3DVZ' 
# 
